data_6WQ1
#
_entry.id   6WQ1
#
_cell.length_a   52.415
_cell.length_b   108.012
_cell.length_c   152.013
_cell.angle_alpha   90.000
_cell.angle_beta   91.260
_cell.angle_gamma   90.000
#
_symmetry.space_group_name_H-M   'P 1 21 1'
#
loop_
_entity.id
_entity.type
_entity.pdbx_description
1 polymer 'LanC-like protein 2'
2 non-polymer 'ZINC ION'
3 water water
#
_entity_poly.entity_id   1
_entity_poly.type   'polypeptide(L)'
_entity_poly.pdbx_seq_one_letter_code
;MGETMSKRLKLHLGGEAEMEERAFVNPFPDYEAAAGALLASGAAEETGCVRPPATTDEPGLPFHQDGKIIHNFIRRIQTK
IKDLLQQMEEGLKTADPHDCSAYTGWTGIALLYLQLYRVTCDQTYLLRSLDYVKRTLRNLNGRRVTFLCGDAGPLAVGAV
IYHKLRSDCESQECVTKLLQLQRSVVCQESDLPDELLYGRAGYLYALLYLNTEIGPGTVCESAIKEVVNAIIESGKTLSR
EERKTERCPLLYQWHRKQYVGAAHGMAGIYYMLMQPAAKVDQETLTEMVKPSIDYVRHKKFRSGNYPSSLSNETDRLVHW
CHGAPGVIHMLMQAYKVFKEEKYLKEAMECSDVIWQRGLLRKGYGICHGTAGNGYSFLSLYRLTQDKKYLYRACKFAEWC
LDYGAHGCRIPDRPYSLFEGMAGAIHFLSDVLGPETSRFPAFELDSSKRD
;
_entity_poly.pdbx_strand_id   A,B,C,D
#
loop_
_chem_comp.id
_chem_comp.type
_chem_comp.name
_chem_comp.formula
ZN non-polymer 'ZINC ION' 'Zn 2'
#
# COMPACT_ATOMS: atom_id res chain seq x y z
N ARG A 22 5.63 38.20 14.44
CA ARG A 22 6.39 37.18 15.16
C ARG A 22 7.04 37.73 16.43
N ALA A 23 7.58 38.93 16.35
CA ALA A 23 8.09 39.63 17.51
C ALA A 23 7.28 40.90 17.76
N PHE A 24 7.16 41.28 19.04
CA PHE A 24 6.70 42.62 19.36
C PHE A 24 7.79 43.64 19.03
N VAL A 25 7.39 44.91 18.89
CA VAL A 25 8.36 45.99 18.94
C VAL A 25 8.91 46.07 20.36
N ASN A 26 10.22 45.95 20.50
CA ASN A 26 10.79 46.02 21.83
C ASN A 26 10.67 47.47 22.30
N PRO A 27 9.91 47.75 23.36
CA PRO A 27 9.69 49.15 23.77
C PRO A 27 10.82 49.75 24.58
N PHE A 28 11.73 48.94 25.09
CA PHE A 28 12.64 49.55 26.04
C PHE A 28 13.81 50.18 25.29
N PRO A 29 14.30 51.33 25.75
CA PRO A 29 15.58 51.81 25.25
C PRO A 29 16.68 50.81 25.60
N ASP A 30 17.67 50.73 24.72
CA ASP A 30 18.89 49.98 24.99
C ASP A 30 19.63 50.61 26.17
N TYR A 31 20.67 49.90 26.62
CA TYR A 31 21.37 50.27 27.85
C TYR A 31 21.94 51.69 27.82
N GLU A 32 22.36 52.17 26.65
CA GLU A 32 23.01 53.47 26.55
C GLU A 32 22.02 54.62 26.57
N ALA A 33 20.85 54.43 25.95
CA ALA A 33 19.82 55.46 25.87
C ALA A 33 18.94 55.53 27.13
N LEU A 61 18.03 52.54 36.59
CA LEU A 61 18.62 51.27 36.17
C LEU A 61 18.33 50.16 37.17
N PRO A 62 18.04 48.97 36.68
CA PRO A 62 17.72 47.83 37.55
C PRO A 62 18.92 47.19 38.24
N PHE A 63 20.11 47.77 38.17
CA PHE A 63 21.26 47.29 38.93
C PHE A 63 22.11 48.49 39.37
N HIS A 64 22.95 48.26 40.36
CA HIS A 64 23.92 49.23 40.81
C HIS A 64 25.17 49.19 39.93
N GLN A 65 26.10 50.13 40.18
CA GLN A 65 27.29 50.23 39.36
C GLN A 65 28.11 48.93 39.37
N ASP A 66 28.11 48.23 40.51
CA ASP A 66 28.91 47.04 40.68
C ASP A 66 28.28 45.79 40.06
N GLY A 67 27.11 45.90 39.43
CA GLY A 67 26.45 44.76 38.83
C GLY A 67 25.38 44.12 39.68
N LYS A 68 25.22 44.55 40.93
CA LYS A 68 24.26 43.92 41.81
C LYS A 68 22.86 44.48 41.55
N ILE A 69 21.87 43.58 41.45
CA ILE A 69 20.50 43.98 41.15
C ILE A 69 19.92 44.77 42.33
N ILE A 70 19.24 45.88 42.03
CA ILE A 70 18.70 46.71 43.11
C ILE A 70 17.62 45.95 43.87
N HIS A 71 17.44 46.32 45.14
CA HIS A 71 16.48 45.63 46.01
C HIS A 71 15.09 45.58 45.40
N ASN A 72 14.62 46.69 44.81
CA ASN A 72 13.25 46.75 44.31
C ASN A 72 13.01 45.70 43.22
N PHE A 73 13.97 45.52 42.32
CA PHE A 73 13.78 44.59 41.20
C PHE A 73 13.83 43.14 41.67
N ILE A 74 14.76 42.83 42.57
CA ILE A 74 14.76 41.51 43.22
C ILE A 74 13.37 41.19 43.77
N ARG A 75 12.83 42.12 44.56
CA ARG A 75 11.56 41.89 45.23
C ARG A 75 10.43 41.71 44.23
N ARG A 76 10.41 42.51 43.16
CA ARG A 76 9.39 42.30 42.13
C ARG A 76 9.55 40.94 41.48
N ILE A 77 10.80 40.50 41.24
CA ILE A 77 11.02 39.20 40.61
C ILE A 77 10.60 38.06 41.53
N GLN A 78 11.03 38.11 42.80
CA GLN A 78 10.67 37.05 43.73
C GLN A 78 9.17 36.96 43.94
N THR A 79 8.49 38.11 43.90
CA THR A 79 7.04 38.14 44.03
C THR A 79 6.39 37.41 42.86
N LYS A 80 6.82 37.72 41.64
CA LYS A 80 6.27 37.05 40.47
C LYS A 80 6.56 35.55 40.50
N ILE A 81 7.77 35.17 40.92
CA ILE A 81 8.11 33.75 41.00
C ILE A 81 7.11 33.02 41.88
N LYS A 82 6.86 33.52 43.09
CA LYS A 82 5.81 32.96 43.93
C LYS A 82 4.49 32.89 43.17
N ASP A 83 4.08 34.02 42.57
CA ASP A 83 2.85 34.08 41.78
C ASP A 83 2.81 32.99 40.70
N LEU A 84 3.84 32.95 39.84
CA LEU A 84 3.85 32.00 38.73
C LEU A 84 3.94 30.56 39.23
N LEU A 85 4.73 30.33 40.28
CA LEU A 85 4.80 29.00 40.86
C LEU A 85 3.41 28.45 41.15
N GLN A 86 2.52 29.30 41.69
CA GLN A 86 1.21 28.79 42.10
C GLN A 86 0.31 28.54 40.89
N GLN A 87 0.40 29.39 39.85
CA GLN A 87 -0.30 29.09 38.61
C GLN A 87 0.21 27.80 37.97
N MET A 88 1.53 27.58 38.04
CA MET A 88 2.11 26.36 37.47
C MET A 88 1.63 25.12 38.21
N GLU A 89 1.70 25.15 39.55
CA GLU A 89 1.19 24.03 40.34
C GLU A 89 -0.25 23.71 39.95
N GLU A 90 -1.10 24.73 39.81
CA GLU A 90 -2.52 24.51 39.52
C GLU A 90 -2.72 23.89 38.15
N GLY A 91 -2.04 24.42 37.13
CA GLY A 91 -2.24 23.95 35.76
C GLY A 91 -1.63 22.61 35.48
N LEU A 92 -0.57 22.23 36.20
CA LEU A 92 0.05 20.91 36.01
C LEU A 92 -0.89 19.80 36.42
N LYS A 93 -1.86 20.09 37.31
CA LYS A 93 -2.85 19.10 37.73
C LYS A 93 -3.64 18.53 36.57
N THR A 94 -3.70 19.23 35.44
CA THR A 94 -4.41 18.71 34.28
C THR A 94 -3.46 18.39 33.13
N ALA A 95 -2.15 18.41 33.36
CA ALA A 95 -1.21 18.14 32.29
C ALA A 95 -1.21 16.65 31.94
N ASP A 96 -0.58 16.32 30.80
CA ASP A 96 -0.51 14.95 30.31
C ASP A 96 0.20 14.05 31.32
N PRO A 97 -0.45 13.01 31.85
CA PRO A 97 0.21 12.14 32.84
C PRO A 97 1.39 11.37 32.28
N HIS A 98 1.45 11.15 30.98
CA HIS A 98 2.41 10.25 30.39
C HIS A 98 3.67 10.95 29.87
N ASP A 99 3.58 12.23 29.47
CA ASP A 99 4.77 12.95 29.04
C ASP A 99 5.67 13.14 30.25
N CYS A 100 6.76 12.39 30.30
CA CYS A 100 7.74 12.48 31.38
C CYS A 100 8.99 13.27 30.97
N SER A 101 9.00 13.90 29.80
CA SER A 101 10.23 14.48 29.27
C SER A 101 10.69 15.66 30.12
N ALA A 102 11.98 15.97 30.01
CA ALA A 102 12.47 17.21 30.61
C ALA A 102 11.93 18.40 29.84
N TYR A 103 11.71 18.20 28.52
CA TYR A 103 11.34 19.27 27.60
C TYR A 103 9.93 19.80 27.86
N THR A 104 8.95 18.91 27.98
CA THR A 104 7.56 19.32 28.16
C THR A 104 6.85 18.60 29.30
N GLY A 105 7.51 17.67 29.99
CA GLY A 105 6.83 16.88 31.00
C GLY A 105 7.32 17.05 32.42
N TRP A 106 7.12 16.00 33.24
CA TRP A 106 7.34 16.09 34.68
C TRP A 106 8.81 16.30 35.03
N THR A 107 9.73 15.64 34.31
CA THR A 107 11.15 15.82 34.62
C THR A 107 11.56 17.28 34.52
N GLY A 108 10.96 18.03 33.59
CA GLY A 108 11.24 19.46 33.51
C GLY A 108 10.82 20.22 34.76
N ILE A 109 9.71 19.82 35.37
CA ILE A 109 9.27 20.49 36.59
C ILE A 109 10.23 20.19 37.73
N ALA A 110 10.68 18.92 37.83
CA ALA A 110 11.69 18.59 38.84
C ALA A 110 12.98 19.35 38.57
N LEU A 111 13.34 19.55 37.29
CA LEU A 111 14.48 20.41 36.96
C LEU A 111 14.30 21.82 37.50
N LEU A 112 13.09 22.39 37.36
CA LEU A 112 12.84 23.73 37.90
C LEU A 112 13.06 23.76 39.41
N TYR A 113 12.52 22.79 40.13
CA TYR A 113 12.66 22.83 41.59
C TYR A 113 14.08 22.56 42.03
N LEU A 114 14.81 21.67 41.33
CA LEU A 114 16.26 21.59 41.52
C LEU A 114 16.90 22.97 41.33
N GLN A 115 16.47 23.70 40.30
CA GLN A 115 17.05 25.01 40.02
C GLN A 115 16.72 26.00 41.13
N LEU A 116 15.46 25.98 41.58
CA LEU A 116 15.03 26.81 42.71
C LEU A 116 15.87 26.50 43.94
N TYR A 117 16.12 25.20 44.19
CA TYR A 117 16.92 24.80 45.33
C TYR A 117 18.38 25.25 45.18
N ARG A 118 18.96 25.11 43.98
CA ARG A 118 20.31 25.62 43.75
C ARG A 118 20.45 27.09 44.13
N VAL A 119 19.46 27.92 43.79
CA VAL A 119 19.67 29.35 43.95
C VAL A 119 19.18 29.92 45.27
N THR A 120 18.29 29.20 45.98
CA THR A 120 17.82 29.66 47.29
C THR A 120 18.35 28.83 48.46
N CYS A 121 18.75 27.58 48.22
CA CYS A 121 19.15 26.60 49.24
C CYS A 121 17.99 26.21 50.16
N ASP A 122 16.75 26.54 49.78
CA ASP A 122 15.56 26.19 50.56
C ASP A 122 15.24 24.71 50.34
N GLN A 123 15.43 23.89 51.37
CA GLN A 123 15.24 22.44 51.25
C GLN A 123 13.82 22.06 50.82
N THR A 124 12.84 22.92 51.06
CA THR A 124 11.49 22.69 50.56
C THR A 124 11.47 22.36 49.07
N TYR A 125 12.38 22.97 48.29
CA TYR A 125 12.38 22.81 46.85
C TYR A 125 13.00 21.49 46.42
N LEU A 126 14.12 21.12 47.04
CA LEU A 126 14.68 19.77 46.85
C LEU A 126 13.59 18.72 46.97
N LEU A 127 12.87 18.74 48.10
CA LEU A 127 11.88 17.71 48.36
C LEU A 127 10.80 17.70 47.29
N ARG A 128 10.42 18.89 46.82
CA ARG A 128 9.37 18.94 45.82
C ARG A 128 9.86 18.39 44.48
N SER A 129 11.16 18.50 44.19
CA SER A 129 11.68 17.93 42.95
C SER A 129 11.55 16.42 42.94
N LEU A 130 11.82 15.77 44.09
CA LEU A 130 11.57 14.34 44.24
C LEU A 130 10.13 13.97 43.91
N ASP A 131 9.15 14.78 44.33
CA ASP A 131 7.75 14.48 43.99
C ASP A 131 7.54 14.32 42.49
N TYR A 132 8.28 15.09 41.69
CA TYR A 132 8.08 15.04 40.23
C TYR A 132 8.94 14.01 39.52
N VAL A 133 10.19 13.75 39.97
CA VAL A 133 10.97 12.68 39.33
C VAL A 133 10.30 11.34 39.52
N LYS A 134 9.77 11.07 40.73
CA LYS A 134 9.22 9.76 41.05
C LYS A 134 8.17 9.30 40.04
N ARG A 135 7.42 10.24 39.47
CA ARG A 135 6.48 9.92 38.41
C ARG A 135 7.14 9.24 37.21
N THR A 136 8.41 9.55 36.98
CA THR A 136 9.07 9.28 35.71
C THR A 136 9.95 8.05 35.72
N LEU A 137 10.21 7.47 36.89
CA LEU A 137 11.27 6.47 37.02
C LEU A 137 10.81 5.05 36.77
N ARG A 138 9.53 4.82 36.46
CA ARG A 138 9.02 3.45 36.37
C ARG A 138 8.69 2.97 34.96
N ASN A 139 8.37 3.85 34.03
CA ASN A 139 7.81 3.40 32.76
C ASN A 139 8.86 3.06 31.69
N LEU A 140 10.16 3.17 31.99
CA LEU A 140 11.19 3.43 30.98
C LEU A 140 11.33 2.28 29.97
N ASN A 141 11.15 2.60 28.68
CA ASN A 141 11.33 1.61 27.62
C ASN A 141 12.67 1.72 26.91
N GLY A 142 13.44 2.79 27.17
CA GLY A 142 14.77 2.89 26.62
C GLY A 142 14.83 3.06 25.13
N ARG A 143 13.78 3.58 24.51
CA ARG A 143 13.79 3.82 23.07
C ARG A 143 14.18 5.25 22.71
N ARG A 144 13.99 6.21 23.61
CA ARG A 144 14.52 7.56 23.45
C ARG A 144 15.64 7.77 24.47
N VAL A 145 16.70 8.46 24.05
CA VAL A 145 17.98 8.43 24.76
C VAL A 145 18.38 9.77 25.36
N THR A 146 17.74 10.89 24.99
CA THR A 146 18.30 12.18 25.38
C THR A 146 17.82 12.63 26.75
N PHE A 147 18.58 13.58 27.30
CA PHE A 147 18.18 14.28 28.52
C PHE A 147 16.85 15.02 28.32
N LEU A 148 16.65 15.68 27.17
CA LEU A 148 15.47 16.54 26.96
C LEU A 148 14.20 15.75 26.69
N CYS A 149 14.25 14.74 25.83
CA CYS A 149 13.06 14.01 25.44
C CYS A 149 13.07 12.51 25.72
N GLY A 150 14.18 11.92 26.19
CA GLY A 150 14.24 10.48 26.40
C GLY A 150 14.41 10.04 27.85
N ASP A 151 14.84 8.79 28.06
CA ASP A 151 14.91 8.24 29.41
C ASP A 151 16.04 8.86 30.21
N ALA A 152 17.06 9.42 29.55
CA ALA A 152 18.20 9.97 30.27
C ALA A 152 17.85 11.18 31.12
N GLY A 153 16.69 11.81 30.87
CA GLY A 153 16.26 12.95 31.66
C GLY A 153 15.76 12.56 33.03
N PRO A 154 14.69 11.76 33.07
CA PRO A 154 14.24 11.17 34.35
C PRO A 154 15.37 10.55 35.16
N LEU A 155 16.21 9.74 34.50
CA LEU A 155 17.27 8.99 35.17
C LEU A 155 18.37 9.90 35.71
N ALA A 156 18.85 10.87 34.92
CA ALA A 156 19.93 11.73 35.39
C ALA A 156 19.42 12.76 36.38
N VAL A 157 18.23 13.34 36.14
CA VAL A 157 17.66 14.23 37.14
C VAL A 157 17.35 13.47 38.42
N GLY A 158 16.80 12.25 38.30
CA GLY A 158 16.58 11.42 39.48
C GLY A 158 17.87 11.12 40.25
N ALA A 159 18.93 10.77 39.53
CA ALA A 159 20.19 10.44 40.22
C ALA A 159 20.74 11.65 40.97
N VAL A 160 20.62 12.85 40.41
CA VAL A 160 21.11 14.04 41.10
C VAL A 160 20.26 14.33 42.34
N ILE A 161 18.94 14.21 42.21
CA ILE A 161 18.07 14.50 43.33
C ILE A 161 18.29 13.52 44.46
N TYR A 162 18.43 12.23 44.12
CA TYR A 162 18.68 11.24 45.16
C TYR A 162 20.00 11.50 45.86
N HIS A 163 20.99 11.99 45.12
CA HIS A 163 22.32 12.17 45.69
C HIS A 163 22.35 13.35 46.66
N LYS A 164 21.54 14.38 46.41
CA LYS A 164 21.45 15.52 47.30
C LYS A 164 20.61 15.23 48.54
N LEU A 165 19.70 14.25 48.45
CA LEU A 165 18.96 13.71 49.59
C LEU A 165 19.70 12.57 50.27
N ARG A 166 20.98 12.35 49.93
CA ARG A 166 21.92 11.42 50.54
C ARG A 166 21.56 9.94 50.41
N SER A 167 20.55 9.56 49.63
CA SER A 167 20.27 8.14 49.42
C SER A 167 21.08 7.66 48.22
N ASP A 168 22.26 7.08 48.50
CA ASP A 168 23.22 6.77 47.44
C ASP A 168 22.76 5.61 46.57
N CYS A 169 22.04 4.64 47.13
CA CYS A 169 21.68 3.44 46.36
C CYS A 169 20.68 3.76 45.24
N GLU A 170 19.61 4.48 45.53
CA GLU A 170 18.69 4.88 44.46
C GLU A 170 19.41 5.75 43.43
N SER A 171 20.23 6.69 43.91
CA SER A 171 21.08 7.48 43.01
C SER A 171 21.90 6.59 42.08
N GLN A 172 22.59 5.60 42.64
CA GLN A 172 23.42 4.72 41.81
C GLN A 172 22.56 3.90 40.85
N GLU A 173 21.37 3.46 41.29
CA GLU A 173 20.49 2.69 40.40
C GLU A 173 20.08 3.51 39.18
N CYS A 174 19.81 4.80 39.37
CA CYS A 174 19.51 5.66 38.24
C CYS A 174 20.67 5.69 37.26
N VAL A 175 21.88 6.01 37.75
CA VAL A 175 23.06 6.07 36.89
C VAL A 175 23.27 4.74 36.16
N THR A 176 23.15 3.62 36.89
CA THR A 176 23.36 2.32 36.28
C THR A 176 22.41 2.09 35.09
N LYS A 177 21.12 2.41 35.27
CA LYS A 177 20.14 2.25 34.20
C LYS A 177 20.37 3.25 33.07
N LEU A 178 20.77 4.48 33.40
CA LEU A 178 21.06 5.46 32.36
C LEU A 178 22.14 4.92 31.43
N LEU A 179 23.25 4.42 32.00
CA LEU A 179 24.33 3.92 31.16
C LEU A 179 23.91 2.73 30.30
N GLN A 180 22.82 2.02 30.62
CA GLN A 180 22.37 0.96 29.70
C GLN A 180 21.90 1.52 28.35
N LEU A 181 21.60 2.82 28.27
CA LEU A 181 21.35 3.47 26.99
C LEU A 181 22.58 3.48 26.10
N GLN A 182 23.76 3.22 26.68
CA GLN A 182 25.05 3.44 26.01
C GLN A 182 25.16 2.74 24.65
N ARG A 183 24.77 1.46 24.58
CA ARG A 183 24.99 0.69 23.36
C ARG A 183 24.11 1.20 22.22
N SER A 184 22.85 1.48 22.51
CA SER A 184 21.97 2.05 21.49
C SER A 184 22.51 3.36 20.93
N VAL A 185 23.23 4.15 21.74
CA VAL A 185 23.75 5.45 21.31
C VAL A 185 25.05 5.29 20.51
N VAL A 186 25.94 4.41 20.93
CA VAL A 186 27.26 4.32 20.32
C VAL A 186 27.23 3.53 18.99
N CYS A 187 26.28 2.61 18.85
CA CYS A 187 26.07 1.88 17.60
C CYS A 187 25.95 2.82 16.40
N GLN A 188 26.86 2.67 15.43
CA GLN A 188 26.82 3.50 14.23
C GLN A 188 25.76 3.06 13.22
N GLU A 189 25.21 1.85 13.37
CA GLU A 189 24.13 1.36 12.53
C GLU A 189 22.83 1.44 13.35
N SER A 190 22.22 2.63 13.37
CA SER A 190 21.08 2.80 14.27
C SER A 190 20.02 3.81 13.79
N ASP A 191 20.30 4.56 12.73
CA ASP A 191 19.38 5.59 12.23
C ASP A 191 19.21 6.74 13.22
N LEU A 192 19.70 6.56 14.45
CA LEU A 192 19.61 7.58 15.48
C LEU A 192 20.36 8.84 15.04
N PRO A 193 19.78 10.03 15.25
CA PRO A 193 20.45 11.27 14.86
C PRO A 193 21.55 11.63 15.85
N ASP A 194 22.22 12.75 15.61
CA ASP A 194 23.25 13.21 16.52
C ASP A 194 22.85 14.41 17.35
N GLU A 195 21.65 14.99 17.10
CA GLU A 195 21.30 16.30 17.62
C GLU A 195 20.80 16.19 19.05
N LEU A 196 20.29 17.30 19.61
CA LEU A 196 20.20 17.43 21.06
C LEU A 196 18.92 16.85 21.64
N LEU A 197 17.82 16.89 20.91
CA LEU A 197 16.54 16.47 21.49
C LEU A 197 16.31 14.99 21.33
N TYR A 198 16.78 14.37 20.24
CA TYR A 198 16.59 12.95 20.06
C TYR A 198 17.86 12.18 19.72
N GLY A 199 19.03 12.81 19.75
CA GLY A 199 20.24 12.15 19.29
C GLY A 199 21.42 12.02 20.24
N ARG A 200 22.58 11.68 19.68
CA ARG A 200 23.74 11.33 20.51
C ARG A 200 24.14 12.47 21.43
N ALA A 201 24.02 13.71 20.95
CA ALA A 201 24.44 14.88 21.73
C ALA A 201 23.57 15.07 22.97
N GLY A 202 22.27 14.77 22.83
CA GLY A 202 21.39 14.83 23.99
C GLY A 202 21.74 13.79 25.02
N TYR A 203 22.19 12.61 24.58
CA TYR A 203 22.62 11.59 25.54
C TYR A 203 23.93 12.01 26.19
N LEU A 204 24.85 12.55 25.38
CA LEU A 204 26.10 13.10 25.89
C LEU A 204 25.85 14.11 26.99
N TYR A 205 24.82 14.96 26.83
CA TYR A 205 24.52 15.98 27.83
C TYR A 205 24.19 15.34 29.17
N ALA A 206 23.43 14.25 29.16
CA ALA A 206 23.09 13.57 30.41
C ALA A 206 24.33 13.14 31.18
N LEU A 207 25.31 12.56 30.46
CA LEU A 207 26.55 12.15 31.08
C LEU A 207 27.31 13.35 31.65
N LEU A 208 27.43 14.43 30.87
CA LEU A 208 28.12 15.61 31.39
C LEU A 208 27.34 16.21 32.55
N TYR A 209 26.00 16.19 32.47
CA TYR A 209 25.17 16.60 33.58
C TYR A 209 25.53 15.85 34.87
N LEU A 210 25.65 14.52 34.80
CA LEU A 210 26.04 13.74 35.98
C LEU A 210 27.43 14.12 36.48
N ASN A 211 28.40 14.23 35.57
CA ASN A 211 29.76 14.49 36.02
C ASN A 211 29.96 15.92 36.53
N THR A 212 29.10 16.87 36.12
CA THR A 212 29.18 18.24 36.66
C THR A 212 28.26 18.48 37.85
N GLU A 213 27.07 17.87 37.90
CA GLU A 213 26.17 18.13 39.01
C GLU A 213 26.46 17.23 40.21
N ILE A 214 26.82 15.98 39.97
CA ILE A 214 27.20 15.10 41.07
C ILE A 214 28.71 15.23 41.28
N GLY A 215 29.48 14.95 40.23
CA GLY A 215 30.92 15.06 40.32
C GLY A 215 31.63 14.16 39.33
N PRO A 216 32.90 14.43 39.07
CA PRO A 216 33.66 13.54 38.18
C PRO A 216 33.80 12.18 38.83
N GLY A 217 33.73 11.14 38.01
CA GLY A 217 33.70 9.81 38.54
C GLY A 217 32.33 9.23 38.76
N THR A 218 31.26 9.98 38.46
CA THR A 218 29.92 9.41 38.36
C THR A 218 29.76 8.60 37.09
N VAL A 219 30.12 9.20 35.94
CA VAL A 219 30.17 8.53 34.66
C VAL A 219 31.63 8.32 34.25
N CYS A 220 31.94 7.12 33.77
CA CYS A 220 33.29 6.80 33.35
C CYS A 220 33.68 7.65 32.13
N GLU A 221 34.91 8.18 32.11
CA GLU A 221 35.28 9.00 30.94
C GLU A 221 35.39 8.16 29.68
N SER A 222 35.63 6.86 29.84
CA SER A 222 35.57 5.94 28.70
C SER A 222 34.20 5.99 28.03
N ALA A 223 33.13 6.06 28.81
CA ALA A 223 31.81 6.07 28.21
C ALA A 223 31.53 7.40 27.53
N ILE A 224 32.06 8.49 28.08
CA ILE A 224 31.94 9.77 27.41
C ILE A 224 32.76 9.78 26.12
N LYS A 225 33.97 9.20 26.14
CA LYS A 225 34.79 9.18 24.92
C LYS A 225 34.14 8.37 23.82
N GLU A 226 33.50 7.26 24.16
CA GLU A 226 32.81 6.46 23.15
C GLU A 226 31.72 7.25 22.44
N VAL A 227 30.91 7.99 23.21
CA VAL A 227 29.84 8.78 22.62
C VAL A 227 30.41 9.89 21.78
N VAL A 228 31.46 10.56 22.28
CA VAL A 228 32.14 11.59 21.50
C VAL A 228 32.64 11.03 20.17
N ASN A 229 33.32 9.86 20.22
CA ASN A 229 33.82 9.26 18.98
C ASN A 229 32.67 8.92 18.03
N ALA A 230 31.57 8.37 18.56
CA ALA A 230 30.39 8.12 17.73
C ALA A 230 29.90 9.39 17.06
N ILE A 231 29.84 10.50 17.80
CA ILE A 231 29.39 11.75 17.19
C ILE A 231 30.39 12.18 16.11
N ILE A 232 31.69 12.08 16.40
CA ILE A 232 32.73 12.52 15.46
C ILE A 232 32.67 11.71 14.17
N GLU A 233 32.66 10.36 14.26
CA GLU A 233 32.61 9.54 13.05
C GLU A 233 31.35 9.81 12.24
N SER A 234 30.20 9.99 12.92
CA SER A 234 28.98 10.35 12.21
C SER A 234 29.19 11.62 11.38
N GLY A 235 29.80 12.65 11.97
CA GLY A 235 30.01 13.89 11.25
C GLY A 235 31.00 13.75 10.11
N LYS A 236 32.01 12.90 10.28
CA LYS A 236 32.95 12.63 9.18
C LYS A 236 32.25 11.95 8.03
N THR A 237 31.45 10.93 8.34
CA THR A 237 30.76 10.15 7.32
C THR A 237 29.90 11.04 6.43
N LEU A 238 28.91 11.73 7.01
CA LEU A 238 28.01 12.54 6.18
C LEU A 238 28.79 13.62 5.42
N SER A 239 29.81 14.20 6.05
CA SER A 239 30.60 15.22 5.37
C SER A 239 31.36 14.64 4.19
N ARG A 240 31.73 13.34 4.22
CA ARG A 240 32.34 12.74 3.03
C ARG A 240 31.30 12.51 1.94
N GLU A 241 30.17 11.89 2.28
CA GLU A 241 29.08 11.68 1.33
C GLU A 241 28.60 12.98 0.69
N GLU A 242 28.80 14.12 1.36
CA GLU A 242 28.45 15.41 0.79
C GLU A 242 29.67 16.13 0.26
N ARG A 243 30.82 15.45 0.21
CA ARG A 243 32.06 16.00 -0.34
C ARG A 243 32.45 17.31 0.32
N LYS A 244 32.14 17.43 1.62
CA LYS A 244 32.51 18.60 2.40
C LYS A 244 33.63 18.33 3.39
N THR A 245 34.36 17.21 3.23
CA THR A 245 35.38 16.79 4.20
C THR A 245 36.32 17.93 4.60
N GLU A 246 36.65 18.81 3.67
CA GLU A 246 37.60 19.89 3.96
C GLU A 246 36.95 21.24 4.27
N ARG A 247 35.69 21.46 3.89
CA ARG A 247 35.03 22.72 4.15
C ARG A 247 34.16 22.71 5.40
N CYS A 248 33.60 21.54 5.74
CA CYS A 248 32.81 21.37 6.96
C CYS A 248 33.06 19.97 7.49
N PRO A 249 34.17 19.75 8.22
CA PRO A 249 34.60 18.37 8.53
C PRO A 249 33.57 17.54 9.28
N LEU A 250 32.71 18.17 10.07
CA LEU A 250 31.68 17.48 10.84
C LEU A 250 30.32 17.98 10.39
N LEU A 251 29.55 17.12 9.73
CA LEU A 251 28.28 17.50 9.12
C LEU A 251 27.17 16.59 9.65
N TYR A 252 26.01 17.19 9.92
CA TYR A 252 24.95 16.45 10.56
C TYR A 252 23.61 16.83 9.96
N GLN A 253 22.68 15.87 9.95
CA GLN A 253 21.32 16.18 9.52
C GLN A 253 20.33 15.44 10.41
N TRP A 254 19.11 15.98 10.48
CA TRP A 254 18.03 15.37 11.23
C TRP A 254 16.80 15.38 10.34
N HIS A 255 16.24 14.19 10.09
CA HIS A 255 15.18 14.00 9.11
C HIS A 255 15.58 14.59 7.76
N ARG A 256 16.83 14.28 7.37
CA ARG A 256 17.46 14.64 6.11
C ARG A 256 17.57 16.14 5.89
N LYS A 257 17.27 16.94 6.91
CA LYS A 257 17.50 18.38 6.86
C LYS A 257 18.75 18.71 7.66
N GLN A 258 19.61 19.56 7.11
CA GLN A 258 20.87 19.94 7.76
C GLN A 258 20.62 21.21 8.58
N TYR A 259 20.00 21.01 9.75
CA TYR A 259 19.62 22.11 10.65
C TYR A 259 20.85 22.81 11.21
N VAL A 260 20.70 24.11 11.50
CA VAL A 260 21.85 24.93 11.82
C VAL A 260 21.97 25.14 13.32
N GLY A 261 20.84 25.09 14.02
CA GLY A 261 20.71 25.70 15.34
C GLY A 261 20.85 24.74 16.50
N ALA A 262 20.43 25.20 17.67
CA ALA A 262 20.78 24.53 18.92
C ALA A 262 20.00 23.23 19.11
N ALA A 263 18.70 23.23 18.80
CA ALA A 263 17.86 22.13 19.23
C ALA A 263 18.07 20.91 18.36
N HIS A 264 18.06 21.07 17.03
CA HIS A 264 18.17 19.93 16.12
C HIS A 264 19.36 20.03 15.18
N GLY A 265 20.29 20.95 15.42
CA GLY A 265 21.25 21.26 14.40
C GLY A 265 22.71 21.27 14.83
N MET A 266 23.54 21.78 13.93
CA MET A 266 24.97 21.68 14.11
C MET A 266 25.47 22.56 15.25
N ALA A 267 24.84 23.72 15.48
CA ALA A 267 25.33 24.61 16.52
C ALA A 267 25.25 23.97 17.92
N GLY A 268 24.22 23.16 18.17
CA GLY A 268 24.11 22.51 19.47
C GLY A 268 25.00 21.28 19.59
N ILE A 269 25.28 20.60 18.48
CA ILE A 269 26.21 19.49 18.52
C ILE A 269 27.63 20.00 18.78
N TYR A 270 28.08 20.99 17.99
CA TYR A 270 29.40 21.58 18.21
C TYR A 270 29.51 22.17 19.62
N TYR A 271 28.41 22.68 20.16
CA TYR A 271 28.42 23.27 21.49
C TYR A 271 28.74 22.22 22.54
N MET A 272 28.11 21.05 22.44
CA MET A 272 28.40 19.98 23.40
C MET A 272 29.81 19.45 23.23
N LEU A 273 30.26 19.27 21.97
CA LEU A 273 31.64 18.84 21.72
C LEU A 273 32.66 19.79 22.31
N MET A 274 32.30 21.07 22.51
CA MET A 274 33.20 22.03 23.11
C MET A 274 33.09 22.12 24.64
N GLN A 275 32.23 21.30 25.25
CA GLN A 275 32.12 21.34 26.70
C GLN A 275 33.41 20.83 27.34
N PRO A 276 33.92 21.50 28.38
CA PRO A 276 35.14 20.97 29.03
C PRO A 276 34.96 19.58 29.58
N ALA A 277 33.75 19.20 30.01
CA ALA A 277 33.56 17.87 30.58
C ALA A 277 33.52 16.76 29.53
N ALA A 278 33.28 17.09 28.26
CA ALA A 278 33.35 16.07 27.22
C ALA A 278 34.80 15.69 26.86
N LYS A 279 35.77 16.50 27.29
CA LYS A 279 37.20 16.15 27.22
C LYS A 279 37.64 15.84 25.78
N VAL A 280 37.14 16.60 24.81
CA VAL A 280 37.59 16.39 23.44
C VAL A 280 39.04 16.89 23.29
N ASP A 281 39.85 16.14 22.53
CA ASP A 281 41.27 16.49 22.44
C ASP A 281 41.50 17.71 21.55
N GLN A 282 42.68 18.29 21.70
CA GLN A 282 42.98 19.54 21.02
C GLN A 282 42.95 19.39 19.51
N GLU A 283 43.43 18.25 19.02
CA GLU A 283 43.46 18.02 17.58
C GLU A 283 42.06 17.99 17.00
N THR A 284 41.15 17.26 17.65
CA THR A 284 39.77 17.20 17.17
C THR A 284 39.09 18.55 17.27
N LEU A 285 39.41 19.31 18.32
CA LEU A 285 38.81 20.62 18.47
C LEU A 285 39.26 21.55 17.35
N THR A 286 40.56 21.60 17.08
CA THR A 286 41.08 22.59 16.14
C THR A 286 40.95 22.16 14.67
N GLU A 287 40.99 20.86 14.39
CA GLU A 287 40.92 20.37 13.02
C GLU A 287 39.52 19.95 12.59
N MET A 288 38.69 19.49 13.51
CA MET A 288 37.35 19.02 13.15
C MET A 288 36.23 19.99 13.54
N VAL A 289 36.24 20.52 14.76
CA VAL A 289 35.11 21.30 15.22
C VAL A 289 35.21 22.74 14.74
N LYS A 290 36.33 23.40 15.00
CA LYS A 290 36.51 24.79 14.59
C LYS A 290 36.17 25.03 13.11
N PRO A 291 36.67 24.25 12.15
CA PRO A 291 36.29 24.52 10.76
C PRO A 291 34.80 24.30 10.50
N SER A 292 34.16 23.39 11.24
CA SER A 292 32.72 23.23 11.11
C SER A 292 31.97 24.43 11.71
N ILE A 293 32.45 24.95 12.84
CA ILE A 293 31.90 26.19 13.39
C ILE A 293 32.02 27.33 12.39
N ASP A 294 33.18 27.46 11.75
CA ASP A 294 33.39 28.56 10.82
C ASP A 294 32.49 28.43 9.60
N TYR A 295 32.31 27.20 9.10
CA TYR A 295 31.43 27.00 7.97
C TYR A 295 30.01 27.48 8.25
N VAL A 296 29.46 27.18 9.43
CA VAL A 296 28.08 27.61 9.68
C VAL A 296 28.04 29.11 9.92
N ARG A 297 29.13 29.69 10.45
CA ARG A 297 29.18 31.15 10.61
C ARG A 297 29.00 31.85 9.28
N HIS A 298 29.63 31.33 8.21
CA HIS A 298 29.54 31.98 6.92
C HIS A 298 28.20 31.74 6.22
N LYS A 299 27.27 31.00 6.82
CA LYS A 299 25.92 30.87 6.29
C LYS A 299 24.96 31.86 6.94
N LYS A 300 25.45 32.79 7.75
CA LYS A 300 24.57 33.71 8.45
C LYS A 300 23.95 34.73 7.49
N PHE A 301 22.75 35.18 7.83
CA PHE A 301 22.08 36.22 7.05
C PHE A 301 22.80 37.56 7.21
N ARG A 302 22.61 38.44 6.21
CA ARG A 302 23.11 39.81 6.35
C ARG A 302 22.45 40.51 7.52
N SER A 303 21.17 40.20 7.78
CA SER A 303 20.46 40.66 8.98
C SER A 303 21.13 40.23 10.28
N GLY A 304 22.14 39.37 10.24
CA GLY A 304 22.80 38.91 11.45
C GLY A 304 22.15 37.71 12.11
N ASN A 305 20.94 37.35 11.70
CA ASN A 305 20.32 36.11 12.13
C ASN A 305 20.91 34.92 11.37
N TYR A 306 20.59 33.71 11.86
CA TYR A 306 21.06 32.48 11.26
C TYR A 306 19.89 31.68 10.71
N PRO A 307 20.06 31.00 9.58
CA PRO A 307 18.97 30.20 9.00
C PRO A 307 18.69 28.95 9.83
N SER A 308 17.48 28.41 9.62
CA SER A 308 17.07 27.19 10.31
C SER A 308 17.76 25.95 9.75
N SER A 309 17.94 25.86 8.43
CA SER A 309 18.77 24.82 7.82
C SER A 309 19.55 25.44 6.66
N LEU A 310 20.60 24.72 6.21
CA LEU A 310 21.53 25.28 5.24
C LEU A 310 20.84 25.69 3.95
N SER A 311 19.79 24.99 3.54
CA SER A 311 19.12 25.34 2.29
C SER A 311 18.18 26.53 2.43
N ASN A 312 17.58 26.75 3.60
CA ASN A 312 16.51 27.74 3.73
C ASN A 312 17.06 29.16 3.68
N GLU A 313 16.53 29.98 2.78
CA GLU A 313 17.03 31.33 2.56
C GLU A 313 16.06 32.41 3.05
N THR A 314 15.11 32.05 3.91
CA THR A 314 14.13 33.01 4.42
C THR A 314 14.28 33.17 5.93
N ASP A 315 14.38 34.41 6.37
CA ASP A 315 14.84 34.80 7.71
C ASP A 315 13.61 35.02 8.60
N ARG A 316 13.22 34.00 9.39
CA ARG A 316 11.99 34.21 10.16
C ARG A 316 12.10 33.91 11.65
N LEU A 317 12.89 32.91 12.05
CA LEU A 317 12.81 32.39 13.41
C LEU A 317 13.95 32.92 14.26
N VAL A 318 13.61 33.57 15.37
CA VAL A 318 14.59 34.09 16.31
C VAL A 318 14.36 33.33 17.60
N HIS A 319 14.67 32.05 17.59
CA HIS A 319 14.39 31.11 18.67
C HIS A 319 15.68 30.46 19.14
N TRP A 320 15.66 29.99 20.40
CA TRP A 320 16.73 29.09 20.81
C TRP A 320 16.81 27.86 19.91
N CYS A 321 15.66 27.26 19.58
CA CYS A 321 15.68 26.04 18.76
C CYS A 321 16.18 26.31 17.35
N HIS A 322 15.85 27.49 16.79
CA HIS A 322 16.32 27.89 15.47
C HIS A 322 16.59 29.37 15.46
N GLY A 323 17.80 29.77 15.07
CA GLY A 323 18.11 31.17 14.89
C GLY A 323 19.22 31.61 15.81
N ALA A 324 19.45 32.93 15.80
CA ALA A 324 20.50 33.53 16.61
C ALA A 324 20.47 33.20 18.10
N PRO A 325 19.32 33.06 18.78
CA PRO A 325 19.40 32.78 20.23
C PRO A 325 19.95 31.42 20.57
N GLY A 326 20.01 30.49 19.61
CA GLY A 326 20.72 29.25 19.78
C GLY A 326 22.15 29.31 19.27
N VAL A 327 22.35 29.84 18.05
CA VAL A 327 23.69 29.87 17.45
C VAL A 327 24.64 30.68 18.33
N ILE A 328 24.13 31.70 19.05
CA ILE A 328 24.99 32.54 19.87
C ILE A 328 25.74 31.73 20.92
N HIS A 329 25.13 30.67 21.44
CA HIS A 329 25.84 29.87 22.43
C HIS A 329 26.99 29.10 21.81
N MET A 330 26.83 28.65 20.57
CA MET A 330 27.96 28.06 19.86
C MET A 330 29.11 29.07 19.73
N LEU A 331 28.78 30.32 19.41
CA LEU A 331 29.83 31.33 19.23
C LEU A 331 30.48 31.67 20.57
N MET A 332 29.66 31.87 21.62
CA MET A 332 30.24 32.19 22.91
C MET A 332 31.16 31.08 23.38
N GLN A 333 30.70 29.83 23.27
CA GLN A 333 31.53 28.68 23.65
C GLN A 333 32.78 28.60 22.78
N ALA A 334 32.62 28.85 21.48
CA ALA A 334 33.76 28.92 20.57
C ALA A 334 34.77 29.96 21.03
N TYR A 335 34.28 31.08 21.59
CA TYR A 335 35.19 32.07 22.15
C TYR A 335 35.92 31.55 23.38
N LYS A 336 35.20 30.86 24.27
CA LYS A 336 35.86 30.32 25.46
C LYS A 336 36.99 29.37 25.07
N VAL A 337 36.77 28.53 24.06
CA VAL A 337 37.71 27.44 23.78
C VAL A 337 38.85 27.90 22.88
N PHE A 338 38.53 28.56 21.76
CA PHE A 338 39.51 28.98 20.78
C PHE A 338 40.07 30.38 21.02
N LYS A 339 39.35 31.25 21.74
CA LYS A 339 39.90 32.52 22.24
C LYS A 339 40.27 33.46 21.09
N GLU A 340 39.49 33.45 20.02
CA GLU A 340 39.66 34.42 18.95
C GLU A 340 38.50 35.40 18.99
N GLU A 341 38.83 36.70 18.98
CA GLU A 341 37.85 37.75 19.25
C GLU A 341 36.71 37.75 18.26
N LYS A 342 36.92 37.25 17.04
CA LYS A 342 35.85 37.24 16.05
C LYS A 342 34.64 36.44 16.53
N TYR A 343 34.85 35.48 17.43
CA TYR A 343 33.74 34.68 17.94
C TYR A 343 32.89 35.48 18.92
N LEU A 344 33.55 36.18 19.83
CA LEU A 344 32.84 37.09 20.73
C LEU A 344 32.13 38.18 19.93
N LYS A 345 32.84 38.78 18.96
CA LYS A 345 32.24 39.89 18.21
C LYS A 345 30.96 39.45 17.51
N GLU A 346 30.95 38.23 16.97
CA GLU A 346 29.74 37.71 16.37
C GLU A 346 28.67 37.40 17.42
N ALA A 347 29.06 36.96 18.62
CA ALA A 347 28.07 36.77 19.69
C ALA A 347 27.41 38.09 20.05
N MET A 348 28.20 39.16 20.18
CA MET A 348 27.67 40.51 20.37
C MET A 348 26.70 40.92 19.25
N GLU A 349 27.01 40.55 18.00
CA GLU A 349 26.09 40.86 16.90
C GLU A 349 24.79 40.07 17.03
N CYS A 350 24.89 38.79 17.43
CA CYS A 350 23.71 37.99 17.70
C CYS A 350 22.86 38.65 18.76
N SER A 351 23.53 39.17 19.80
CA SER A 351 22.83 39.81 20.91
C SER A 351 21.97 40.96 20.41
N ASP A 352 22.46 41.71 19.42
CA ASP A 352 21.71 42.85 18.93
C ASP A 352 20.50 42.41 18.11
N VAL A 353 20.63 41.33 17.34
CA VAL A 353 19.46 40.78 16.65
C VAL A 353 18.43 40.30 17.66
N ILE A 354 18.89 39.71 18.77
CA ILE A 354 17.95 39.19 19.76
C ILE A 354 17.32 40.33 20.53
N TRP A 355 18.05 41.42 20.76
CA TRP A 355 17.49 42.54 21.49
C TRP A 355 16.35 43.17 20.69
N GLN A 356 16.49 43.23 19.37
CA GLN A 356 15.50 43.86 18.52
C GLN A 356 14.34 42.94 18.19
N ARG A 357 14.59 41.66 17.92
CA ARG A 357 13.54 40.74 17.45
C ARG A 357 13.17 39.65 18.44
N GLY A 358 13.58 39.76 19.72
CA GLY A 358 13.56 38.60 20.59
C GLY A 358 12.40 38.44 21.54
N LEU A 359 11.62 39.51 21.69
CA LEU A 359 10.33 39.50 22.39
C LEU A 359 9.27 38.91 21.47
N LEU A 360 8.85 37.68 21.73
CA LEU A 360 8.14 36.86 20.76
C LEU A 360 6.65 36.79 21.05
N ARG A 361 5.87 36.72 19.97
CA ARG A 361 4.45 36.45 20.10
C ARG A 361 4.14 34.98 20.33
N LYS A 362 5.09 34.07 20.07
CA LYS A 362 4.86 32.67 20.43
C LYS A 362 4.62 32.51 21.93
N GLY A 363 5.27 33.33 22.75
CA GLY A 363 5.12 33.21 24.18
C GLY A 363 6.40 33.57 24.90
N TYR A 364 6.50 33.04 26.11
CA TYR A 364 7.52 33.39 27.08
C TYR A 364 8.51 32.25 27.35
N GLY A 365 8.48 31.18 26.56
CA GLY A 365 9.19 29.97 26.89
C GLY A 365 10.69 29.99 26.63
N ILE A 366 11.31 28.85 26.90
CA ILE A 366 12.75 28.71 26.72
C ILE A 366 13.09 28.32 25.29
N CYS A 367 12.37 27.34 24.72
CA CYS A 367 12.74 26.81 23.40
C CYS A 367 12.57 27.86 22.31
N HIS A 368 11.42 28.55 22.30
CA HIS A 368 11.08 29.55 21.27
C HIS A 368 10.24 30.62 21.98
N GLY A 369 10.91 31.45 22.77
CA GLY A 369 10.20 32.48 23.50
C GLY A 369 11.12 33.43 24.21
N THR A 370 10.50 34.33 24.97
CA THR A 370 11.21 35.46 25.53
C THR A 370 12.19 35.06 26.63
N ALA A 371 11.80 34.09 27.48
CA ALA A 371 12.72 33.62 28.52
C ALA A 371 13.97 32.98 27.89
N GLY A 372 13.77 32.12 26.90
CA GLY A 372 14.93 31.46 26.28
C GLY A 372 15.86 32.46 25.61
N ASN A 373 15.29 33.44 24.93
CA ASN A 373 16.11 34.48 24.32
C ASN A 373 16.74 35.37 25.39
N GLY A 374 16.05 35.60 26.50
CA GLY A 374 16.62 36.40 27.57
C GLY A 374 17.86 35.77 28.17
N TYR A 375 17.92 34.43 28.20
CA TYR A 375 19.13 33.75 28.68
C TYR A 375 20.33 34.13 27.83
N SER A 376 20.14 34.35 26.52
CA SER A 376 21.27 34.74 25.70
C SER A 376 22.00 35.91 26.34
N PHE A 377 21.25 36.89 26.87
CA PHE A 377 21.84 38.07 27.48
C PHE A 377 22.59 37.74 28.77
N LEU A 378 22.02 36.90 29.63
CA LEU A 378 22.72 36.50 30.85
C LEU A 378 24.02 35.75 30.53
N SER A 379 23.99 34.87 29.53
CA SER A 379 25.21 34.15 29.18
C SER A 379 26.30 35.10 28.68
N LEU A 380 25.93 36.02 27.77
CA LEU A 380 26.91 36.97 27.24
C LEU A 380 27.44 37.89 28.34
N TYR A 381 26.58 38.30 29.28
CA TYR A 381 27.04 39.10 30.41
C TYR A 381 28.08 38.33 31.23
N ARG A 382 27.79 37.06 31.56
CA ARG A 382 28.76 36.26 32.31
C ARG A 382 30.10 36.21 31.58
N LEU A 383 30.06 36.11 30.25
CA LEU A 383 31.28 36.02 29.46
C LEU A 383 32.03 37.35 29.41
N THR A 384 31.32 38.47 29.28
CA THR A 384 31.95 39.77 29.06
C THR A 384 32.05 40.64 30.31
N GLN A 385 31.14 40.47 31.26
CA GLN A 385 30.92 41.43 32.36
C GLN A 385 30.50 42.80 31.84
N ASP A 386 30.08 42.89 30.59
CA ASP A 386 29.54 44.13 30.01
C ASP A 386 28.09 44.32 30.47
N LYS A 387 27.86 45.29 31.37
CA LYS A 387 26.54 45.44 31.98
C LYS A 387 25.44 45.78 30.96
N LYS A 388 25.80 46.05 29.71
CA LYS A 388 24.78 46.17 28.67
C LYS A 388 23.94 44.91 28.59
N TYR A 389 24.58 43.75 28.66
CA TYR A 389 23.83 42.52 28.50
C TYR A 389 23.08 42.16 29.77
N LEU A 390 23.65 42.51 30.95
CA LEU A 390 22.86 42.48 32.18
C LEU A 390 21.58 43.30 32.01
N TYR A 391 21.71 44.55 31.57
CA TYR A 391 20.55 45.39 31.31
C TYR A 391 19.54 44.71 30.40
N ARG A 392 20.02 44.14 29.28
CA ARG A 392 19.11 43.52 28.32
C ARG A 392 18.39 42.32 28.93
N ALA A 393 19.11 41.51 29.71
CA ALA A 393 18.45 40.43 30.44
C ALA A 393 17.40 40.98 31.41
N CYS A 394 17.74 42.06 32.12
CA CYS A 394 16.80 42.64 33.07
C CYS A 394 15.52 43.09 32.38
N LYS A 395 15.62 43.58 31.15
CA LYS A 395 14.45 44.10 30.44
C LYS A 395 13.57 42.98 29.93
N PHE A 396 14.17 41.91 29.42
CA PHE A 396 13.38 40.73 29.07
C PHE A 396 12.69 40.15 30.30
N ALA A 397 13.37 40.15 31.45
CA ALA A 397 12.73 39.70 32.69
C ALA A 397 11.53 40.59 33.02
N GLU A 398 11.70 41.90 32.82
CA GLU A 398 10.59 42.82 33.07
C GLU A 398 9.40 42.46 32.21
N TRP A 399 9.63 42.14 30.93
CA TRP A 399 8.57 41.66 30.06
C TRP A 399 7.89 40.42 30.63
N CYS A 400 8.69 39.54 31.26
CA CYS A 400 8.13 38.32 31.82
C CYS A 400 7.35 38.58 33.09
N LEU A 401 7.62 39.68 33.80
CA LEU A 401 6.82 40.05 34.95
C LEU A 401 5.38 40.37 34.56
N ASP A 402 5.13 40.72 33.30
CA ASP A 402 3.79 40.94 32.76
C ASP A 402 3.26 39.71 32.08
N TYR A 403 3.67 38.53 32.57
CA TYR A 403 3.34 37.25 31.94
C TYR A 403 1.87 37.14 31.62
N GLY A 404 1.58 37.02 30.33
CA GLY A 404 0.21 36.82 29.89
C GLY A 404 -0.62 38.07 29.71
N ALA A 405 -0.02 39.26 29.73
CA ALA A 405 -0.72 40.51 29.47
C ALA A 405 -0.43 41.07 28.09
N HIS A 406 0.19 40.27 27.21
CA HIS A 406 0.67 40.78 25.93
C HIS A 406 -0.08 40.23 24.73
N GLY A 407 -1.07 39.36 24.93
CA GLY A 407 -1.77 38.78 23.80
C GLY A 407 -1.01 37.69 23.09
N CYS A 408 0.02 37.12 23.73
CA CYS A 408 0.76 35.99 23.19
C CYS A 408 -0.13 34.75 23.12
N ARG A 409 0.10 33.92 22.11
CA ARG A 409 -0.61 32.66 22.03
C ARG A 409 -0.25 31.75 23.21
N ILE A 410 -1.12 30.77 23.46
CA ILE A 410 -0.89 29.80 24.53
C ILE A 410 -0.14 28.62 23.94
N PRO A 411 0.99 28.23 24.54
CA PRO A 411 1.70 27.04 24.08
C PRO A 411 0.89 25.78 24.37
N ASP A 412 1.13 24.74 23.57
CA ASP A 412 0.53 23.43 23.82
C ASP A 412 0.79 22.98 25.26
N ARG A 413 2.04 23.11 25.70
CA ARG A 413 2.38 22.67 27.05
C ARG A 413 2.68 23.88 27.91
N PRO A 414 1.65 24.57 28.40
CA PRO A 414 1.82 25.95 28.86
C PRO A 414 2.43 26.07 30.23
N TYR A 415 2.64 24.97 30.95
CA TYR A 415 3.29 25.01 32.24
C TYR A 415 4.68 24.37 32.22
N SER A 416 5.11 23.87 31.06
CA SER A 416 6.30 23.04 30.93
C SER A 416 7.59 23.87 31.01
N LEU A 417 8.71 23.15 31.13
CA LEU A 417 10.00 23.81 31.26
C LEU A 417 10.37 24.57 29.97
N PHE A 418 10.28 23.91 28.82
CA PHE A 418 10.77 24.50 27.58
C PHE A 418 9.68 25.14 26.72
N GLU A 419 8.42 24.76 26.90
CA GLU A 419 7.35 25.40 26.16
C GLU A 419 6.59 26.43 26.96
N GLY A 420 6.55 26.30 28.29
CA GLY A 420 5.71 27.19 29.06
C GLY A 420 6.31 27.80 30.32
N MET A 421 5.48 27.82 31.36
CA MET A 421 5.69 28.67 32.52
C MET A 421 6.97 28.34 33.26
N ALA A 422 7.19 27.04 33.52
CA ALA A 422 8.37 26.62 34.28
C ALA A 422 9.65 27.27 33.77
N GLY A 423 9.85 27.34 32.46
CA GLY A 423 11.04 27.99 31.91
C GLY A 423 11.14 29.47 32.25
N ALA A 424 10.02 30.19 32.22
CA ALA A 424 10.03 31.60 32.58
C ALA A 424 10.38 31.78 34.05
N ILE A 425 9.77 30.97 34.93
CA ILE A 425 10.16 30.91 36.33
C ILE A 425 11.64 30.60 36.47
N HIS A 426 12.12 29.62 35.71
CA HIS A 426 13.54 29.28 35.71
C HIS A 426 14.39 30.51 35.37
N PHE A 427 14.09 31.15 34.23
CA PHE A 427 14.84 32.34 33.79
C PHE A 427 14.77 33.46 34.81
N LEU A 428 13.56 33.75 35.35
CA LEU A 428 13.45 34.78 36.39
C LEU A 428 14.31 34.44 37.60
N SER A 429 14.35 33.16 38.01
CA SER A 429 15.09 32.83 39.23
C SER A 429 16.58 33.10 39.06
N ASP A 430 17.08 33.04 37.83
CA ASP A 430 18.49 33.27 37.54
C ASP A 430 18.85 34.75 37.35
N VAL A 431 17.90 35.58 36.89
CA VAL A 431 18.16 37.02 36.86
C VAL A 431 18.42 37.58 38.26
N LEU A 432 17.89 36.92 39.30
CA LEU A 432 18.22 37.27 40.68
C LEU A 432 19.72 37.23 40.92
N GLY A 433 20.40 36.23 40.37
CA GLY A 433 21.82 36.03 40.54
C GLY A 433 22.49 35.78 39.19
N PRO A 434 22.70 36.86 38.44
CA PRO A 434 23.20 36.72 37.06
C PRO A 434 24.53 36.01 36.95
N GLU A 435 25.37 36.05 37.99
CA GLU A 435 26.69 35.42 37.95
C GLU A 435 26.62 33.89 37.92
N THR A 436 25.52 33.29 38.40
CA THR A 436 25.40 31.84 38.50
C THR A 436 24.26 31.31 37.63
N SER A 437 23.90 32.05 36.58
CA SER A 437 22.78 31.64 35.74
C SER A 437 23.19 30.47 34.88
N ARG A 438 22.24 29.56 34.63
CA ARG A 438 22.44 28.41 33.77
C ARG A 438 21.22 28.22 32.88
N PHE A 439 21.42 28.25 31.57
CA PHE A 439 20.39 27.85 30.62
C PHE A 439 20.00 26.40 30.88
N PRO A 440 18.73 26.12 31.21
CA PRO A 440 18.37 24.76 31.65
C PRO A 440 18.60 23.73 30.56
N ALA A 441 19.05 22.54 30.97
CA ALA A 441 19.20 21.43 30.04
C ALA A 441 20.16 21.74 28.88
N PHE A 442 21.15 22.62 29.11
CA PHE A 442 21.97 23.10 28.01
C PHE A 442 23.31 23.66 28.50
N GLU A 443 23.29 24.58 29.46
CA GLU A 443 24.56 24.92 30.09
C GLU A 443 24.87 23.91 31.20
N LEU A 444 26.13 23.89 31.63
CA LEU A 444 26.53 22.93 32.65
C LEU A 444 27.08 23.65 33.87
N ARG B 22 -17.24 -32.36 30.05
CA ARG B 22 -17.25 -31.10 29.32
C ARG B 22 -16.02 -30.95 28.43
N ALA B 23 -14.88 -31.45 28.91
CA ALA B 23 -13.62 -31.33 28.19
C ALA B 23 -13.08 -32.71 27.81
N PHE B 24 -12.62 -32.83 26.58
CA PHE B 24 -11.74 -33.94 26.25
C PHE B 24 -10.47 -33.88 27.09
N VAL B 25 -9.77 -35.00 27.18
CA VAL B 25 -8.42 -35.00 27.74
C VAL B 25 -7.45 -34.50 26.68
N ASN B 26 -6.70 -33.47 27.01
CA ASN B 26 -5.75 -32.93 26.05
C ASN B 26 -4.67 -33.99 25.82
N PRO B 27 -4.52 -34.52 24.61
CA PRO B 27 -3.55 -35.60 24.39
C PRO B 27 -2.14 -35.12 24.14
N PHE B 28 -1.93 -33.81 24.03
CA PHE B 28 -0.63 -33.37 23.52
C PHE B 28 0.31 -33.04 24.65
N PRO B 29 1.56 -33.48 24.53
CA PRO B 29 2.60 -32.97 25.41
C PRO B 29 2.70 -31.45 25.26
N ASP B 30 3.19 -30.79 26.32
CA ASP B 30 3.41 -29.36 26.31
C ASP B 30 4.68 -29.02 25.51
N TYR B 31 4.97 -27.72 25.44
CA TYR B 31 5.95 -27.21 24.48
C TYR B 31 7.30 -27.93 24.57
N GLU B 32 7.91 -28.01 25.75
CA GLU B 32 9.17 -28.77 25.80
C GLU B 32 8.95 -30.23 25.40
N ALA B 33 8.99 -30.45 24.09
CA ALA B 33 8.70 -31.71 23.45
C ALA B 33 9.53 -31.73 22.17
N LEU B 61 7.95 -30.22 15.52
CA LEU B 61 7.44 -28.89 15.85
C LEU B 61 6.77 -28.19 14.66
N PRO B 62 5.59 -27.60 14.87
CA PRO B 62 4.88 -26.95 13.78
C PRO B 62 5.41 -25.58 13.40
N PHE B 63 6.50 -25.10 13.99
CA PHE B 63 7.11 -23.86 13.55
C PHE B 63 8.63 -23.95 13.68
N HIS B 64 9.33 -23.09 12.94
CA HIS B 64 10.77 -22.90 13.04
C HIS B 64 11.12 -22.05 14.25
N GLN B 65 12.41 -22.02 14.60
CA GLN B 65 12.85 -21.26 15.76
C GLN B 65 12.62 -19.76 15.61
N ASP B 66 12.30 -19.28 14.42
CA ASP B 66 11.99 -17.88 14.27
C ASP B 66 10.50 -17.60 14.38
N GLY B 67 9.68 -18.64 14.58
CA GLY B 67 8.25 -18.51 14.72
C GLY B 67 7.46 -18.62 13.44
N LYS B 68 8.13 -18.74 12.30
CA LYS B 68 7.43 -19.00 11.05
C LYS B 68 6.90 -20.44 11.09
N ILE B 69 5.59 -20.61 10.87
CA ILE B 69 5.03 -21.95 10.86
C ILE B 69 5.57 -22.71 9.66
N ILE B 70 5.83 -24.01 9.85
CA ILE B 70 6.40 -24.81 8.77
C ILE B 70 5.39 -24.93 7.64
N HIS B 71 5.92 -25.10 6.42
CA HIS B 71 5.09 -25.08 5.22
C HIS B 71 4.07 -26.21 5.19
N ASN B 72 4.40 -27.36 5.77
CA ASN B 72 3.49 -28.50 5.75
C ASN B 72 2.24 -28.25 6.59
N PHE B 73 2.38 -27.51 7.69
CA PHE B 73 1.25 -27.18 8.55
C PHE B 73 0.40 -26.07 7.92
N ILE B 74 1.05 -25.13 7.24
CA ILE B 74 0.34 -24.11 6.46
C ILE B 74 -0.55 -24.75 5.41
N ARG B 75 -0.02 -25.75 4.68
CA ARG B 75 -0.80 -26.41 3.63
C ARG B 75 -1.98 -27.16 4.24
N ARG B 76 -1.78 -27.80 5.39
CA ARG B 76 -2.88 -28.50 6.03
C ARG B 76 -3.97 -27.52 6.47
N ILE B 77 -3.59 -26.40 7.07
CA ILE B 77 -4.59 -25.42 7.49
C ILE B 77 -5.32 -24.85 6.28
N GLN B 78 -4.57 -24.43 5.26
CA GLN B 78 -5.17 -23.89 4.05
C GLN B 78 -6.17 -24.87 3.44
N THR B 79 -5.77 -26.13 3.33
CA THR B 79 -6.63 -27.15 2.75
C THR B 79 -7.90 -27.33 3.57
N LYS B 80 -7.78 -27.41 4.91
CA LYS B 80 -8.96 -27.48 5.76
C LYS B 80 -9.79 -26.20 5.67
N ILE B 81 -9.14 -25.03 5.58
CA ILE B 81 -9.90 -23.79 5.42
C ILE B 81 -10.71 -23.82 4.13
N LYS B 82 -10.09 -24.27 3.03
CA LYS B 82 -10.85 -24.40 1.78
C LYS B 82 -12.05 -25.32 1.98
N ASP B 83 -11.83 -26.45 2.66
CA ASP B 83 -12.91 -27.44 2.88
C ASP B 83 -13.99 -26.90 3.82
N LEU B 84 -13.60 -26.24 4.91
CA LEU B 84 -14.62 -25.69 5.83
C LEU B 84 -15.40 -24.54 5.18
N LEU B 85 -14.74 -23.72 4.36
CA LEU B 85 -15.47 -22.64 3.70
C LEU B 85 -16.56 -23.20 2.79
N GLN B 86 -16.27 -24.30 2.10
CA GLN B 86 -17.29 -24.96 1.28
C GLN B 86 -18.48 -25.41 2.14
N GLN B 87 -18.21 -26.11 3.23
CA GLN B 87 -19.31 -26.57 4.05
C GLN B 87 -20.06 -25.39 4.68
N MET B 88 -19.35 -24.31 5.00
CA MET B 88 -20.03 -23.14 5.51
C MET B 88 -20.97 -22.55 4.46
N GLU B 89 -20.50 -22.45 3.21
CA GLU B 89 -21.32 -21.86 2.15
C GLU B 89 -22.55 -22.70 1.86
N GLU B 90 -22.42 -24.04 1.93
CA GLU B 90 -23.57 -24.91 1.70
C GLU B 90 -24.55 -24.83 2.87
N GLY B 91 -24.03 -24.84 4.10
CA GLY B 91 -24.91 -24.79 5.25
C GLY B 91 -25.59 -23.45 5.44
N LEU B 92 -24.94 -22.36 5.02
CA LEU B 92 -25.59 -21.06 5.15
C LEU B 92 -26.79 -20.93 4.22
N LYS B 93 -26.88 -21.76 3.17
CA LYS B 93 -28.02 -21.70 2.26
C LYS B 93 -29.37 -21.85 2.97
N THR B 94 -29.41 -22.57 4.09
CA THR B 94 -30.62 -22.58 4.92
C THR B 94 -30.42 -21.79 6.21
N ALA B 95 -29.64 -20.72 6.17
CA ALA B 95 -29.57 -19.86 7.32
C ALA B 95 -30.68 -18.82 7.29
N ASP B 96 -30.82 -18.14 8.45
CA ASP B 96 -31.91 -17.31 8.62
C ASP B 96 -31.82 -16.06 7.77
N PRO B 97 -32.81 -15.79 6.95
CA PRO B 97 -32.95 -14.45 6.45
C PRO B 97 -32.76 -13.44 7.55
N HIS B 98 -33.32 -13.69 8.74
CA HIS B 98 -33.58 -12.61 9.71
C HIS B 98 -32.51 -12.42 10.79
N ASP B 99 -31.70 -13.42 11.10
CA ASP B 99 -30.59 -13.19 12.02
C ASP B 99 -29.43 -12.53 11.27
N CYS B 100 -29.20 -11.24 11.54
CA CYS B 100 -28.17 -10.43 10.91
C CYS B 100 -26.98 -10.15 11.82
N SER B 101 -26.97 -10.69 13.04
CA SER B 101 -25.97 -10.30 14.02
C SER B 101 -24.57 -10.80 13.63
N ALA B 102 -23.56 -10.20 14.26
CA ALA B 102 -22.22 -10.76 14.12
C ALA B 102 -22.11 -12.09 14.86
N TYR B 103 -22.86 -12.24 15.96
CA TYR B 103 -22.76 -13.41 16.82
C TYR B 103 -23.17 -14.68 16.07
N THR B 104 -24.40 -14.72 15.56
CA THR B 104 -24.88 -15.91 14.90
C THR B 104 -25.36 -15.69 13.47
N GLY B 105 -25.32 -14.45 12.95
CA GLY B 105 -25.95 -14.15 11.68
C GLY B 105 -25.03 -13.65 10.59
N TRP B 106 -25.62 -12.93 9.61
CA TRP B 106 -24.92 -12.62 8.37
C TRP B 106 -23.71 -11.70 8.58
N THR B 107 -23.75 -10.82 9.57
CA THR B 107 -22.60 -9.93 9.82
C THR B 107 -21.36 -10.73 10.21
N GLY B 108 -21.54 -11.80 11.01
CA GLY B 108 -20.43 -12.68 11.35
C GLY B 108 -19.70 -13.24 10.13
N ILE B 109 -20.45 -13.75 9.14
CA ILE B 109 -19.85 -14.29 7.91
C ILE B 109 -19.14 -13.18 7.12
N ALA B 110 -19.75 -11.99 7.07
CA ALA B 110 -19.07 -10.84 6.48
C ALA B 110 -17.74 -10.58 7.18
N LEU B 111 -17.72 -10.69 8.51
CA LEU B 111 -16.48 -10.47 9.27
C LEU B 111 -15.42 -11.53 8.92
N LEU B 112 -15.82 -12.81 8.91
CA LEU B 112 -14.93 -13.86 8.45
C LEU B 112 -14.27 -13.49 7.12
N TYR B 113 -15.06 -13.09 6.12
CA TYR B 113 -14.46 -12.79 4.82
C TYR B 113 -13.60 -11.54 4.89
N LEU B 114 -14.02 -10.55 5.70
CA LEU B 114 -13.16 -9.39 5.96
C LEU B 114 -11.82 -9.79 6.54
N GLN B 115 -11.84 -10.69 7.54
CA GLN B 115 -10.63 -11.23 8.12
C GLN B 115 -9.82 -12.00 7.09
N LEU B 116 -10.50 -12.79 6.25
CA LEU B 116 -9.80 -13.54 5.20
C LEU B 116 -9.12 -12.58 4.23
N TYR B 117 -9.79 -11.44 3.94
CA TYR B 117 -9.19 -10.42 3.08
C TYR B 117 -8.01 -9.75 3.76
N ARG B 118 -8.10 -9.52 5.08
CA ARG B 118 -7.00 -8.90 5.81
C ARG B 118 -5.72 -9.73 5.70
N VAL B 119 -5.83 -11.06 5.82
CA VAL B 119 -4.62 -11.88 5.90
C VAL B 119 -4.11 -12.41 4.57
N THR B 120 -4.93 -12.38 3.51
CA THR B 120 -4.50 -12.82 2.19
C THR B 120 -4.46 -11.72 1.14
N CYS B 121 -5.21 -10.63 1.33
CA CYS B 121 -5.30 -9.50 0.40
C CYS B 121 -6.03 -9.85 -0.88
N ASP B 122 -6.71 -10.99 -0.91
CA ASP B 122 -7.40 -11.45 -2.10
C ASP B 122 -8.75 -10.76 -2.16
N GLN B 123 -8.86 -9.81 -3.11
CA GLN B 123 -10.07 -9.01 -3.28
C GLN B 123 -11.35 -9.85 -3.31
N THR B 124 -11.25 -11.08 -3.80
CA THR B 124 -12.38 -12.01 -3.77
C THR B 124 -13.07 -12.02 -2.41
N TYR B 125 -12.29 -11.95 -1.33
CA TYR B 125 -12.85 -12.04 0.00
C TYR B 125 -13.55 -10.75 0.40
N LEU B 126 -12.99 -9.61 0.02
CA LEU B 126 -13.65 -8.34 0.27
C LEU B 126 -14.98 -8.27 -0.48
N LEU B 127 -15.04 -8.83 -1.68
CA LEU B 127 -16.28 -8.73 -2.44
C LEU B 127 -17.35 -9.65 -1.87
N ARG B 128 -16.97 -10.84 -1.40
CA ARG B 128 -17.95 -11.71 -0.77
C ARG B 128 -18.41 -11.16 0.58
N SER B 129 -17.54 -10.43 1.28
CA SER B 129 -17.96 -9.88 2.56
C SER B 129 -19.04 -8.80 2.35
N LEU B 130 -18.92 -8.05 1.25
CA LEU B 130 -19.97 -7.12 0.84
C LEU B 130 -21.30 -7.82 0.59
N ASP B 131 -21.27 -8.94 -0.18
CA ASP B 131 -22.48 -9.72 -0.38
C ASP B 131 -23.22 -9.96 0.94
N TYR B 132 -22.47 -10.24 2.01
CA TYR B 132 -23.12 -10.58 3.26
C TYR B 132 -23.57 -9.34 4.05
N VAL B 133 -22.78 -8.24 4.09
CA VAL B 133 -23.29 -7.08 4.83
C VAL B 133 -24.55 -6.52 4.17
N LYS B 134 -24.61 -6.55 2.84
CA LYS B 134 -25.76 -5.99 2.12
C LYS B 134 -27.07 -6.59 2.61
N ARG B 135 -27.04 -7.87 3.01
CA ARG B 135 -28.23 -8.53 3.51
C ARG B 135 -28.70 -7.95 4.83
N THR B 136 -27.80 -7.34 5.59
CA THR B 136 -28.12 -6.85 6.93
C THR B 136 -28.51 -5.38 6.94
N LEU B 137 -28.18 -4.63 5.89
CA LEU B 137 -28.25 -3.18 5.92
C LEU B 137 -29.66 -2.65 5.68
N ARG B 138 -30.47 -3.33 4.87
CA ARG B 138 -31.85 -2.93 4.69
C ARG B 138 -32.80 -3.77 5.52
N ASN B 139 -32.37 -4.13 6.72
CA ASN B 139 -33.28 -4.67 7.72
C ASN B 139 -32.73 -4.42 9.11
N LEU B 140 -32.74 -3.14 9.52
CA LEU B 140 -32.26 -2.73 10.82
C LEU B 140 -33.41 -2.11 11.60
N ASN B 141 -33.76 -2.75 12.71
CA ASN B 141 -34.70 -2.18 13.69
C ASN B 141 -33.88 -1.41 14.70
N GLY B 142 -33.94 -0.08 14.65
CA GLY B 142 -32.96 0.75 15.34
C GLY B 142 -32.92 0.70 16.86
N ARG B 143 -33.06 -0.48 17.45
CA ARG B 143 -33.09 -0.63 18.90
C ARG B 143 -31.80 -1.25 19.45
N ARG B 144 -31.41 -2.43 18.96
CA ARG B 144 -30.26 -3.13 19.52
C ARG B 144 -28.94 -2.45 19.15
N VAL B 145 -28.10 -2.25 20.15
CA VAL B 145 -27.01 -1.28 20.10
C VAL B 145 -25.61 -1.89 19.91
N THR B 146 -25.43 -3.19 20.11
CA THR B 146 -24.04 -3.64 20.20
C THR B 146 -23.53 -4.14 18.87
N PHE B 147 -22.20 -4.21 18.79
CA PHE B 147 -21.52 -4.84 17.66
C PHE B 147 -21.93 -6.30 17.51
N LEU B 148 -21.82 -7.08 18.59
CA LEU B 148 -22.00 -8.53 18.47
C LEU B 148 -23.44 -8.89 18.11
N CYS B 149 -24.41 -8.21 18.69
CA CYS B 149 -25.80 -8.66 18.58
C CYS B 149 -26.76 -7.60 18.03
N GLY B 150 -26.35 -6.34 17.90
CA GLY B 150 -27.24 -5.26 17.57
C GLY B 150 -27.08 -4.71 16.15
N ASP B 151 -27.69 -3.54 15.94
CA ASP B 151 -27.54 -2.87 14.65
C ASP B 151 -26.11 -2.45 14.40
N ALA B 152 -25.34 -2.20 15.46
CA ALA B 152 -24.00 -1.63 15.33
C ALA B 152 -23.01 -2.56 14.64
N GLY B 153 -23.28 -3.87 14.61
CA GLY B 153 -22.46 -4.80 13.87
C GLY B 153 -22.59 -4.60 12.38
N PRO B 154 -23.80 -4.80 11.84
CA PRO B 154 -24.03 -4.52 10.41
C PRO B 154 -23.55 -3.14 9.96
N LEU B 155 -23.90 -2.10 10.71
CA LEU B 155 -23.50 -0.75 10.34
C LEU B 155 -21.99 -0.60 10.34
N ALA B 156 -21.32 -0.99 11.43
CA ALA B 156 -19.90 -0.69 11.51
C ALA B 156 -19.10 -1.57 10.57
N VAL B 157 -19.48 -2.85 10.45
CA VAL B 157 -18.82 -3.71 9.47
C VAL B 157 -19.11 -3.21 8.05
N GLY B 158 -20.35 -2.76 7.80
CA GLY B 158 -20.64 -2.15 6.52
C GLY B 158 -19.78 -0.93 6.24
N ALA B 159 -19.64 -0.05 7.24
CA ALA B 159 -18.78 1.11 7.09
C ALA B 159 -17.38 0.72 6.61
N VAL B 160 -16.78 -0.26 7.27
CA VAL B 160 -15.42 -0.66 6.95
C VAL B 160 -15.33 -1.26 5.56
N ILE B 161 -16.30 -2.12 5.21
CA ILE B 161 -16.28 -2.75 3.90
C ILE B 161 -16.38 -1.69 2.82
N TYR B 162 -17.32 -0.74 2.96
CA TYR B 162 -17.51 0.26 1.92
C TYR B 162 -16.30 1.17 1.82
N HIS B 163 -15.66 1.49 2.95
CA HIS B 163 -14.40 2.24 2.93
C HIS B 163 -13.35 1.53 2.08
N LYS B 164 -13.11 0.25 2.35
CA LYS B 164 -12.09 -0.50 1.62
C LYS B 164 -12.43 -0.65 0.14
N LEU B 165 -13.72 -0.72 -0.21
CA LEU B 165 -14.10 -0.70 -1.62
C LEU B 165 -14.16 0.72 -2.20
N ARG B 166 -13.67 1.72 -1.46
CA ARG B 166 -13.66 3.12 -1.87
C ARG B 166 -15.05 3.68 -2.16
N SER B 167 -16.10 3.13 -1.54
CA SER B 167 -17.44 3.73 -1.65
C SER B 167 -17.66 4.62 -0.43
N ASP B 168 -17.20 5.88 -0.54
CA ASP B 168 -17.14 6.78 0.60
C ASP B 168 -18.50 7.26 1.04
N CYS B 169 -19.45 7.42 0.11
CA CYS B 169 -20.78 7.87 0.52
C CYS B 169 -21.53 6.77 1.25
N GLU B 170 -21.42 5.52 0.79
CA GLU B 170 -22.07 4.43 1.51
C GLU B 170 -21.42 4.21 2.88
N SER B 171 -20.09 4.29 2.94
CA SER B 171 -19.39 4.18 4.21
C SER B 171 -19.87 5.21 5.20
N GLN B 172 -19.87 6.48 4.82
CA GLN B 172 -20.33 7.54 5.72
C GLN B 172 -21.76 7.32 6.15
N GLU B 173 -22.61 6.79 5.27
CA GLU B 173 -24.00 6.56 5.67
C GLU B 173 -24.10 5.50 6.76
N CYS B 174 -23.31 4.42 6.65
CA CYS B 174 -23.28 3.44 7.74
C CYS B 174 -22.90 4.11 9.05
N VAL B 175 -21.90 4.99 9.03
CA VAL B 175 -21.41 5.63 10.25
C VAL B 175 -22.48 6.54 10.83
N THR B 176 -23.09 7.38 9.98
CA THR B 176 -24.16 8.26 10.43
C THR B 176 -25.27 7.47 11.10
N LYS B 177 -25.70 6.37 10.47
CA LYS B 177 -26.77 5.57 11.04
C LYS B 177 -26.34 4.92 12.35
N LEU B 178 -25.06 4.54 12.45
CA LEU B 178 -24.54 3.96 13.68
C LEU B 178 -24.63 4.94 14.84
N LEU B 179 -24.16 6.16 14.63
CA LEU B 179 -24.13 7.15 15.71
C LEU B 179 -25.53 7.52 16.21
N GLN B 180 -26.59 7.28 15.43
CA GLN B 180 -27.93 7.54 15.95
C GLN B 180 -28.27 6.62 17.13
N LEU B 181 -27.60 5.49 17.29
CA LEU B 181 -27.86 4.68 18.47
C LEU B 181 -27.31 5.32 19.73
N GLN B 182 -26.43 6.31 19.58
CA GLN B 182 -25.68 6.88 20.69
C GLN B 182 -26.59 7.32 21.84
N ARG B 183 -27.68 8.01 21.52
CA ARG B 183 -28.48 8.64 22.56
C ARG B 183 -29.02 7.59 23.53
N SER B 184 -29.58 6.50 23.00
CA SER B 184 -30.09 5.45 23.87
C SER B 184 -28.98 4.80 24.70
N VAL B 185 -27.72 4.89 24.27
CA VAL B 185 -26.63 4.28 25.01
C VAL B 185 -26.18 5.14 26.18
N VAL B 186 -26.19 6.46 26.02
CA VAL B 186 -25.70 7.33 27.08
C VAL B 186 -26.78 7.70 28.09
N CYS B 187 -28.06 7.53 27.76
CA CYS B 187 -29.12 7.72 28.74
C CYS B 187 -28.98 6.73 29.88
N GLN B 188 -28.98 7.24 31.12
CA GLN B 188 -28.95 6.35 32.28
C GLN B 188 -30.33 5.81 32.63
N GLU B 189 -31.41 6.45 32.16
CA GLU B 189 -32.76 6.00 32.44
C GLU B 189 -33.27 5.14 31.28
N SER B 190 -32.63 3.98 31.11
CA SER B 190 -32.96 3.11 29.98
C SER B 190 -32.99 1.63 30.30
N ASP B 191 -32.46 1.17 31.43
CA ASP B 191 -32.38 -0.25 31.79
C ASP B 191 -31.51 -1.04 30.82
N LEU B 192 -30.78 -0.38 29.94
CA LEU B 192 -29.83 -1.06 29.08
C LEU B 192 -28.67 -1.58 29.91
N PRO B 193 -28.24 -2.81 29.73
CA PRO B 193 -27.12 -3.31 30.54
C PRO B 193 -25.79 -2.68 30.11
N ASP B 194 -24.68 -3.10 30.71
CA ASP B 194 -23.40 -2.53 30.32
C ASP B 194 -22.49 -3.50 29.60
N GLU B 195 -22.85 -4.78 29.52
CA GLU B 195 -21.91 -5.79 29.07
C GLU B 195 -21.81 -5.79 27.53
N LEU B 196 -21.04 -6.74 27.02
CA LEU B 196 -20.55 -6.69 25.65
C LEU B 196 -21.60 -7.17 24.65
N LEU B 197 -22.44 -8.14 25.02
CA LEU B 197 -23.36 -8.68 24.02
C LEU B 197 -24.59 -7.79 23.81
N TYR B 198 -25.09 -7.13 24.86
CA TYR B 198 -26.32 -6.36 24.73
C TYR B 198 -26.25 -4.96 25.31
N GLY B 199 -25.16 -4.59 25.99
CA GLY B 199 -25.08 -3.36 26.71
C GLY B 199 -24.14 -2.34 26.12
N ARG B 200 -23.69 -1.40 26.98
CA ARG B 200 -23.00 -0.23 26.49
C ARG B 200 -21.62 -0.56 25.93
N ALA B 201 -20.91 -1.52 26.54
CA ALA B 201 -19.57 -1.83 26.09
C ALA B 201 -19.57 -2.41 24.68
N GLY B 202 -20.64 -3.13 24.31
CA GLY B 202 -20.75 -3.63 22.96
C GLY B 202 -20.95 -2.52 21.94
N TYR B 203 -21.58 -1.43 22.36
CA TYR B 203 -21.68 -0.29 21.45
C TYR B 203 -20.38 0.49 21.43
N LEU B 204 -19.72 0.61 22.57
CA LEU B 204 -18.39 1.18 22.58
C LEU B 204 -17.48 0.42 21.61
N TYR B 205 -17.55 -0.93 21.61
CA TYR B 205 -16.69 -1.71 20.73
C TYR B 205 -16.83 -1.28 19.28
N ALA B 206 -18.08 -1.13 18.80
CA ALA B 206 -18.29 -0.70 17.42
C ALA B 206 -17.65 0.65 17.15
N LEU B 207 -17.66 1.54 18.14
CA LEU B 207 -17.01 2.84 17.97
C LEU B 207 -15.50 2.67 17.83
N LEU B 208 -14.87 1.96 18.78
CA LEU B 208 -13.43 1.73 18.71
C LEU B 208 -13.04 0.97 17.45
N TYR B 209 -13.93 0.11 16.96
CA TYR B 209 -13.69 -0.65 15.74
C TYR B 209 -13.58 0.26 14.52
N LEU B 210 -14.50 1.23 14.40
CA LEU B 210 -14.39 2.19 13.32
C LEU B 210 -13.11 2.99 13.44
N ASN B 211 -12.78 3.44 14.65
CA ASN B 211 -11.60 4.30 14.75
C ASN B 211 -10.31 3.53 14.60
N THR B 212 -10.33 2.21 14.76
CA THR B 212 -9.12 1.45 14.52
C THR B 212 -9.10 0.76 13.15
N GLU B 213 -10.26 0.51 12.53
CA GLU B 213 -10.20 -0.13 11.22
C GLU B 213 -10.18 0.90 10.10
N ILE B 214 -10.97 1.96 10.21
CA ILE B 214 -10.97 3.00 9.20
C ILE B 214 -9.96 4.08 9.53
N GLY B 215 -9.88 4.47 10.80
CA GLY B 215 -8.88 5.44 11.20
C GLY B 215 -9.42 6.40 12.23
N PRO B 216 -8.52 7.05 12.95
CA PRO B 216 -8.95 8.09 13.89
C PRO B 216 -9.64 9.19 13.12
N GLY B 217 -10.50 9.91 13.79
CA GLY B 217 -11.33 10.86 13.07
C GLY B 217 -12.47 10.24 12.30
N THR B 218 -12.66 8.91 12.36
CA THR B 218 -13.89 8.33 11.83
C THR B 218 -15.04 8.59 12.79
N VAL B 219 -14.81 8.38 14.08
CA VAL B 219 -15.82 8.58 15.12
C VAL B 219 -15.33 9.68 16.03
N CYS B 220 -16.22 10.62 16.37
CA CYS B 220 -15.87 11.73 17.24
C CYS B 220 -15.46 11.26 18.62
N GLU B 221 -14.30 11.75 19.08
CA GLU B 221 -13.81 11.45 20.43
C GLU B 221 -14.80 11.79 21.53
N SER B 222 -15.61 12.84 21.35
CA SER B 222 -16.55 13.22 22.41
C SER B 222 -17.71 12.23 22.49
N ALA B 223 -18.06 11.59 21.37
CA ALA B 223 -19.05 10.53 21.40
C ALA B 223 -18.51 9.29 22.09
N ILE B 224 -17.23 8.98 21.88
CA ILE B 224 -16.61 7.87 22.59
C ILE B 224 -16.52 8.19 24.08
N LYS B 225 -16.21 9.46 24.42
CA LYS B 225 -16.11 9.87 25.81
C LYS B 225 -17.44 9.73 26.53
N GLU B 226 -18.53 10.10 25.86
CA GLU B 226 -19.87 10.01 26.45
C GLU B 226 -20.24 8.58 26.80
N VAL B 227 -19.88 7.64 25.92
CA VAL B 227 -20.16 6.25 26.19
C VAL B 227 -19.34 5.78 27.38
N VAL B 228 -18.06 6.14 27.41
CA VAL B 228 -17.19 5.78 28.54
C VAL B 228 -17.76 6.32 29.85
N ASN B 229 -18.09 7.62 29.88
CA ASN B 229 -18.64 8.22 31.09
C ASN B 229 -19.95 7.54 31.52
N ALA B 230 -20.78 7.13 30.56
CA ALA B 230 -21.98 6.39 30.93
C ALA B 230 -21.64 5.03 31.55
N ILE B 231 -20.63 4.33 31.01
CA ILE B 231 -20.26 3.04 31.57
C ILE B 231 -19.68 3.21 32.97
N ILE B 232 -18.88 4.26 33.17
CA ILE B 232 -18.33 4.56 34.49
C ILE B 232 -19.43 4.87 35.50
N GLU B 233 -20.30 5.84 35.17
CA GLU B 233 -21.38 6.19 36.09
C GLU B 233 -22.24 4.98 36.44
N SER B 234 -22.51 4.11 35.47
CA SER B 234 -23.32 2.94 35.78
C SER B 234 -22.60 2.01 36.74
N GLY B 235 -21.30 1.78 36.53
CA GLY B 235 -20.52 1.00 37.47
C GLY B 235 -20.47 1.63 38.85
N LYS B 236 -20.20 2.94 38.91
CA LYS B 236 -20.19 3.67 40.17
C LYS B 236 -21.54 3.58 40.88
N THR B 237 -22.63 3.71 40.13
CA THR B 237 -23.96 3.75 40.73
C THR B 237 -24.30 2.41 41.38
N LEU B 238 -24.12 1.31 40.66
CA LEU B 238 -24.45 0.00 41.22
C LEU B 238 -23.52 -0.32 42.40
N SER B 239 -22.26 0.08 42.30
CA SER B 239 -21.32 -0.17 43.39
C SER B 239 -21.76 0.54 44.65
N ARG B 240 -22.28 1.76 44.50
CA ARG B 240 -22.86 2.47 45.64
C ARG B 240 -24.09 1.74 46.18
N GLU B 241 -24.97 1.24 45.29
CA GLU B 241 -26.23 0.67 45.76
C GLU B 241 -26.00 -0.63 46.53
N GLU B 242 -25.21 -1.54 45.98
CA GLU B 242 -24.59 -2.54 46.84
C GLU B 242 -23.61 -1.80 47.76
N ARG B 243 -22.90 -2.50 48.61
CA ARG B 243 -22.07 -1.58 49.40
C ARG B 243 -20.60 -1.89 49.12
N LYS B 244 -20.22 -1.73 47.86
CA LYS B 244 -18.96 -2.26 47.36
C LYS B 244 -18.07 -1.19 46.74
N THR B 245 -18.28 0.09 47.07
CA THR B 245 -17.49 1.17 46.46
C THR B 245 -16.00 1.01 46.76
N GLU B 246 -15.64 0.55 47.96
CA GLU B 246 -14.23 0.38 48.25
C GLU B 246 -13.70 -0.91 47.61
N ARG B 247 -14.43 -2.01 47.77
CA ARG B 247 -13.95 -3.30 47.28
C ARG B 247 -13.92 -3.35 45.75
N CYS B 248 -14.95 -2.82 45.10
CA CYS B 248 -15.10 -2.95 43.65
C CYS B 248 -15.77 -1.71 43.07
N PRO B 249 -14.99 -0.67 42.80
CA PRO B 249 -15.59 0.63 42.43
C PRO B 249 -16.57 0.60 41.24
N LEU B 250 -16.33 -0.25 40.24
CA LEU B 250 -17.17 -0.33 39.05
C LEU B 250 -17.89 -1.66 39.04
N LEU B 251 -19.20 -1.63 39.30
CA LEU B 251 -19.97 -2.86 39.47
C LEU B 251 -21.05 -2.93 38.41
N TYR B 252 -21.28 -4.13 37.89
CA TYR B 252 -22.20 -4.32 36.78
C TYR B 252 -22.98 -5.60 36.97
N GLN B 253 -24.18 -5.62 36.41
CA GLN B 253 -25.02 -6.79 36.46
C GLN B 253 -25.83 -6.89 35.19
N TRP B 254 -26.19 -8.11 34.83
CA TRP B 254 -27.02 -8.40 33.66
C TRP B 254 -28.06 -9.42 34.11
N HIS B 255 -29.32 -9.10 33.92
CA HIS B 255 -30.44 -9.90 34.45
C HIS B 255 -30.21 -10.18 35.92
N ARG B 256 -29.90 -9.09 36.65
CA ARG B 256 -29.74 -9.08 38.10
C ARG B 256 -28.66 -10.05 38.58
N LYS B 257 -27.74 -10.44 37.70
CA LYS B 257 -26.62 -11.32 38.07
C LYS B 257 -25.29 -10.64 37.76
N GLN B 258 -24.35 -10.76 38.70
CA GLN B 258 -23.05 -10.10 38.56
C GLN B 258 -22.07 -11.05 37.88
N TYR B 259 -22.18 -11.14 36.57
CA TYR B 259 -21.32 -11.98 35.76
C TYR B 259 -19.86 -11.50 35.81
N VAL B 260 -18.94 -12.44 35.70
CA VAL B 260 -17.52 -12.15 35.85
C VAL B 260 -16.85 -11.99 34.49
N GLY B 261 -17.31 -12.76 33.50
CA GLY B 261 -16.52 -13.04 32.31
C GLY B 261 -16.65 -12.01 31.21
N ALA B 262 -16.17 -12.41 30.02
CA ALA B 262 -15.99 -11.50 28.89
C ALA B 262 -17.31 -11.14 28.21
N ALA B 263 -18.19 -12.13 28.03
CA ALA B 263 -19.37 -11.93 27.19
C ALA B 263 -20.42 -11.08 27.91
N HIS B 264 -20.72 -11.40 29.17
CA HIS B 264 -21.80 -10.73 29.89
C HIS B 264 -21.34 -10.08 31.18
N GLY B 265 -20.05 -10.07 31.44
CA GLY B 265 -19.63 -9.70 32.77
C GLY B 265 -18.57 -8.63 32.85
N MET B 266 -18.01 -8.51 34.05
CA MET B 266 -17.14 -7.39 34.38
C MET B 266 -15.82 -7.45 33.64
N ALA B 267 -15.28 -8.64 33.36
CA ALA B 267 -13.98 -8.72 32.68
C ALA B 267 -14.05 -8.14 31.27
N GLY B 268 -15.15 -8.38 30.57
CA GLY B 268 -15.32 -7.77 29.26
C GLY B 268 -15.52 -6.27 29.30
N ILE B 269 -16.15 -5.74 30.34
CA ILE B 269 -16.34 -4.29 30.41
C ILE B 269 -15.02 -3.58 30.69
N TYR B 270 -14.28 -4.07 31.70
CA TYR B 270 -12.96 -3.55 32.01
C TYR B 270 -12.02 -3.65 30.80
N TYR B 271 -12.05 -4.79 30.10
CA TYR B 271 -11.25 -4.98 28.89
C TYR B 271 -11.50 -3.86 27.88
N MET B 272 -12.77 -3.51 27.67
CA MET B 272 -13.08 -2.44 26.74
C MET B 272 -12.63 -1.08 27.27
N LEU B 273 -12.77 -0.83 28.58
CA LEU B 273 -12.35 0.46 29.12
C LEU B 273 -10.84 0.61 29.10
N MET B 274 -10.08 -0.51 29.14
CA MET B 274 -8.63 -0.46 29.07
C MET B 274 -8.11 -0.34 27.64
N GLN B 275 -8.98 -0.33 26.63
CA GLN B 275 -8.55 -0.23 25.22
C GLN B 275 -7.98 1.15 24.93
N PRO B 276 -6.80 1.25 24.33
CA PRO B 276 -6.23 2.58 24.04
C PRO B 276 -7.16 3.48 23.25
N ALA B 277 -7.99 2.93 22.35
CA ALA B 277 -8.85 3.79 21.54
C ALA B 277 -9.98 4.41 22.34
N ALA B 278 -10.34 3.84 23.50
CA ALA B 278 -11.37 4.44 24.33
C ALA B 278 -10.85 5.66 25.09
N LYS B 279 -9.55 5.71 25.36
CA LYS B 279 -8.89 6.89 25.90
C LYS B 279 -9.40 7.23 27.30
N VAL B 280 -9.64 6.20 28.12
CA VAL B 280 -10.01 6.43 29.51
C VAL B 280 -8.82 7.05 30.25
N ASP B 281 -9.12 8.06 31.08
CA ASP B 281 -8.05 8.82 31.73
C ASP B 281 -7.38 7.98 32.81
N GLN B 282 -6.15 8.36 33.15
CA GLN B 282 -5.34 7.52 34.02
C GLN B 282 -5.86 7.52 35.45
N GLU B 283 -6.49 8.62 35.88
CA GLU B 283 -7.11 8.63 37.21
C GLU B 283 -8.23 7.59 37.29
N THR B 284 -9.01 7.46 36.22
CA THR B 284 -10.08 6.46 36.21
C THR B 284 -9.51 5.05 36.13
N LEU B 285 -8.42 4.85 35.40
CA LEU B 285 -7.83 3.52 35.26
C LEU B 285 -7.26 3.01 36.59
N THR B 286 -6.51 3.84 37.30
CA THR B 286 -5.88 3.38 38.53
C THR B 286 -6.82 3.42 39.72
N GLU B 287 -7.76 4.36 39.77
CA GLU B 287 -8.67 4.45 40.91
C GLU B 287 -9.95 3.63 40.76
N MET B 288 -10.50 3.49 39.55
CA MET B 288 -11.77 2.78 39.35
C MET B 288 -11.60 1.41 38.67
N VAL B 289 -10.81 1.33 37.61
CA VAL B 289 -10.75 0.07 36.87
C VAL B 289 -9.84 -0.93 37.57
N LYS B 290 -8.63 -0.51 37.93
CA LYS B 290 -7.66 -1.43 38.54
C LYS B 290 -8.18 -2.10 39.81
N PRO B 291 -8.78 -1.40 40.79
CA PRO B 291 -9.28 -2.10 41.98
C PRO B 291 -10.45 -3.03 41.68
N SER B 292 -11.22 -2.76 40.63
CA SER B 292 -12.29 -3.69 40.28
C SER B 292 -11.73 -4.95 39.64
N ILE B 293 -10.68 -4.81 38.82
CA ILE B 293 -10.02 -5.97 38.23
C ILE B 293 -9.47 -6.86 39.34
N ASP B 294 -8.75 -6.25 40.29
CA ASP B 294 -8.24 -6.96 41.45
C ASP B 294 -9.37 -7.71 42.19
N TYR B 295 -10.53 -7.08 42.31
CA TYR B 295 -11.68 -7.74 42.96
C TYR B 295 -12.14 -8.95 42.17
N VAL B 296 -12.07 -8.90 40.83
CA VAL B 296 -12.41 -10.08 40.04
C VAL B 296 -11.32 -11.14 40.18
N ARG B 297 -10.05 -10.71 40.21
CA ARG B 297 -8.96 -11.64 40.43
C ARG B 297 -9.14 -12.44 41.72
N HIS B 298 -9.61 -11.80 42.79
CA HIS B 298 -9.69 -12.50 44.05
C HIS B 298 -10.92 -13.40 44.14
N LYS B 299 -11.77 -13.36 43.13
CA LYS B 299 -12.88 -14.31 43.07
C LYS B 299 -12.53 -15.60 42.34
N LYS B 300 -11.28 -15.79 41.89
CA LYS B 300 -10.95 -17.01 41.17
C LYS B 300 -10.89 -18.23 42.10
N PHE B 301 -11.28 -19.37 41.55
CA PHE B 301 -11.28 -20.65 42.25
C PHE B 301 -9.86 -21.11 42.56
N ARG B 302 -9.76 -22.03 43.53
CA ARG B 302 -8.48 -22.70 43.80
C ARG B 302 -7.89 -23.30 42.53
N SER B 303 -8.75 -23.79 41.64
CA SER B 303 -8.30 -24.41 40.39
C SER B 303 -7.66 -23.43 39.42
N GLY B 304 -7.82 -22.12 39.61
CA GLY B 304 -7.35 -21.16 38.63
C GLY B 304 -8.37 -20.79 37.56
N ASN B 305 -9.45 -21.55 37.42
CA ASN B 305 -10.57 -21.09 36.63
C ASN B 305 -11.36 -20.05 37.44
N TYR B 306 -12.28 -19.35 36.76
CA TYR B 306 -13.02 -18.26 37.36
C TYR B 306 -14.53 -18.56 37.36
N PRO B 307 -15.27 -18.15 38.39
CA PRO B 307 -16.72 -18.39 38.39
C PRO B 307 -17.43 -17.65 37.27
N SER B 308 -18.57 -18.18 36.85
CA SER B 308 -19.35 -17.48 35.83
C SER B 308 -19.98 -16.21 36.39
N SER B 309 -20.37 -16.24 37.65
CA SER B 309 -20.91 -15.10 38.36
C SER B 309 -20.43 -15.16 39.80
N LEU B 310 -20.40 -14.00 40.47
CA LEU B 310 -20.17 -13.99 41.91
C LEU B 310 -21.20 -14.87 42.60
N SER B 311 -22.42 -14.89 42.08
CA SER B 311 -23.53 -15.67 42.60
C SER B 311 -23.31 -17.17 42.48
N ASN B 312 -22.24 -17.63 41.83
CA ASN B 312 -22.07 -19.04 41.52
C ASN B 312 -20.75 -19.59 42.06
N GLU B 313 -20.77 -20.87 42.43
CA GLU B 313 -19.60 -21.51 43.01
C GLU B 313 -19.19 -22.80 42.31
N THR B 314 -19.97 -23.29 41.37
CA THR B 314 -19.55 -24.43 40.57
C THR B 314 -18.45 -24.03 39.60
N ASP B 315 -17.41 -24.86 39.52
CA ASP B 315 -16.31 -24.63 38.58
C ASP B 315 -16.52 -25.59 37.41
N ARG B 316 -17.24 -25.12 36.39
CA ARG B 316 -17.54 -26.06 35.31
C ARG B 316 -17.31 -25.50 33.91
N LEU B 317 -17.43 -24.19 33.70
CA LEU B 317 -17.37 -23.58 32.39
C LEU B 317 -15.98 -22.99 32.13
N VAL B 318 -15.36 -23.45 31.04
CA VAL B 318 -14.06 -22.94 30.57
C VAL B 318 -14.29 -22.39 29.16
N HIS B 319 -14.94 -21.24 29.09
CA HIS B 319 -15.38 -20.64 27.83
C HIS B 319 -14.85 -19.22 27.72
N TRP B 320 -14.70 -18.73 26.49
CA TRP B 320 -14.56 -17.29 26.34
C TRP B 320 -15.68 -16.57 27.09
N CYS B 321 -16.92 -17.01 26.92
CA CYS B 321 -18.03 -16.24 27.49
C CYS B 321 -18.06 -16.33 29.01
N HIS B 322 -17.72 -17.49 29.58
CA HIS B 322 -17.66 -17.69 31.03
C HIS B 322 -16.41 -18.49 31.38
N GLY B 323 -15.57 -17.95 32.25
CA GLY B 323 -14.40 -18.67 32.72
C GLY B 323 -13.09 -18.12 32.17
N ALA B 324 -12.01 -18.83 32.47
CA ALA B 324 -10.65 -18.36 32.22
C ALA B 324 -10.35 -17.94 30.78
N PRO B 325 -10.87 -18.60 29.73
CA PRO B 325 -10.60 -18.10 28.36
C PRO B 325 -11.10 -16.68 28.10
N GLY B 326 -12.11 -16.19 28.84
CA GLY B 326 -12.53 -14.80 28.75
C GLY B 326 -11.74 -13.90 29.69
N VAL B 327 -11.63 -14.31 30.95
CA VAL B 327 -10.95 -13.52 32.00
C VAL B 327 -9.49 -13.28 31.67
N ILE B 328 -8.84 -14.22 30.97
CA ILE B 328 -7.42 -14.06 30.66
C ILE B 328 -7.18 -12.80 29.86
N HIS B 329 -8.15 -12.40 29.03
CA HIS B 329 -7.90 -11.22 28.21
C HIS B 329 -7.90 -9.94 29.04
N MET B 330 -8.75 -9.88 30.07
CA MET B 330 -8.70 -8.74 30.99
C MET B 330 -7.35 -8.70 31.70
N LEU B 331 -6.83 -9.86 32.12
CA LEU B 331 -5.54 -9.92 32.80
C LEU B 331 -4.40 -9.53 31.87
N MET B 332 -4.41 -10.06 30.64
CA MET B 332 -3.40 -9.67 29.65
C MET B 332 -3.50 -8.18 29.34
N GLN B 333 -4.71 -7.64 29.24
CA GLN B 333 -4.82 -6.22 28.98
C GLN B 333 -4.44 -5.39 30.20
N ALA B 334 -4.73 -5.88 31.40
CA ALA B 334 -4.32 -5.16 32.61
C ALA B 334 -2.78 -5.09 32.71
N TYR B 335 -2.09 -6.15 32.28
CA TYR B 335 -0.63 -6.10 32.25
C TYR B 335 -0.13 -5.05 31.24
N LYS B 336 -0.72 -5.02 30.04
CA LYS B 336 -0.35 -4.00 29.06
C LYS B 336 -0.53 -2.60 29.64
N VAL B 337 -1.67 -2.36 30.28
CA VAL B 337 -2.00 -1.01 30.76
C VAL B 337 -1.22 -0.68 32.02
N PHE B 338 -1.29 -1.53 33.05
CA PHE B 338 -0.69 -1.23 34.34
C PHE B 338 0.71 -1.82 34.54
N LYS B 339 1.14 -2.75 33.70
CA LYS B 339 2.55 -3.18 33.64
C LYS B 339 3.06 -3.78 34.96
N GLU B 340 2.20 -4.46 35.71
CA GLU B 340 2.61 -5.12 36.94
C GLU B 340 2.60 -6.63 36.72
N GLU B 341 3.71 -7.27 37.09
CA GLU B 341 3.95 -8.66 36.72
C GLU B 341 2.86 -9.60 37.20
N LYS B 342 2.22 -9.29 38.34
CA LYS B 342 1.24 -10.25 38.85
C LYS B 342 0.12 -10.47 37.85
N TYR B 343 -0.19 -9.45 37.02
CA TYR B 343 -1.20 -9.60 35.97
C TYR B 343 -0.75 -10.57 34.89
N LEU B 344 0.52 -10.48 34.49
CA LEU B 344 1.01 -11.43 33.49
C LEU B 344 1.14 -12.83 34.05
N LYS B 345 1.50 -12.95 35.34
CA LYS B 345 1.63 -14.27 35.94
C LYS B 345 0.29 -14.99 35.98
N GLU B 346 -0.76 -14.29 36.41
CA GLU B 346 -2.11 -14.86 36.42
C GLU B 346 -2.63 -15.15 35.02
N ALA B 347 -2.21 -14.37 34.02
CA ALA B 347 -2.57 -14.71 32.64
C ALA B 347 -1.89 -16.01 32.21
N MET B 348 -0.65 -16.23 32.63
CA MET B 348 -0.02 -17.51 32.34
C MET B 348 -0.71 -18.65 33.07
N GLU B 349 -1.10 -18.45 34.34
CA GLU B 349 -1.84 -19.50 35.03
C GLU B 349 -3.15 -19.83 34.32
N CYS B 350 -3.86 -18.80 33.84
CA CYS B 350 -5.03 -19.02 32.99
C CYS B 350 -4.68 -19.86 31.78
N SER B 351 -3.52 -19.61 31.18
CA SER B 351 -3.17 -20.37 30.00
C SER B 351 -3.08 -21.85 30.33
N ASP B 352 -2.49 -22.19 31.47
CA ASP B 352 -2.35 -23.61 31.83
C ASP B 352 -3.70 -24.24 32.15
N VAL B 353 -4.59 -23.50 32.81
CA VAL B 353 -5.96 -23.98 33.01
C VAL B 353 -6.59 -24.30 31.66
N ILE B 354 -6.44 -23.40 30.70
CA ILE B 354 -7.10 -23.58 29.40
C ILE B 354 -6.42 -24.69 28.61
N TRP B 355 -5.09 -24.79 28.73
CA TRP B 355 -4.37 -25.90 28.09
C TRP B 355 -4.89 -27.25 28.58
N GLN B 356 -5.14 -27.38 29.89
CA GLN B 356 -5.65 -28.64 30.41
C GLN B 356 -7.13 -28.85 30.11
N ARG B 357 -7.93 -27.78 30.07
CA ARG B 357 -9.39 -27.95 30.07
C ARG B 357 -10.06 -27.34 28.85
N GLY B 358 -9.29 -26.81 27.89
CA GLY B 358 -9.84 -26.00 26.82
C GLY B 358 -10.40 -26.70 25.59
N LEU B 359 -10.09 -27.99 25.39
CA LEU B 359 -10.68 -28.77 24.30
C LEU B 359 -12.09 -29.20 24.70
N LEU B 360 -13.10 -28.48 24.23
CA LEU B 360 -14.46 -28.63 24.76
C LEU B 360 -15.29 -29.60 23.94
N ARG B 361 -16.05 -30.46 24.64
CA ARG B 361 -17.09 -31.24 23.98
C ARG B 361 -18.21 -30.38 23.40
N LYS B 362 -18.34 -29.12 23.81
CA LYS B 362 -19.35 -28.26 23.20
C LYS B 362 -19.09 -28.05 21.71
N GLY B 363 -17.85 -28.21 21.28
CA GLY B 363 -17.49 -28.01 19.89
C GLY B 363 -16.31 -27.08 19.78
N TYR B 364 -16.18 -26.49 18.59
CA TYR B 364 -14.98 -25.79 18.14
C TYR B 364 -15.18 -24.27 18.03
N GLY B 365 -16.18 -23.71 18.69
CA GLY B 365 -16.55 -22.33 18.42
C GLY B 365 -15.71 -21.30 19.17
N ILE B 366 -16.11 -20.05 18.98
CA ILE B 366 -15.41 -18.93 19.59
C ILE B 366 -15.94 -18.65 20.99
N CYS B 367 -17.26 -18.52 21.09
CA CYS B 367 -17.88 -18.14 22.35
C CYS B 367 -17.60 -19.14 23.45
N HIS B 368 -17.77 -20.43 23.14
CA HIS B 368 -17.61 -21.53 24.11
C HIS B 368 -17.13 -22.75 23.31
N GLY B 369 -15.83 -22.75 23.01
CA GLY B 369 -15.29 -23.78 22.15
C GLY B 369 -13.77 -23.73 22.05
N THR B 370 -13.24 -24.73 21.34
CA THR B 370 -11.79 -24.87 21.20
C THR B 370 -11.15 -23.65 20.52
N ALA B 371 -11.73 -23.18 19.41
CA ALA B 371 -11.14 -22.04 18.70
C ALA B 371 -11.08 -20.81 19.58
N GLY B 372 -12.21 -20.46 20.20
CA GLY B 372 -12.20 -19.36 21.16
C GLY B 372 -11.16 -19.55 22.25
N ASN B 373 -11.08 -20.77 22.79
CA ASN B 373 -10.04 -21.02 23.76
C ASN B 373 -8.66 -21.00 23.10
N GLY B 374 -8.54 -21.50 21.87
CA GLY B 374 -7.26 -21.48 21.19
C GLY B 374 -6.73 -20.07 21.03
N TYR B 375 -7.63 -19.09 20.85
CA TYR B 375 -7.19 -17.70 20.66
C TYR B 375 -6.45 -17.19 21.89
N SER B 376 -6.76 -17.72 23.07
CA SER B 376 -6.07 -17.26 24.27
C SER B 376 -4.56 -17.47 24.14
N PHE B 377 -4.15 -18.53 23.44
CA PHE B 377 -2.72 -18.80 23.27
C PHE B 377 -2.12 -17.84 22.25
N LEU B 378 -2.88 -17.50 21.21
CA LEU B 378 -2.39 -16.54 20.23
C LEU B 378 -2.20 -15.16 20.87
N SER B 379 -3.13 -14.74 21.71
CA SER B 379 -2.99 -13.42 22.31
C SER B 379 -1.85 -13.39 23.32
N LEU B 380 -1.75 -14.43 24.17
CA LEU B 380 -0.66 -14.47 25.14
C LEU B 380 0.70 -14.62 24.47
N TYR B 381 0.77 -15.31 23.32
CA TYR B 381 2.01 -15.38 22.57
C TYR B 381 2.45 -14.01 22.06
N ARG B 382 1.53 -13.22 21.50
CA ARG B 382 1.88 -11.88 21.05
C ARG B 382 2.47 -11.06 22.19
N LEU B 383 1.83 -11.17 23.36
CA LEU B 383 2.19 -10.34 24.51
C LEU B 383 3.54 -10.75 25.10
N THR B 384 3.92 -12.04 24.99
CA THR B 384 5.12 -12.53 25.66
C THR B 384 6.24 -12.94 24.74
N GLN B 385 5.94 -13.23 23.47
CA GLN B 385 6.91 -13.78 22.52
C GLN B 385 7.48 -15.12 22.99
N ASP B 386 6.80 -15.79 23.93
CA ASP B 386 7.18 -17.12 24.36
C ASP B 386 6.51 -18.14 23.44
N LYS B 387 7.33 -18.89 22.71
CA LYS B 387 6.84 -19.86 21.73
C LYS B 387 6.05 -20.99 22.36
N LYS B 388 6.11 -21.13 23.70
CA LYS B 388 5.22 -22.06 24.39
C LYS B 388 3.77 -21.82 24.00
N TYR B 389 3.37 -20.55 23.91
CA TYR B 389 1.97 -20.24 23.65
C TYR B 389 1.63 -20.37 22.17
N LEU B 390 2.57 -19.98 21.29
CA LEU B 390 2.44 -20.33 19.89
C LEU B 390 2.16 -21.81 19.73
N TYR B 391 3.03 -22.66 20.33
CA TYR B 391 2.86 -24.10 20.25
C TYR B 391 1.49 -24.53 20.75
N ARG B 392 1.07 -23.99 21.89
CA ARG B 392 -0.24 -24.37 22.39
C ARG B 392 -1.34 -23.96 21.41
N ALA B 393 -1.18 -22.81 20.76
CA ALA B 393 -2.12 -22.41 19.73
C ALA B 393 -2.14 -23.41 18.57
N CYS B 394 -0.97 -23.91 18.16
CA CYS B 394 -0.91 -24.81 17.01
C CYS B 394 -1.56 -26.15 17.30
N LYS B 395 -1.46 -26.65 18.54
CA LYS B 395 -2.11 -27.92 18.85
C LYS B 395 -3.62 -27.75 18.94
N PHE B 396 -4.08 -26.61 19.41
CA PHE B 396 -5.52 -26.34 19.35
C PHE B 396 -5.97 -26.21 17.90
N ALA B 397 -5.14 -25.63 17.03
CA ALA B 397 -5.46 -25.60 15.61
C ALA B 397 -5.50 -27.01 15.04
N GLU B 398 -4.53 -27.85 15.45
CA GLU B 398 -4.47 -29.23 15.00
C GLU B 398 -5.74 -29.99 15.37
N TRP B 399 -6.27 -29.75 16.57
CA TRP B 399 -7.54 -30.34 16.98
C TRP B 399 -8.67 -29.89 16.07
N CYS B 400 -8.69 -28.60 15.71
CA CYS B 400 -9.72 -28.05 14.84
C CYS B 400 -9.60 -28.58 13.42
N LEU B 401 -8.41 -29.04 13.02
CA LEU B 401 -8.25 -29.68 11.73
C LEU B 401 -9.09 -30.95 11.61
N ASP B 402 -9.42 -31.59 12.73
CA ASP B 402 -10.29 -32.76 12.77
C ASP B 402 -11.75 -32.40 13.07
N TYR B 403 -12.16 -31.18 12.71
CA TYR B 403 -13.50 -30.67 12.91
C TYR B 403 -14.54 -31.74 12.59
N GLY B 404 -15.38 -32.05 13.57
CA GLY B 404 -16.49 -32.97 13.38
C GLY B 404 -16.18 -34.42 13.63
N ALA B 405 -14.90 -34.76 13.91
CA ALA B 405 -14.47 -36.14 14.05
C ALA B 405 -14.24 -36.55 15.50
N HIS B 406 -14.77 -35.78 16.47
CA HIS B 406 -14.54 -36.05 17.89
C HIS B 406 -15.81 -36.39 18.66
N GLY B 407 -16.96 -36.36 18.01
CA GLY B 407 -18.18 -36.59 18.76
C GLY B 407 -18.69 -35.37 19.49
N CYS B 408 -18.30 -34.18 19.05
CA CYS B 408 -18.81 -32.95 19.64
C CYS B 408 -20.28 -32.74 19.33
N ARG B 409 -20.95 -32.03 20.23
CA ARG B 409 -22.30 -31.53 19.94
C ARG B 409 -22.26 -30.63 18.71
N ILE B 410 -23.35 -30.65 17.95
CA ILE B 410 -23.51 -29.72 16.83
C ILE B 410 -24.12 -28.43 17.38
N PRO B 411 -23.53 -27.26 17.15
CA PRO B 411 -24.12 -26.03 17.71
C PRO B 411 -25.48 -25.70 17.08
N ASP B 412 -26.22 -24.84 17.79
CA ASP B 412 -27.52 -24.37 17.31
C ASP B 412 -27.41 -23.68 15.95
N ARG B 413 -26.41 -22.82 15.78
CA ARG B 413 -26.12 -22.22 14.47
C ARG B 413 -24.77 -22.74 14.02
N PRO B 414 -24.72 -23.92 13.38
CA PRO B 414 -23.43 -24.60 13.20
C PRO B 414 -22.50 -23.91 12.24
N TYR B 415 -22.91 -22.85 11.56
CA TYR B 415 -22.04 -22.20 10.59
C TYR B 415 -21.62 -20.79 10.98
N SER B 416 -22.10 -20.28 12.11
CA SER B 416 -21.89 -18.91 12.51
C SER B 416 -20.45 -18.66 13.00
N LEU B 417 -20.16 -17.38 13.21
CA LEU B 417 -18.84 -16.95 13.68
C LEU B 417 -18.62 -17.27 15.15
N PHE B 418 -19.60 -16.99 16.01
CA PHE B 418 -19.36 -17.22 17.43
C PHE B 418 -19.86 -18.57 17.92
N GLU B 419 -20.78 -19.22 17.20
CA GLU B 419 -21.21 -20.56 17.58
C GLU B 419 -20.64 -21.67 16.71
N GLY B 420 -20.28 -21.43 15.46
CA GLY B 420 -20.09 -22.51 14.51
C GLY B 420 -18.81 -22.41 13.69
N MET B 421 -18.89 -22.92 12.45
CA MET B 421 -17.71 -23.12 11.61
C MET B 421 -16.92 -21.85 11.36
N ALA B 422 -17.61 -20.76 11.04
CA ALA B 422 -16.91 -19.55 10.61
C ALA B 422 -15.93 -19.07 11.67
N GLY B 423 -16.27 -19.25 12.96
CA GLY B 423 -15.31 -18.98 14.02
C GLY B 423 -14.07 -19.86 13.93
N ALA B 424 -14.24 -21.15 13.63
CA ALA B 424 -13.07 -22.02 13.52
C ALA B 424 -12.24 -21.66 12.30
N ILE B 425 -12.88 -21.27 11.20
CA ILE B 425 -12.13 -20.79 10.04
C ILE B 425 -11.35 -19.53 10.37
N HIS B 426 -12.01 -18.57 11.03
CA HIS B 426 -11.33 -17.35 11.46
C HIS B 426 -10.08 -17.67 12.28
N PHE B 427 -10.23 -18.51 13.31
CA PHE B 427 -9.10 -18.93 14.14
C PHE B 427 -8.00 -19.58 13.32
N LEU B 428 -8.36 -20.57 12.48
CA LEU B 428 -7.37 -21.22 11.63
C LEU B 428 -6.64 -20.22 10.74
N SER B 429 -7.36 -19.22 10.18
CA SER B 429 -6.69 -18.30 9.27
C SER B 429 -5.67 -17.46 10.02
N ASP B 430 -5.86 -17.26 11.33
CA ASP B 430 -4.93 -16.44 12.11
C ASP B 430 -3.71 -17.21 12.55
N VAL B 431 -3.81 -18.55 12.65
CA VAL B 431 -2.67 -19.37 13.00
C VAL B 431 -1.67 -19.42 11.87
N LEU B 432 -2.11 -19.18 10.63
CA LEU B 432 -1.18 -19.04 9.51
C LEU B 432 -0.15 -17.94 9.77
N GLY B 433 -0.59 -16.82 10.35
CA GLY B 433 0.25 -15.68 10.62
C GLY B 433 0.05 -15.17 12.02
N PRO B 434 0.58 -15.89 13.01
CA PRO B 434 0.22 -15.61 14.42
C PRO B 434 0.67 -14.23 14.92
N GLU B 435 1.63 -13.58 14.27
CA GLU B 435 1.97 -12.23 14.69
C GLU B 435 0.83 -11.23 14.46
N THR B 436 -0.16 -11.60 13.63
CA THR B 436 -1.21 -10.69 13.23
C THR B 436 -2.59 -11.20 13.64
N SER B 437 -2.64 -12.15 14.58
CA SER B 437 -3.90 -12.75 15.05
C SER B 437 -4.80 -11.74 15.74
N ARG B 438 -6.13 -11.91 15.57
CA ARG B 438 -7.07 -11.00 16.21
C ARG B 438 -8.37 -11.72 16.56
N PHE B 439 -8.67 -11.78 17.85
CA PHE B 439 -9.95 -12.31 18.31
C PHE B 439 -11.08 -11.49 17.70
N PRO B 440 -11.99 -12.09 16.93
CA PRO B 440 -13.04 -11.29 16.26
C PRO B 440 -14.00 -10.63 17.23
N ALA B 441 -14.36 -9.40 16.93
CA ALA B 441 -15.37 -8.66 17.71
C ALA B 441 -14.94 -8.50 19.16
N PHE B 442 -13.64 -8.40 19.39
CA PHE B 442 -13.14 -8.38 20.75
C PHE B 442 -11.78 -7.71 20.81
N GLU B 443 -10.77 -8.29 20.17
CA GLU B 443 -9.53 -7.53 20.01
C GLU B 443 -9.69 -6.49 18.90
N LEU B 444 -8.89 -5.45 18.98
CA LEU B 444 -9.03 -4.33 18.06
C LEU B 444 -7.80 -4.12 17.19
N ALA C 23 34.52 -20.13 -17.07
CA ALA C 23 33.44 -20.89 -16.42
C ALA C 23 33.89 -21.99 -15.44
N PHE C 24 33.25 -22.05 -14.28
CA PHE C 24 33.32 -23.21 -13.41
C PHE C 24 32.50 -24.37 -14.03
N VAL C 25 32.80 -25.58 -13.57
CA VAL C 25 31.93 -26.73 -13.82
C VAL C 25 30.71 -26.60 -12.91
N ASN C 26 29.53 -26.58 -13.50
CA ASN C 26 28.30 -26.51 -12.71
C ASN C 26 28.13 -27.84 -12.01
N PRO C 27 28.19 -27.90 -10.69
CA PRO C 27 28.14 -29.21 -9.99
C PRO C 27 26.74 -29.73 -9.76
N PHE C 28 25.68 -28.92 -10.05
CA PHE C 28 24.35 -29.38 -9.68
C PHE C 28 23.68 -30.12 -10.81
N PRO C 29 22.81 -31.06 -10.47
CA PRO C 29 21.94 -31.65 -11.48
C PRO C 29 20.87 -30.66 -11.91
N ASP C 30 20.31 -30.96 -13.08
CA ASP C 30 19.19 -30.18 -13.57
C ASP C 30 17.91 -30.55 -12.82
N TYR C 31 16.85 -29.80 -13.14
CA TYR C 31 15.58 -29.86 -12.39
C TYR C 31 15.06 -31.28 -12.20
N GLU C 32 15.22 -32.15 -13.19
CA GLU C 32 14.82 -33.55 -13.06
C GLU C 32 15.85 -34.28 -12.19
N ALA C 33 15.51 -34.46 -10.91
CA ALA C 33 16.45 -34.83 -9.85
C ALA C 33 17.52 -33.73 -9.72
N LEU C 61 14.84 -30.33 -2.89
CA LEU C 61 14.39 -29.34 -3.86
C LEU C 61 14.29 -28.00 -3.14
N PRO C 62 14.75 -26.92 -3.75
CA PRO C 62 14.80 -25.64 -3.02
C PRO C 62 13.46 -24.92 -2.91
N PHE C 63 12.37 -25.47 -3.47
CA PHE C 63 11.02 -24.90 -3.35
C PHE C 63 10.00 -26.02 -3.25
N HIS C 64 8.84 -25.68 -2.69
CA HIS C 64 7.71 -26.60 -2.58
C HIS C 64 6.94 -26.65 -3.89
N GLN C 65 6.15 -27.70 -4.06
CA GLN C 65 5.41 -27.89 -5.30
C GLN C 65 4.52 -26.69 -5.65
N ASP C 66 4.15 -25.88 -4.65
CA ASP C 66 3.34 -24.69 -4.88
C ASP C 66 4.17 -23.48 -5.27
N GLY C 67 5.49 -23.62 -5.37
CA GLY C 67 6.34 -22.54 -5.80
C GLY C 67 6.89 -21.64 -4.71
N LYS C 68 6.62 -21.94 -3.44
CA LYS C 68 7.17 -21.15 -2.35
C LYS C 68 8.53 -21.69 -1.98
N ILE C 69 9.50 -20.79 -1.78
CA ILE C 69 10.86 -21.21 -1.48
C ILE C 69 10.90 -21.74 -0.05
N ILE C 70 11.56 -22.89 0.13
CA ILE C 70 11.64 -23.51 1.44
C ILE C 70 12.28 -22.54 2.43
N HIS C 71 11.95 -22.73 3.72
CA HIS C 71 12.31 -21.77 4.75
C HIS C 71 13.83 -21.69 4.94
N ASN C 72 14.51 -22.83 4.94
CA ASN C 72 15.95 -22.79 5.16
C ASN C 72 16.67 -22.01 4.07
N PHE C 73 16.17 -22.05 2.83
CA PHE C 73 16.79 -21.30 1.74
C PHE C 73 16.48 -19.81 1.86
N ILE C 74 15.25 -19.47 2.28
CA ILE C 74 14.90 -18.08 2.54
C ILE C 74 15.85 -17.47 3.57
N ARG C 75 16.05 -18.16 4.72
CA ARG C 75 16.90 -17.57 5.74
C ARG C 75 18.33 -17.39 5.23
N ARG C 76 18.81 -18.36 4.43
CA ARG C 76 20.19 -18.30 3.97
C ARG C 76 20.42 -17.10 3.05
N ILE C 77 19.50 -16.85 2.13
CA ILE C 77 19.61 -15.66 1.29
C ILE C 77 19.49 -14.40 2.14
N GLN C 78 18.48 -14.34 3.01
CA GLN C 78 18.26 -13.14 3.80
C GLN C 78 19.45 -12.82 4.69
N THR C 79 20.17 -13.86 5.13
CA THR C 79 21.40 -13.69 5.90
C THR C 79 22.53 -13.18 5.02
N LYS C 80 22.64 -13.69 3.78
CA LYS C 80 23.71 -13.21 2.92
C LYS C 80 23.42 -11.80 2.44
N ILE C 81 22.15 -11.49 2.16
CA ILE C 81 21.79 -10.14 1.74
C ILE C 81 22.20 -9.14 2.82
N LYS C 82 21.83 -9.42 4.07
CA LYS C 82 22.21 -8.56 5.18
C LYS C 82 23.72 -8.41 5.26
N ASP C 83 24.47 -9.52 5.11
CA ASP C 83 25.92 -9.46 5.20
C ASP C 83 26.52 -8.70 4.02
N LEU C 84 26.02 -8.91 2.80
CA LEU C 84 26.54 -8.18 1.65
C LEU C 84 26.24 -6.68 1.77
N LEU C 85 25.06 -6.32 2.28
CA LEU C 85 24.71 -4.91 2.38
C LEU C 85 25.64 -4.18 3.33
N GLN C 86 26.07 -4.87 4.37
CA GLN C 86 27.01 -4.29 5.33
C GLN C 86 28.42 -4.20 4.73
N GLN C 87 28.81 -5.18 3.91
CA GLN C 87 30.08 -5.12 3.19
C GLN C 87 30.06 -4.01 2.15
N MET C 88 28.92 -3.82 1.49
CA MET C 88 28.82 -2.77 0.48
C MET C 88 28.88 -1.38 1.11
N GLU C 89 28.07 -1.16 2.16
CA GLU C 89 28.10 0.11 2.88
C GLU C 89 29.50 0.45 3.40
N GLU C 90 30.22 -0.56 3.91
CA GLU C 90 31.59 -0.31 4.35
C GLU C 90 32.51 -0.02 3.17
N GLY C 91 32.42 -0.83 2.12
CA GLY C 91 33.31 -0.65 0.98
C GLY C 91 33.04 0.65 0.23
N LEU C 92 31.78 1.09 0.18
CA LEU C 92 31.42 2.31 -0.51
C LEU C 92 31.99 3.55 0.17
N LYS C 93 32.45 3.42 1.42
CA LYS C 93 33.06 4.56 2.11
C LYS C 93 34.23 5.15 1.34
N THR C 94 34.92 4.33 0.54
CA THR C 94 36.07 4.75 -0.24
C THR C 94 35.86 4.54 -1.74
N ALA C 95 34.62 4.47 -2.17
CA ALA C 95 34.32 4.41 -3.59
C ALA C 95 34.63 5.77 -4.23
N ASP C 96 34.95 5.74 -5.51
CA ASP C 96 35.23 6.96 -6.26
C ASP C 96 34.11 7.95 -6.04
N PRO C 97 34.38 9.11 -5.43
CA PRO C 97 33.29 10.07 -5.13
C PRO C 97 32.60 10.63 -6.36
N HIS C 98 33.21 10.57 -7.55
CA HIS C 98 32.67 11.29 -8.70
C HIS C 98 32.09 10.41 -9.79
N ASP C 99 32.07 9.09 -9.62
CA ASP C 99 31.40 8.20 -10.55
C ASP C 99 29.94 8.05 -10.10
N CYS C 100 29.03 8.69 -10.83
CA CYS C 100 27.61 8.72 -10.49
C CYS C 100 26.78 7.74 -11.29
N SER C 101 27.41 6.94 -12.15
CA SER C 101 26.66 6.12 -13.09
C SER C 101 25.84 5.05 -12.37
N ALA C 102 24.77 4.61 -13.04
CA ALA C 102 24.05 3.43 -12.56
C ALA C 102 24.94 2.21 -12.68
N TYR C 103 25.73 2.16 -13.75
CA TYR C 103 26.55 1.01 -14.06
C TYR C 103 27.56 0.74 -12.96
N THR C 104 28.31 1.76 -12.54
CA THR C 104 29.39 1.55 -11.59
C THR C 104 29.42 2.50 -10.40
N GLY C 105 28.42 3.37 -10.22
CA GLY C 105 28.50 4.39 -9.21
C GLY C 105 27.22 4.56 -8.41
N TRP C 106 27.00 5.79 -7.96
CA TRP C 106 26.05 6.05 -6.90
C TRP C 106 24.62 5.75 -7.32
N THR C 107 24.28 6.01 -8.58
CA THR C 107 22.92 5.76 -9.05
C THR C 107 22.57 4.27 -8.96
N GLY C 108 23.53 3.38 -9.21
CA GLY C 108 23.27 1.96 -9.04
C GLY C 108 22.96 1.59 -7.59
N ILE C 109 23.66 2.22 -6.65
CA ILE C 109 23.39 2.00 -5.24
C ILE C 109 21.98 2.48 -4.89
N ALA C 110 21.58 3.62 -5.44
CA ALA C 110 20.21 4.09 -5.31
C ALA C 110 19.21 3.11 -5.93
N LEU C 111 19.54 2.56 -7.12
CA LEU C 111 18.63 1.60 -7.75
C LEU C 111 18.47 0.34 -6.91
N LEU C 112 19.54 -0.12 -6.26
CA LEU C 112 19.41 -1.26 -5.35
C LEU C 112 18.46 -0.96 -4.21
N TYR C 113 18.64 0.18 -3.55
CA TYR C 113 17.74 0.54 -2.45
C TYR C 113 16.30 0.73 -2.93
N LEU C 114 16.10 1.30 -4.13
CA LEU C 114 14.78 1.29 -4.73
C LEU C 114 14.25 -0.13 -4.91
N GLN C 115 15.12 -1.05 -5.34
CA GLN C 115 14.70 -2.43 -5.52
C GLN C 115 14.29 -3.05 -4.18
N LEU C 116 15.11 -2.84 -3.15
CA LEU C 116 14.79 -3.35 -1.82
C LEU C 116 13.49 -2.72 -1.30
N TYR C 117 13.26 -1.45 -1.60
CA TYR C 117 11.99 -0.84 -1.21
C TYR C 117 10.82 -1.41 -2.01
N ARG C 118 11.04 -1.74 -3.29
CA ARG C 118 9.97 -2.34 -4.08
C ARG C 118 9.55 -3.69 -3.52
N VAL C 119 10.47 -4.45 -2.94
CA VAL C 119 10.18 -5.83 -2.53
C VAL C 119 9.97 -5.99 -1.02
N THR C 120 10.34 -5.00 -0.20
CA THR C 120 10.03 -5.06 1.21
C THR C 120 9.05 -3.98 1.67
N CYS C 121 8.72 -3.00 0.82
CA CYS C 121 7.85 -1.88 1.19
C CYS C 121 8.32 -1.15 2.45
N ASP C 122 9.60 -1.26 2.79
CA ASP C 122 10.17 -0.59 3.97
C ASP C 122 10.77 0.73 3.54
N GLN C 123 10.24 1.83 4.09
CA GLN C 123 10.61 3.19 3.70
C GLN C 123 12.05 3.53 4.03
N THR C 124 12.64 2.84 5.00
CA THR C 124 14.07 2.95 5.25
C THR C 124 14.86 2.92 3.94
N TYR C 125 14.49 2.02 3.03
CA TYR C 125 15.25 1.84 1.81
C TYR C 125 14.93 2.95 0.81
N LEU C 126 13.67 3.37 0.74
CA LEU C 126 13.32 4.51 -0.10
C LEU C 126 14.17 5.73 0.27
N LEU C 127 14.24 6.04 1.56
CA LEU C 127 15.01 7.20 2.00
C LEU C 127 16.50 6.99 1.75
N ARG C 128 16.98 5.75 1.90
CA ARG C 128 18.41 5.51 1.69
C ARG C 128 18.80 5.73 0.23
N SER C 129 17.92 5.36 -0.72
CA SER C 129 18.22 5.65 -2.12
C SER C 129 18.24 7.14 -2.39
N LEU C 130 17.45 7.91 -1.62
CA LEU C 130 17.50 9.37 -1.74
C LEU C 130 18.87 9.90 -1.37
N ASP C 131 19.46 9.40 -0.29
CA ASP C 131 20.81 9.81 0.07
C ASP C 131 21.78 9.56 -1.08
N TYR C 132 21.54 8.49 -1.86
CA TYR C 132 22.47 8.13 -2.93
C TYR C 132 22.25 8.94 -4.22
N VAL C 133 21.01 9.26 -4.60
CA VAL C 133 20.85 10.11 -5.79
C VAL C 133 21.32 11.52 -5.56
N LYS C 134 21.21 12.02 -4.31
CA LYS C 134 21.54 13.41 -4.05
C LYS C 134 23.02 13.68 -4.32
N ARG C 135 23.86 12.66 -4.20
CA ARG C 135 25.25 12.79 -4.58
C ARG C 135 25.44 13.03 -6.06
N THR C 136 24.42 12.78 -6.88
CA THR C 136 24.63 12.77 -8.32
C THR C 136 24.08 13.99 -9.02
N LEU C 137 23.10 14.69 -8.41
CA LEU C 137 22.26 15.62 -9.15
C LEU C 137 22.95 16.96 -9.39
N ARG C 138 23.74 17.43 -8.43
CA ARG C 138 24.13 18.84 -8.42
C ARG C 138 25.12 19.19 -9.55
N ASN C 139 25.89 18.23 -10.05
CA ASN C 139 27.04 18.58 -10.90
C ASN C 139 27.03 17.80 -12.22
N LEU C 140 25.88 17.77 -12.89
CA LEU C 140 25.75 16.94 -14.09
C LEU C 140 26.27 17.64 -15.34
N ASN C 141 26.85 16.85 -16.24
CA ASN C 141 27.65 17.34 -17.37
C ASN C 141 26.79 17.63 -18.61
N GLY C 142 25.85 16.75 -18.94
CA GLY C 142 25.09 16.85 -20.17
C GLY C 142 25.63 16.05 -21.35
N ARG C 143 26.83 15.45 -21.24
CA ARG C 143 27.50 14.88 -22.39
C ARG C 143 27.27 13.38 -22.58
N ARG C 144 26.97 12.63 -21.52
CA ARG C 144 26.66 11.21 -21.63
C ARG C 144 25.17 11.02 -21.40
N VAL C 145 24.51 10.27 -22.29
CA VAL C 145 23.06 10.36 -22.43
C VAL C 145 22.28 9.15 -21.93
N THR C 146 22.95 8.04 -21.58
CA THR C 146 22.23 6.81 -21.29
C THR C 146 21.86 6.69 -19.81
N PHE C 147 20.88 5.83 -19.55
CA PHE C 147 20.52 5.48 -18.18
C PHE C 147 21.68 4.82 -17.45
N LEU C 148 22.35 3.86 -18.08
CA LEU C 148 23.37 3.07 -17.39
C LEU C 148 24.61 3.91 -17.09
N CYS C 149 25.06 4.71 -18.05
CA CYS C 149 26.38 5.33 -17.96
C CYS C 149 26.35 6.85 -18.01
N GLY C 150 25.18 7.47 -18.15
CA GLY C 150 25.13 8.90 -18.37
C GLY C 150 24.13 9.62 -17.49
N ASP C 151 23.90 10.91 -17.79
CA ASP C 151 23.08 11.74 -16.90
C ASP C 151 21.65 11.22 -16.78
N ALA C 152 21.19 10.43 -17.76
CA ALA C 152 19.82 9.96 -17.70
C ALA C 152 19.57 9.09 -16.46
N GLY C 153 20.58 8.38 -15.99
CA GLY C 153 20.45 7.55 -14.80
C GLY C 153 20.17 8.35 -13.55
N PRO C 154 21.10 9.23 -13.16
CA PRO C 154 20.86 10.06 -11.98
C PRO C 154 19.55 10.86 -12.04
N LEU C 155 19.21 11.41 -13.22
CA LEU C 155 18.01 12.24 -13.33
C LEU C 155 16.73 11.41 -13.33
N ALA C 156 16.72 10.27 -14.02
CA ALA C 156 15.50 9.48 -14.04
C ALA C 156 15.30 8.76 -12.71
N VAL C 157 16.39 8.32 -12.08
CA VAL C 157 16.23 7.71 -10.76
C VAL C 157 15.87 8.78 -9.73
N GLY C 158 16.54 9.93 -9.77
CA GLY C 158 16.10 11.05 -8.95
C GLY C 158 14.63 11.38 -9.13
N ALA C 159 14.19 11.47 -10.39
CA ALA C 159 12.77 11.67 -10.68
C ALA C 159 11.89 10.68 -9.94
N VAL C 160 12.18 9.39 -10.07
CA VAL C 160 11.32 8.37 -9.50
C VAL C 160 11.34 8.43 -7.98
N ILE C 161 12.50 8.74 -7.40
CA ILE C 161 12.63 8.77 -5.96
C ILE C 161 11.81 9.92 -5.38
N TYR C 162 11.99 11.11 -5.97
CA TYR C 162 11.23 12.28 -5.53
C TYR C 162 9.73 12.08 -5.68
N HIS C 163 9.31 11.36 -6.73
CA HIS C 163 7.89 11.11 -6.90
C HIS C 163 7.35 10.18 -5.82
N LYS C 164 8.08 9.11 -5.51
CA LYS C 164 7.67 8.20 -4.45
C LYS C 164 7.74 8.86 -3.08
N LEU C 165 8.64 9.84 -2.89
CA LEU C 165 8.65 10.63 -1.67
C LEU C 165 7.70 11.84 -1.71
N ARG C 166 6.94 11.99 -2.80
CA ARG C 166 5.88 12.99 -2.96
C ARG C 166 6.38 14.43 -3.05
N SER C 167 7.69 14.65 -3.20
CA SER C 167 8.26 15.97 -3.48
C SER C 167 8.13 16.22 -4.98
N ASP C 168 7.01 16.87 -5.37
CA ASP C 168 6.61 16.88 -6.77
C ASP C 168 7.38 17.89 -7.61
N CYS C 169 7.80 19.01 -7.01
CA CYS C 169 8.61 19.98 -7.74
C CYS C 169 10.00 19.44 -8.03
N GLU C 170 10.59 18.72 -7.07
CA GLU C 170 11.91 18.14 -7.32
C GLU C 170 11.85 17.06 -8.38
N SER C 171 10.74 16.31 -8.45
CA SER C 171 10.68 15.21 -9.40
C SER C 171 10.52 15.73 -10.82
N GLN C 172 9.62 16.69 -11.03
CA GLN C 172 9.53 17.34 -12.34
C GLN C 172 10.85 17.97 -12.72
N GLU C 173 11.55 18.57 -11.75
CA GLU C 173 12.83 19.20 -12.02
C GLU C 173 13.81 18.23 -12.66
N CYS C 174 13.80 16.97 -12.20
CA CYS C 174 14.69 15.96 -12.77
C CYS C 174 14.26 15.63 -14.20
N VAL C 175 12.96 15.43 -14.41
CA VAL C 175 12.45 15.11 -15.74
C VAL C 175 12.81 16.19 -16.75
N THR C 176 12.61 17.46 -16.38
CA THR C 176 12.92 18.56 -17.29
C THR C 176 14.37 18.48 -17.76
N LYS C 177 15.31 18.44 -16.81
CA LYS C 177 16.72 18.40 -17.17
C LYS C 177 17.08 17.13 -17.93
N LEU C 178 16.44 16.01 -17.58
CA LEU C 178 16.57 14.77 -18.35
C LEU C 178 16.28 15.00 -19.82
N LEU C 179 15.13 15.62 -20.10
CA LEU C 179 14.67 15.78 -21.48
C LEU C 179 15.52 16.77 -22.27
N GLN C 180 16.28 17.64 -21.60
CA GLN C 180 17.19 18.52 -22.31
C GLN C 180 18.26 17.76 -23.10
N LEU C 181 18.49 16.48 -22.80
CA LEU C 181 19.40 15.66 -23.60
C LEU C 181 18.81 15.26 -24.94
N GLN C 182 17.49 15.43 -25.11
CA GLN C 182 16.79 14.89 -26.28
C GLN C 182 17.40 15.37 -27.60
N ARG C 183 17.77 16.66 -27.68
CA ARG C 183 18.29 17.19 -28.93
C ARG C 183 19.51 16.40 -29.41
N SER C 184 20.46 16.12 -28.51
CA SER C 184 21.69 15.46 -28.94
C SER C 184 21.47 13.99 -29.26
N VAL C 185 20.53 13.33 -28.57
CA VAL C 185 20.23 11.94 -28.88
C VAL C 185 19.52 11.83 -30.23
N VAL C 186 18.74 12.84 -30.60
CA VAL C 186 17.92 12.77 -31.80
C VAL C 186 18.65 13.26 -33.05
N CYS C 187 19.67 14.09 -32.89
CA CYS C 187 20.51 14.52 -34.02
C CYS C 187 21.25 13.33 -34.64
N GLN C 188 21.08 13.15 -35.96
CA GLN C 188 21.76 12.06 -36.64
C GLN C 188 23.23 12.36 -36.90
N GLU C 189 23.59 13.64 -37.06
CA GLU C 189 24.95 14.06 -37.42
C GLU C 189 25.81 14.28 -36.17
N SER C 190 26.05 13.21 -35.42
CA SER C 190 26.84 13.35 -34.21
C SER C 190 27.76 12.17 -33.89
N ASP C 191 27.70 11.07 -34.64
CA ASP C 191 28.52 9.87 -34.38
C ASP C 191 28.17 9.22 -33.03
N LEU C 192 27.06 9.60 -32.41
CA LEU C 192 26.56 8.91 -31.23
C LEU C 192 26.10 7.51 -31.61
N PRO C 193 26.41 6.49 -30.82
CA PRO C 193 25.98 5.12 -31.13
C PRO C 193 24.50 4.94 -30.83
N ASP C 194 24.02 3.72 -31.09
CA ASP C 194 22.63 3.38 -30.85
C ASP C 194 22.44 2.41 -29.70
N GLU C 195 23.52 1.87 -29.15
CA GLU C 195 23.48 0.77 -28.19
C GLU C 195 23.11 1.27 -26.79
N LEU C 196 23.07 0.34 -25.83
CA LEU C 196 22.44 0.60 -24.55
C LEU C 196 23.32 1.38 -23.59
N LEU C 197 24.64 1.21 -23.66
CA LEU C 197 25.50 1.78 -22.63
C LEU C 197 25.92 3.21 -22.95
N TYR C 198 26.04 3.56 -24.24
CA TYR C 198 26.41 4.93 -24.59
C TYR C 198 25.51 5.56 -25.63
N GLY C 199 24.54 4.83 -26.17
CA GLY C 199 23.83 5.33 -27.33
C GLY C 199 22.37 5.64 -27.13
N ARG C 200 21.63 5.72 -28.24
CA ARG C 200 20.26 6.22 -28.21
C ARG C 200 19.33 5.30 -27.43
N ALA C 201 19.50 3.98 -27.60
CA ALA C 201 18.61 3.04 -26.93
C ALA C 201 18.71 3.14 -25.42
N GLY C 202 19.88 3.47 -24.89
CA GLY C 202 20.02 3.66 -23.45
C GLY C 202 19.33 4.93 -22.99
N TYR C 203 19.35 5.96 -23.81
CA TYR C 203 18.54 7.13 -23.48
C TYR C 203 17.06 6.79 -23.54
N LEU C 204 16.64 6.11 -24.61
CA LEU C 204 15.26 5.63 -24.71
C LEU C 204 14.84 4.85 -23.47
N TYR C 205 15.72 4.00 -22.92
CA TYR C 205 15.37 3.21 -21.75
C TYR C 205 14.97 4.11 -20.58
N ALA C 206 15.66 5.23 -20.40
CA ALA C 206 15.32 6.16 -19.33
C ALA C 206 13.92 6.75 -19.53
N LEU C 207 13.59 7.11 -20.77
CA LEU C 207 12.24 7.61 -21.06
C LEU C 207 11.20 6.52 -20.75
N LEU C 208 11.44 5.30 -21.21
CA LEU C 208 10.51 4.22 -20.90
C LEU C 208 10.41 3.99 -19.40
N TYR C 209 11.55 4.04 -18.71
CA TYR C 209 11.60 3.86 -17.26
C TYR C 209 10.73 4.88 -16.53
N LEU C 210 10.80 6.15 -16.93
CA LEU C 210 9.91 7.14 -16.30
C LEU C 210 8.46 6.78 -16.55
N ASN C 211 8.12 6.38 -17.78
CA ASN C 211 6.73 6.12 -18.14
C ASN C 211 6.19 4.82 -17.55
N THR C 212 7.06 3.91 -17.09
CA THR C 212 6.59 2.70 -16.42
C THR C 212 6.79 2.72 -14.91
N GLU C 213 7.80 3.43 -14.39
CA GLU C 213 7.95 3.51 -12.94
C GLU C 213 7.14 4.63 -12.30
N ILE C 214 6.87 5.72 -13.04
CA ILE C 214 6.05 6.81 -12.53
C ILE C 214 4.63 6.67 -13.09
N GLY C 215 4.51 6.75 -14.41
CA GLY C 215 3.26 6.53 -15.08
C GLY C 215 3.27 7.08 -16.48
N PRO C 216 2.36 6.59 -17.32
CA PRO C 216 2.16 7.22 -18.63
C PRO C 216 1.80 8.69 -18.45
N GLY C 217 2.22 9.51 -19.39
CA GLY C 217 2.10 10.94 -19.22
C GLY C 217 3.28 11.61 -18.52
N THR C 218 4.26 10.84 -18.03
CA THR C 218 5.44 11.49 -17.48
C THR C 218 6.32 12.06 -18.59
N VAL C 219 6.53 11.28 -19.64
CA VAL C 219 7.32 11.70 -20.78
C VAL C 219 6.40 11.66 -21.99
N CYS C 220 6.43 12.73 -22.79
CA CYS C 220 5.56 12.84 -23.94
C CYS C 220 5.86 11.74 -24.96
N GLU C 221 4.80 11.02 -25.35
CA GLU C 221 4.81 10.04 -26.44
C GLU C 221 5.66 10.52 -27.60
N SER C 222 5.55 11.82 -27.92
CA SER C 222 6.20 12.39 -29.09
C SER C 222 7.71 12.58 -28.92
N ALA C 223 8.20 12.59 -27.68
CA ALA C 223 9.65 12.57 -27.46
C ALA C 223 10.22 11.15 -27.56
N ILE C 224 9.44 10.12 -27.24
CA ILE C 224 9.90 8.74 -27.39
C ILE C 224 9.83 8.32 -28.86
N LYS C 225 8.79 8.75 -29.58
CA LYS C 225 8.65 8.48 -31.01
C LYS C 225 9.79 9.10 -31.80
N GLU C 226 10.31 10.25 -31.35
CA GLU C 226 11.46 10.88 -31.99
C GLU C 226 12.75 10.07 -31.76
N VAL C 227 12.94 9.55 -30.56
CA VAL C 227 14.12 8.70 -30.30
C VAL C 227 14.02 7.41 -31.09
N VAL C 228 12.84 6.79 -31.09
CA VAL C 228 12.65 5.57 -31.87
C VAL C 228 12.95 5.82 -33.35
N ASN C 229 12.44 6.93 -33.91
CA ASN C 229 12.68 7.21 -35.32
C ASN C 229 14.18 7.42 -35.59
N ALA C 230 14.87 8.10 -34.66
CA ALA C 230 16.30 8.29 -34.83
C ALA C 230 17.02 6.94 -34.89
N ILE C 231 16.58 5.99 -34.06
CA ILE C 231 17.18 4.67 -34.05
C ILE C 231 16.85 3.92 -35.33
N ILE C 232 15.62 4.05 -35.82
CA ILE C 232 15.25 3.41 -37.08
C ILE C 232 16.11 3.94 -38.22
N GLU C 233 16.15 5.27 -38.37
CA GLU C 233 16.87 5.88 -39.49
C GLU C 233 18.36 5.56 -39.45
N SER C 234 18.98 5.58 -38.27
CA SER C 234 20.39 5.24 -38.17
C SER C 234 20.61 3.79 -38.55
N GLY C 235 19.70 2.90 -38.15
CA GLY C 235 19.83 1.50 -38.49
C GLY C 235 19.62 1.26 -39.97
N LYS C 236 18.71 2.02 -40.58
CA LYS C 236 18.50 1.87 -42.01
C LYS C 236 19.64 2.48 -42.81
N THR C 237 20.21 3.57 -42.30
CA THR C 237 21.36 4.20 -42.95
C THR C 237 22.55 3.25 -43.01
N LEU C 238 22.88 2.61 -41.88
CA LEU C 238 24.02 1.68 -41.89
C LEU C 238 23.70 0.43 -42.70
N SER C 239 22.50 -0.13 -42.54
CA SER C 239 22.11 -1.29 -43.33
C SER C 239 22.10 -0.99 -44.82
N ARG C 240 22.14 0.28 -45.21
CA ARG C 240 22.33 0.68 -46.60
C ARG C 240 23.81 0.82 -46.94
N GLU C 241 24.57 1.46 -46.05
CA GLU C 241 26.00 1.63 -46.25
C GLU C 241 26.70 0.29 -46.40
N GLU C 242 26.67 -0.56 -45.37
CA GLU C 242 26.83 -1.99 -45.61
C GLU C 242 25.61 -2.43 -46.39
N ARG C 243 25.81 -3.23 -47.41
CA ARG C 243 24.77 -3.37 -48.44
C ARG C 243 23.80 -4.48 -48.05
N LYS C 244 23.22 -4.34 -46.86
CA LYS C 244 22.52 -5.43 -46.19
C LYS C 244 21.03 -5.15 -45.98
N THR C 245 20.42 -4.29 -46.80
CA THR C 245 19.05 -3.87 -46.53
C THR C 245 18.06 -5.04 -46.56
N GLU C 246 18.10 -5.86 -47.61
CA GLU C 246 17.18 -6.99 -47.64
C GLU C 246 17.47 -7.96 -46.49
N ARG C 247 18.75 -8.16 -46.18
CA ARG C 247 19.17 -9.15 -45.19
C ARG C 247 18.81 -8.71 -43.77
N CYS C 248 19.19 -7.48 -43.40
CA CYS C 248 19.15 -7.04 -42.01
C CYS C 248 18.78 -5.56 -42.01
N PRO C 249 17.47 -5.25 -42.04
CA PRO C 249 17.05 -3.85 -42.19
C PRO C 249 17.64 -2.87 -41.19
N LEU C 250 17.92 -3.27 -39.95
CA LEU C 250 18.46 -2.36 -38.94
C LEU C 250 19.82 -2.85 -38.48
N LEU C 251 20.86 -2.12 -38.87
CA LEU C 251 22.23 -2.49 -38.57
C LEU C 251 22.86 -1.40 -37.69
N TYR C 252 23.68 -1.82 -36.76
CA TYR C 252 24.23 -0.90 -35.77
C TYR C 252 25.68 -1.28 -35.52
N GLN C 253 26.46 -0.31 -35.07
CA GLN C 253 27.84 -0.64 -34.78
C GLN C 253 28.33 0.29 -33.69
N TRP C 254 29.41 -0.13 -33.07
CA TRP C 254 29.95 0.63 -31.96
C TRP C 254 31.43 0.36 -31.98
N HIS C 255 32.24 1.41 -32.12
CA HIS C 255 33.67 1.27 -32.29
C HIS C 255 34.00 0.36 -33.45
N ARG C 256 33.25 0.52 -34.55
CA ARG C 256 33.49 -0.06 -35.85
C ARG C 256 33.16 -1.55 -35.92
N LYS C 257 32.64 -2.16 -34.84
CA LYS C 257 32.24 -3.55 -34.89
C LYS C 257 30.72 -3.67 -34.80
N GLN C 258 30.17 -4.66 -35.49
CA GLN C 258 28.73 -4.95 -35.43
C GLN C 258 28.50 -5.94 -34.29
N TYR C 259 28.42 -5.39 -33.09
CA TYR C 259 28.20 -6.22 -31.89
C TYR C 259 26.82 -6.84 -31.92
N VAL C 260 26.70 -7.99 -31.28
CA VAL C 260 25.51 -8.83 -31.41
C VAL C 260 24.66 -8.76 -30.15
N GLY C 261 25.27 -8.45 -29.01
CA GLY C 261 24.68 -8.73 -27.71
C GLY C 261 23.93 -7.57 -27.07
N ALA C 262 23.64 -7.75 -25.78
CA ALA C 262 22.71 -6.85 -25.10
C ALA C 262 23.34 -5.51 -24.77
N ALA C 263 24.57 -5.51 -24.26
CA ALA C 263 25.14 -4.27 -23.74
C ALA C 263 25.44 -3.29 -24.86
N HIS C 264 26.03 -3.75 -25.97
CA HIS C 264 26.54 -2.84 -26.99
C HIS C 264 26.04 -3.17 -28.39
N GLY C 265 25.11 -4.10 -28.53
CA GLY C 265 24.84 -4.65 -29.84
C GLY C 265 23.39 -4.70 -30.24
N MET C 266 23.12 -5.48 -31.27
CA MET C 266 21.81 -5.44 -31.90
C MET C 266 20.72 -5.98 -30.99
N ALA C 267 21.04 -7.02 -30.21
CA ALA C 267 20.02 -7.65 -29.38
C ALA C 267 19.44 -6.67 -28.35
N GLY C 268 20.27 -5.79 -27.80
CA GLY C 268 19.76 -4.83 -26.83
C GLY C 268 18.92 -3.74 -27.48
N ILE C 269 19.33 -3.29 -28.67
CA ILE C 269 18.60 -2.24 -29.37
C ILE C 269 17.23 -2.74 -29.80
N TYR C 270 17.19 -3.96 -30.37
CA TYR C 270 15.91 -4.55 -30.73
C TYR C 270 15.05 -4.79 -29.51
N TYR C 271 15.67 -5.13 -28.38
CA TYR C 271 14.92 -5.39 -27.15
C TYR C 271 14.22 -4.14 -26.68
N MET C 272 14.95 -3.03 -26.62
CA MET C 272 14.31 -1.76 -26.32
C MET C 272 13.25 -1.42 -27.34
N LEU C 273 13.52 -1.70 -28.63
CA LEU C 273 12.57 -1.37 -29.69
C LEU C 273 11.29 -2.19 -29.58
N MET C 274 11.37 -3.34 -28.91
CA MET C 274 10.21 -4.21 -28.71
C MET C 274 9.49 -3.92 -27.41
N GLN C 275 9.95 -2.97 -26.63
CA GLN C 275 9.30 -2.67 -25.36
C GLN C 275 7.92 -2.08 -25.63
N PRO C 276 6.87 -2.52 -24.94
CA PRO C 276 5.54 -1.92 -25.15
C PRO C 276 5.50 -0.41 -24.93
N ALA C 277 6.21 0.09 -23.91
CA ALA C 277 6.22 1.53 -23.67
C ALA C 277 6.80 2.33 -24.84
N ALA C 278 7.65 1.73 -25.67
CA ALA C 278 8.19 2.45 -26.83
C ALA C 278 7.18 2.54 -27.96
N LYS C 279 6.18 1.66 -27.99
CA LYS C 279 5.03 1.81 -28.87
C LYS C 279 5.44 1.93 -30.34
N VAL C 280 6.32 1.03 -30.78
CA VAL C 280 6.64 0.94 -32.20
C VAL C 280 5.45 0.34 -32.95
N ASP C 281 5.12 0.88 -34.12
CA ASP C 281 3.95 0.32 -34.77
C ASP C 281 4.31 -1.01 -35.43
N GLN C 282 3.28 -1.82 -35.65
CA GLN C 282 3.49 -3.22 -36.02
C GLN C 282 4.14 -3.36 -37.39
N GLU C 283 3.81 -2.47 -38.33
CA GLU C 283 4.51 -2.46 -39.61
C GLU C 283 6.02 -2.36 -39.40
N THR C 284 6.45 -1.52 -38.46
CA THR C 284 7.87 -1.34 -38.22
C THR C 284 8.48 -2.55 -37.50
N LEU C 285 7.72 -3.20 -36.62
CA LEU C 285 8.21 -4.38 -35.95
C LEU C 285 8.36 -5.55 -36.91
N THR C 286 7.36 -5.74 -37.78
CA THR C 286 7.34 -6.89 -38.69
C THR C 286 8.30 -6.72 -39.87
N GLU C 287 8.37 -5.51 -40.45
CA GLU C 287 9.20 -5.31 -41.62
C GLU C 287 10.65 -5.01 -41.29
N MET C 288 10.93 -4.33 -40.18
CA MET C 288 12.28 -3.87 -39.87
C MET C 288 12.90 -4.63 -38.69
N VAL C 289 12.25 -4.62 -37.52
CA VAL C 289 12.83 -5.25 -36.34
C VAL C 289 12.84 -6.76 -36.46
N LYS C 290 11.69 -7.36 -36.79
CA LYS C 290 11.61 -8.82 -36.81
C LYS C 290 12.63 -9.46 -37.76
N PRO C 291 12.80 -8.99 -39.01
CA PRO C 291 13.80 -9.64 -39.87
C PRO C 291 15.22 -9.38 -39.42
N SER C 292 15.47 -8.30 -38.68
CA SER C 292 16.80 -8.13 -38.10
C SER C 292 17.03 -9.13 -36.95
N ILE C 293 16.00 -9.40 -36.15
CA ILE C 293 16.14 -10.44 -35.13
C ILE C 293 16.47 -11.77 -35.78
N ASP C 294 15.78 -12.11 -36.87
CA ASP C 294 16.06 -13.39 -37.50
C ASP C 294 17.45 -13.42 -38.08
N TYR C 295 17.97 -12.27 -38.50
CA TYR C 295 19.34 -12.23 -39.00
C TYR C 295 20.33 -12.52 -37.88
N VAL C 296 20.13 -11.89 -36.72
CA VAL C 296 20.99 -12.17 -35.56
C VAL C 296 20.91 -13.64 -35.16
N ARG C 297 19.71 -14.23 -35.22
CA ARG C 297 19.55 -15.64 -34.87
C ARG C 297 20.36 -16.55 -35.78
N HIS C 298 20.52 -16.18 -37.05
CA HIS C 298 21.26 -17.00 -37.99
C HIS C 298 22.74 -17.07 -37.65
N LYS C 299 23.27 -16.08 -36.93
CA LYS C 299 24.68 -16.01 -36.58
C LYS C 299 25.01 -16.75 -35.29
N LYS C 300 24.08 -17.54 -34.77
CA LYS C 300 24.32 -18.36 -33.59
C LYS C 300 25.42 -19.39 -33.85
N PHE C 301 26.22 -19.68 -32.82
CA PHE C 301 27.18 -20.78 -32.86
C PHE C 301 26.45 -22.12 -32.77
N ARG C 302 27.10 -23.16 -33.30
CA ARG C 302 26.48 -24.48 -33.19
C ARG C 302 26.44 -24.94 -31.73
N SER C 303 27.37 -24.46 -30.91
CA SER C 303 27.31 -24.76 -29.48
C SER C 303 26.05 -24.19 -28.84
N GLY C 304 25.49 -23.13 -29.42
CA GLY C 304 24.29 -22.50 -28.87
C GLY C 304 24.53 -21.13 -28.29
N ASN C 305 25.78 -20.74 -28.10
CA ASN C 305 26.12 -19.40 -27.68
C ASN C 305 26.05 -18.43 -28.87
N TYR C 306 26.15 -17.13 -28.57
CA TYR C 306 26.14 -16.09 -29.58
C TYR C 306 27.47 -15.34 -29.58
N PRO C 307 28.02 -15.04 -30.77
CA PRO C 307 29.27 -14.29 -30.84
C PRO C 307 29.11 -12.88 -30.29
N SER C 308 30.24 -12.31 -29.87
CA SER C 308 30.30 -10.91 -29.48
C SER C 308 29.97 -9.98 -30.64
N SER C 309 30.51 -10.27 -31.84
CA SER C 309 30.25 -9.49 -33.03
C SER C 309 30.14 -10.42 -34.23
N LEU C 310 29.69 -9.87 -35.36
CA LEU C 310 29.73 -10.62 -36.62
C LEU C 310 31.16 -10.86 -37.10
N SER C 311 32.12 -10.13 -36.55
CA SER C 311 33.53 -10.24 -36.94
C SER C 311 34.29 -11.30 -36.15
N ASN C 312 33.82 -11.68 -34.97
CA ASN C 312 34.58 -12.53 -34.07
C ASN C 312 34.07 -13.97 -34.15
N GLU C 313 35.01 -14.91 -34.27
CA GLU C 313 34.69 -16.33 -34.38
C GLU C 313 34.91 -17.10 -33.09
N THR C 314 35.54 -16.49 -32.08
CA THR C 314 35.75 -17.18 -30.82
C THR C 314 34.45 -17.27 -30.04
N ASP C 315 34.09 -18.47 -29.63
CA ASP C 315 32.96 -18.72 -28.75
C ASP C 315 33.55 -18.81 -27.34
N ARG C 316 33.61 -17.65 -26.66
CA ARG C 316 34.29 -17.53 -25.37
C ARG C 316 33.42 -16.92 -24.27
N LEU C 317 32.63 -15.91 -24.59
CA LEU C 317 32.02 -15.04 -23.60
C LEU C 317 30.56 -15.43 -23.38
N VAL C 318 30.21 -15.75 -22.15
CA VAL C 318 28.85 -16.08 -21.74
C VAL C 318 28.44 -15.09 -20.67
N HIS C 319 28.10 -13.87 -21.10
CA HIS C 319 27.76 -12.74 -20.26
C HIS C 319 26.45 -12.14 -20.71
N TRP C 320 25.84 -11.36 -19.82
CA TRP C 320 24.80 -10.44 -20.26
C TRP C 320 25.33 -9.52 -21.36
N CYS C 321 26.52 -8.94 -21.14
CA CYS C 321 27.01 -7.95 -22.09
C CYS C 321 27.39 -8.58 -23.43
N HIS C 322 27.86 -9.82 -23.45
CA HIS C 322 28.16 -10.52 -24.70
C HIS C 322 27.82 -11.99 -24.55
N GLY C 323 27.04 -12.52 -25.49
CA GLY C 323 26.71 -13.93 -25.52
C GLY C 323 25.26 -14.19 -25.16
N ALA C 324 24.95 -15.48 -24.98
CA ALA C 324 23.60 -15.96 -24.69
C ALA C 324 22.87 -15.26 -23.54
N PRO C 325 23.48 -14.99 -22.37
CA PRO C 325 22.69 -14.41 -21.26
C PRO C 325 22.10 -13.03 -21.54
N GLY C 326 22.56 -12.33 -22.58
CA GLY C 326 21.95 -11.09 -23.00
C GLY C 326 21.02 -11.29 -24.18
N VAL C 327 21.47 -12.10 -25.15
CA VAL C 327 20.69 -12.36 -26.36
C VAL C 327 19.40 -13.11 -26.03
N ILE C 328 19.37 -13.88 -24.95
CA ILE C 328 18.17 -14.65 -24.60
C ILE C 328 17.01 -13.72 -24.28
N HIS C 329 17.30 -12.56 -23.67
CA HIS C 329 16.25 -11.57 -23.45
C HIS C 329 15.68 -11.06 -24.77
N MET C 330 16.48 -11.01 -25.84
CA MET C 330 15.93 -10.63 -27.13
C MET C 330 14.92 -11.67 -27.62
N LEU C 331 15.27 -12.96 -27.54
CA LEU C 331 14.38 -13.99 -28.02
C LEU C 331 13.15 -14.11 -27.15
N MET C 332 13.30 -13.90 -25.83
CA MET C 332 12.14 -13.93 -24.96
C MET C 332 11.20 -12.78 -25.28
N GLN C 333 11.73 -11.56 -25.44
CA GLN C 333 10.90 -10.42 -25.82
C GLN C 333 10.35 -10.57 -27.24
N ALA C 334 11.10 -11.24 -28.12
CA ALA C 334 10.55 -11.59 -29.43
C ALA C 334 9.35 -12.52 -29.28
N TYR C 335 9.42 -13.47 -28.35
CA TYR C 335 8.27 -14.35 -28.13
C TYR C 335 7.05 -13.56 -27.70
N LYS C 336 7.24 -12.66 -26.72
CA LYS C 336 6.12 -11.87 -26.22
C LYS C 336 5.44 -11.06 -27.33
N VAL C 337 6.23 -10.41 -28.18
CA VAL C 337 5.67 -9.46 -29.15
C VAL C 337 5.14 -10.17 -30.39
N PHE C 338 5.79 -11.26 -30.83
CA PHE C 338 5.44 -11.93 -32.07
C PHE C 338 4.77 -13.28 -31.88
N LYS C 339 4.90 -13.89 -30.70
CA LYS C 339 4.16 -15.10 -30.31
C LYS C 339 4.34 -16.24 -31.30
N GLU C 340 5.51 -16.33 -31.92
CA GLU C 340 5.91 -17.51 -32.68
C GLU C 340 6.76 -18.39 -31.77
N GLU C 341 6.47 -19.70 -31.76
CA GLU C 341 7.09 -20.59 -30.79
C GLU C 341 8.59 -20.77 -31.04
N LYS C 342 9.10 -20.40 -32.22
CA LYS C 342 10.52 -20.59 -32.49
C LYS C 342 11.39 -19.71 -31.58
N TYR C 343 10.87 -18.54 -31.19
CA TYR C 343 11.60 -17.65 -30.29
C TYR C 343 11.64 -18.18 -28.86
N LEU C 344 10.62 -18.94 -28.46
CA LEU C 344 10.62 -19.55 -27.13
C LEU C 344 11.45 -20.82 -27.12
N LYS C 345 11.41 -21.57 -28.22
CA LYS C 345 12.30 -22.71 -28.37
C LYS C 345 13.75 -22.28 -28.24
N GLU C 346 14.12 -21.16 -28.87
CA GLU C 346 15.52 -20.76 -28.84
C GLU C 346 15.91 -20.16 -27.50
N ALA C 347 14.98 -19.46 -26.83
CA ALA C 347 15.27 -18.94 -25.50
C ALA C 347 15.62 -20.08 -24.54
N MET C 348 14.86 -21.18 -24.59
CA MET C 348 15.16 -22.33 -23.77
C MET C 348 16.53 -22.92 -24.10
N GLU C 349 16.90 -22.94 -25.39
CA GLU C 349 18.24 -23.39 -25.74
C GLU C 349 19.30 -22.51 -25.08
N CYS C 350 19.16 -21.20 -25.22
CA CYS C 350 20.04 -20.27 -24.51
C CYS C 350 20.12 -20.62 -23.05
N SER C 351 18.96 -20.87 -22.42
CA SER C 351 18.93 -21.24 -21.02
C SER C 351 19.85 -22.41 -20.74
N ASP C 352 19.88 -23.39 -21.66
CA ASP C 352 20.74 -24.55 -21.46
C ASP C 352 22.21 -24.20 -21.59
N VAL C 353 22.55 -23.31 -22.53
CA VAL C 353 23.93 -22.84 -22.66
C VAL C 353 24.35 -22.08 -21.40
N ILE C 354 23.46 -21.27 -20.84
CA ILE C 354 23.80 -20.54 -19.62
C ILE C 354 23.90 -21.50 -18.44
N TRP C 355 22.98 -22.46 -18.34
CA TRP C 355 23.04 -23.44 -17.26
C TRP C 355 24.39 -24.17 -17.23
N GLN C 356 24.90 -24.55 -18.40
CA GLN C 356 26.18 -25.26 -18.44
C GLN C 356 27.38 -24.34 -18.27
N ARG C 357 27.36 -23.14 -18.83
CA ARG C 357 28.56 -22.32 -18.86
C ARG C 357 28.46 -21.03 -18.04
N GLY C 358 27.42 -20.89 -17.22
CA GLY C 358 27.08 -19.60 -16.62
C GLY C 358 27.68 -19.28 -15.27
N LEU C 359 28.32 -20.23 -14.61
CA LEU C 359 29.04 -19.93 -13.36
C LEU C 359 30.45 -19.46 -13.74
N LEU C 360 30.65 -18.15 -13.74
CA LEU C 360 31.83 -17.54 -14.35
C LEU C 360 32.97 -17.41 -13.36
N ARG C 361 34.19 -17.63 -13.83
CA ARG C 361 35.37 -17.24 -13.06
C ARG C 361 35.52 -15.73 -12.91
N LYS C 362 34.98 -14.93 -13.83
CA LYS C 362 35.09 -13.47 -13.72
C LYS C 362 34.40 -12.94 -12.47
N GLY C 363 33.40 -13.66 -11.93
CA GLY C 363 32.77 -13.27 -10.69
C GLY C 363 31.26 -13.38 -10.72
N TYR C 364 30.62 -12.60 -9.85
CA TYR C 364 29.21 -12.70 -9.57
C TYR C 364 28.40 -11.51 -10.07
N GLY C 365 28.97 -10.69 -10.94
CA GLY C 365 28.35 -9.44 -11.32
C GLY C 365 27.11 -9.60 -12.19
N ILE C 366 26.50 -8.44 -12.50
CA ILE C 366 25.34 -8.45 -13.40
C ILE C 366 25.81 -8.44 -14.84
N CYS C 367 26.71 -7.49 -15.16
CA CYS C 367 27.13 -7.30 -16.53
C CYS C 367 27.79 -8.55 -17.09
N HIS C 368 28.72 -9.14 -16.34
CA HIS C 368 29.49 -10.28 -16.83
C HIS C 368 29.82 -11.10 -15.58
N GLY C 369 28.81 -11.84 -15.11
CA GLY C 369 28.96 -12.57 -13.86
C GLY C 369 27.76 -13.48 -13.62
N THR C 370 27.83 -14.18 -12.49
CA THR C 370 26.89 -15.26 -12.20
C THR C 370 25.50 -14.71 -11.86
N ALA C 371 25.44 -13.58 -11.16
CA ALA C 371 24.14 -12.95 -10.87
C ALA C 371 23.42 -12.51 -12.14
N GLY C 372 24.12 -11.81 -13.04
CA GLY C 372 23.49 -11.46 -14.30
C GLY C 372 23.02 -12.67 -15.09
N ASN C 373 23.87 -13.69 -15.16
CA ASN C 373 23.45 -14.89 -15.88
C ASN C 373 22.32 -15.60 -15.17
N GLY C 374 22.31 -15.54 -13.83
CA GLY C 374 21.22 -16.12 -13.09
C GLY C 374 19.87 -15.48 -13.39
N TYR C 375 19.87 -14.16 -13.66
CA TYR C 375 18.61 -13.47 -13.92
C TYR C 375 17.88 -14.05 -15.12
N SER C 376 18.63 -14.59 -16.09
CA SER C 376 18.02 -15.16 -17.28
C SER C 376 17.05 -16.27 -16.91
N PHE C 377 17.36 -17.03 -15.85
CA PHE C 377 16.46 -18.09 -15.42
C PHE C 377 15.21 -17.50 -14.79
N LEU C 378 15.37 -16.39 -14.04
CA LEU C 378 14.22 -15.71 -13.45
C LEU C 378 13.29 -15.15 -14.53
N SER C 379 13.84 -14.52 -15.57
CA SER C 379 12.99 -13.99 -16.64
C SER C 379 12.29 -15.11 -17.41
N LEU C 380 13.00 -16.22 -17.66
CA LEU C 380 12.39 -17.35 -18.34
C LEU C 380 11.34 -18.04 -17.49
N TYR C 381 11.52 -18.04 -16.17
CA TYR C 381 10.54 -18.67 -15.30
C TYR C 381 9.22 -17.91 -15.32
N ARG C 382 9.27 -16.58 -15.22
CA ARG C 382 8.00 -15.87 -15.19
C ARG C 382 7.35 -15.80 -16.56
N LEU C 383 8.04 -16.17 -17.63
CA LEU C 383 7.41 -16.24 -18.94
C LEU C 383 6.74 -17.59 -19.20
N THR C 384 7.31 -18.68 -18.66
CA THR C 384 6.83 -20.02 -18.93
C THR C 384 6.12 -20.67 -17.75
N GLN C 385 6.29 -20.16 -16.53
CA GLN C 385 5.82 -20.80 -15.31
C GLN C 385 6.39 -22.19 -15.10
N ASP C 386 7.40 -22.57 -15.89
CA ASP C 386 8.08 -23.86 -15.74
C ASP C 386 9.10 -23.73 -14.61
N LYS C 387 8.87 -24.46 -13.53
CA LYS C 387 9.75 -24.43 -12.37
C LYS C 387 11.14 -24.99 -12.62
N LYS C 388 11.42 -25.56 -13.80
CA LYS C 388 12.81 -25.89 -14.11
C LYS C 388 13.69 -24.64 -14.05
N TYR C 389 13.17 -23.51 -14.56
CA TYR C 389 13.93 -22.27 -14.58
C TYR C 389 13.96 -21.60 -13.22
N LEU C 390 12.92 -21.80 -12.41
CA LEU C 390 13.02 -21.40 -11.01
C LEU C 390 14.14 -22.16 -10.32
N TYR C 391 14.18 -23.48 -10.52
CA TYR C 391 15.26 -24.28 -9.93
C TYR C 391 16.63 -23.75 -10.36
N ARG C 392 16.81 -23.51 -11.66
CA ARG C 392 18.11 -23.02 -12.13
C ARG C 392 18.50 -21.71 -11.43
N ALA C 393 17.53 -20.81 -11.25
CA ALA C 393 17.82 -19.54 -10.57
C ALA C 393 18.26 -19.76 -9.13
N CYS C 394 17.59 -20.68 -8.43
CA CYS C 394 17.93 -20.96 -7.03
C CYS C 394 19.34 -21.48 -6.92
N LYS C 395 19.74 -22.34 -7.85
CA LYS C 395 21.09 -22.90 -7.81
C LYS C 395 22.13 -21.83 -8.13
N PHE C 396 21.83 -20.94 -9.08
CA PHE C 396 22.74 -19.82 -9.27
C PHE C 396 22.75 -18.91 -8.04
N ALA C 397 21.58 -18.69 -7.43
CA ALA C 397 21.57 -17.98 -6.16
C ALA C 397 22.44 -18.68 -5.13
N GLU C 398 22.35 -20.01 -5.07
CA GLU C 398 23.12 -20.78 -4.09
C GLU C 398 24.62 -20.59 -4.31
N TRP C 399 25.06 -20.62 -5.57
CA TRP C 399 26.44 -20.29 -5.90
C TRP C 399 26.80 -18.91 -5.38
N CYS C 400 25.86 -17.96 -5.44
CA CYS C 400 26.16 -16.61 -5.01
C CYS C 400 26.25 -16.51 -3.49
N LEU C 401 25.58 -17.42 -2.76
CA LEU C 401 25.73 -17.43 -1.30
C LEU C 401 27.18 -17.59 -0.85
N ASP C 402 28.03 -18.23 -1.67
CA ASP C 402 29.46 -18.36 -1.40
C ASP C 402 30.29 -17.22 -2.00
N TYR C 403 29.70 -16.04 -2.20
CA TYR C 403 30.37 -14.87 -2.75
C TYR C 403 31.80 -14.73 -2.20
N GLY C 404 32.78 -14.66 -3.11
CA GLY C 404 34.16 -14.49 -2.70
C GLY C 404 34.81 -15.69 -2.06
N ALA C 405 34.25 -16.88 -2.24
CA ALA C 405 34.85 -18.12 -1.73
C ALA C 405 35.31 -19.06 -2.85
N HIS C 406 35.32 -18.61 -4.10
CA HIS C 406 35.60 -19.49 -5.23
C HIS C 406 36.91 -19.19 -5.95
N GLY C 407 37.65 -18.17 -5.54
CA GLY C 407 38.85 -17.78 -6.26
C GLY C 407 38.65 -16.73 -7.34
N CYS C 408 37.47 -16.14 -7.45
CA CYS C 408 37.24 -15.10 -8.45
C CYS C 408 38.09 -13.87 -8.18
N ARG C 409 38.48 -13.19 -9.25
CA ARG C 409 39.12 -11.90 -9.10
C ARG C 409 38.13 -10.89 -8.52
N ILE C 410 38.65 -9.97 -7.73
CA ILE C 410 37.81 -8.88 -7.25
C ILE C 410 37.66 -7.86 -8.38
N PRO C 411 36.44 -7.46 -8.73
CA PRO C 411 36.26 -6.58 -9.88
C PRO C 411 36.73 -5.17 -9.58
N ASP C 412 36.95 -4.41 -10.65
CA ASP C 412 37.41 -3.03 -10.52
C ASP C 412 36.50 -2.20 -9.62
N ARG C 413 35.18 -2.32 -9.79
CA ARG C 413 34.26 -1.63 -8.88
C ARG C 413 33.56 -2.69 -8.04
N PRO C 414 34.14 -3.08 -6.90
CA PRO C 414 33.65 -4.28 -6.19
C PRO C 414 32.28 -4.14 -5.59
N TYR C 415 31.76 -2.94 -5.42
CA TYR C 415 30.49 -2.75 -4.75
C TYR C 415 29.38 -2.26 -5.68
N SER C 416 29.68 -2.06 -6.94
CA SER C 416 28.75 -1.42 -7.86
C SER C 416 27.59 -2.35 -8.21
N LEU C 417 26.62 -1.78 -8.94
CA LEU C 417 25.46 -2.56 -9.36
C LEU C 417 25.80 -3.51 -10.49
N PHE C 418 26.58 -3.09 -11.48
CA PHE C 418 26.78 -3.97 -12.62
C PHE C 418 28.08 -4.75 -12.59
N GLU C 419 29.05 -4.34 -11.77
CA GLU C 419 30.31 -5.06 -11.62
C GLU C 419 30.46 -5.78 -10.29
N GLY C 420 29.80 -5.31 -9.24
CA GLY C 420 30.12 -5.69 -7.88
C GLY C 420 28.92 -6.18 -7.09
N MET C 421 28.96 -5.90 -5.78
CA MET C 421 28.10 -6.55 -4.81
C MET C 421 26.63 -6.15 -4.96
N ALA C 422 26.39 -4.86 -5.20
CA ALA C 422 25.02 -4.39 -5.35
C ALA C 422 24.23 -5.25 -6.33
N GLY C 423 24.87 -5.66 -7.43
CA GLY C 423 24.20 -6.51 -8.41
C GLY C 423 23.87 -7.90 -7.87
N ALA C 424 24.75 -8.47 -7.05
CA ALA C 424 24.43 -9.76 -6.44
C ALA C 424 23.28 -9.63 -5.43
N ILE C 425 23.30 -8.59 -4.59
CA ILE C 425 22.19 -8.35 -3.65
C ILE C 425 20.88 -8.18 -4.42
N HIS C 426 20.90 -7.38 -5.49
CA HIS C 426 19.72 -7.20 -6.33
C HIS C 426 19.18 -8.54 -6.82
N PHE C 427 20.05 -9.39 -7.35
CA PHE C 427 19.65 -10.71 -7.83
C PHE C 427 19.07 -11.55 -6.70
N LEU C 428 19.79 -11.65 -5.59
CA LEU C 428 19.31 -12.47 -4.46
C LEU C 428 17.96 -11.96 -3.95
N SER C 429 17.80 -10.63 -3.89
CA SER C 429 16.53 -10.10 -3.39
C SER C 429 15.38 -10.49 -4.31
N ASP C 430 15.64 -10.60 -5.61
CA ASP C 430 14.59 -11.02 -6.53
C ASP C 430 14.29 -12.51 -6.43
N VAL C 431 15.31 -13.32 -6.11
CA VAL C 431 15.13 -14.77 -6.01
C VAL C 431 14.11 -15.13 -4.94
N LEU C 432 13.96 -14.27 -3.91
CA LEU C 432 12.97 -14.52 -2.88
C LEU C 432 11.53 -14.23 -3.32
N GLY C 433 11.35 -13.39 -4.35
CA GLY C 433 10.05 -13.15 -4.92
C GLY C 433 10.10 -13.30 -6.43
N PRO C 434 10.12 -14.56 -6.90
CA PRO C 434 10.54 -14.83 -8.29
C PRO C 434 9.58 -14.32 -9.34
N GLU C 435 8.28 -14.30 -9.05
CA GLU C 435 7.26 -13.78 -9.95
C GLU C 435 7.29 -12.26 -10.08
N THR C 436 8.13 -11.57 -9.31
CA THR C 436 8.25 -10.12 -9.39
C THR C 436 9.70 -9.69 -9.65
N SER C 437 10.52 -10.58 -10.19
CA SER C 437 11.92 -10.26 -10.47
C SER C 437 12.00 -9.22 -11.58
N ARG C 438 13.08 -8.43 -11.57
CA ARG C 438 13.28 -7.39 -12.57
C ARG C 438 14.78 -7.23 -12.76
N PHE C 439 15.27 -7.55 -13.96
CA PHE C 439 16.66 -7.30 -14.33
C PHE C 439 16.90 -5.79 -14.26
N PRO C 440 17.78 -5.33 -13.35
CA PRO C 440 17.90 -3.89 -13.12
C PRO C 440 18.46 -3.17 -14.33
N ALA C 441 17.94 -1.97 -14.59
CA ALA C 441 18.39 -1.11 -15.69
C ALA C 441 18.29 -1.81 -17.06
N PHE C 442 17.35 -2.76 -17.18
CA PHE C 442 17.20 -3.49 -18.44
C PHE C 442 15.74 -3.90 -18.65
N GLU C 443 15.22 -4.69 -17.71
CA GLU C 443 13.79 -4.97 -17.73
C GLU C 443 13.00 -3.76 -17.20
N LEU C 444 11.71 -3.77 -17.47
CA LEU C 444 10.88 -2.62 -17.15
C LEU C 444 9.65 -3.01 -16.33
N ARG D 22 -26.58 14.25 -25.22
CA ARG D 22 -26.06 12.92 -25.56
C ARG D 22 -26.54 12.43 -26.93
N ALA D 23 -27.69 12.93 -27.39
CA ALA D 23 -28.24 12.53 -28.69
C ALA D 23 -28.47 13.75 -29.56
N PHE D 24 -28.17 13.63 -30.86
CA PHE D 24 -28.64 14.63 -31.83
C PHE D 24 -30.16 14.65 -31.88
N VAL D 25 -30.72 15.79 -32.30
CA VAL D 25 -32.13 15.82 -32.66
C VAL D 25 -32.30 15.08 -33.98
N ASN D 26 -33.11 14.03 -33.97
CA ASN D 26 -33.39 13.30 -35.21
C ASN D 26 -34.02 14.26 -36.22
N PRO D 27 -33.40 14.53 -37.36
CA PRO D 27 -33.99 15.48 -38.31
C PRO D 27 -35.13 14.90 -39.13
N PHE D 28 -35.26 13.57 -39.17
CA PHE D 28 -36.13 12.92 -40.13
C PHE D 28 -37.56 12.81 -39.60
N PRO D 29 -38.54 12.93 -40.49
CA PRO D 29 -39.90 12.54 -40.11
C PRO D 29 -40.01 11.02 -40.02
N ASP D 30 -41.06 10.56 -39.36
CA ASP D 30 -41.35 9.13 -39.25
C ASP D 30 -41.88 8.65 -40.58
N TYR D 31 -42.39 7.40 -40.59
CA TYR D 31 -42.63 6.74 -41.87
C TYR D 31 -43.69 7.48 -42.73
N GLU D 32 -44.54 8.33 -42.13
CA GLU D 32 -45.42 9.23 -42.92
C GLU D 32 -44.63 10.34 -43.58
N ALA D 33 -43.92 9.96 -44.63
CA ALA D 33 -43.17 10.89 -45.41
C ALA D 33 -42.95 10.29 -46.79
N LEU D 61 -38.96 7.33 -50.61
CA LEU D 61 -38.70 6.20 -49.72
C LEU D 61 -37.47 5.40 -50.18
N PRO D 62 -36.75 4.78 -49.24
CA PRO D 62 -35.59 3.96 -49.62
C PRO D 62 -35.95 2.56 -50.06
N PHE D 63 -37.23 2.20 -50.10
CA PHE D 63 -37.65 0.88 -50.54
C PHE D 63 -38.93 1.03 -51.34
N HIS D 64 -39.20 0.04 -52.19
CA HIS D 64 -40.48 -0.04 -52.87
C HIS D 64 -41.54 -0.61 -51.91
N GLN D 65 -42.79 -0.64 -52.39
CA GLN D 65 -43.89 -1.10 -51.56
C GLN D 65 -43.73 -2.53 -51.04
N ASP D 66 -42.89 -3.33 -51.70
CA ASP D 66 -42.75 -4.75 -51.40
C ASP D 66 -41.57 -5.07 -50.47
N GLY D 67 -40.86 -4.05 -49.99
CA GLY D 67 -39.70 -4.25 -49.14
C GLY D 67 -38.36 -4.10 -49.81
N LYS D 68 -38.25 -4.36 -51.11
CA LYS D 68 -36.96 -4.28 -51.79
C LYS D 68 -36.41 -2.86 -51.74
N ILE D 69 -35.22 -2.70 -51.15
CA ILE D 69 -34.53 -1.42 -51.16
C ILE D 69 -34.39 -0.93 -52.60
N ILE D 70 -34.64 0.35 -52.84
CA ILE D 70 -34.50 0.91 -54.17
C ILE D 70 -33.02 0.88 -54.57
N HIS D 71 -32.76 0.53 -55.83
CA HIS D 71 -31.40 0.25 -56.27
C HIS D 71 -30.49 1.47 -56.15
N ASN D 72 -31.04 2.68 -56.18
CA ASN D 72 -30.23 3.86 -55.92
C ASN D 72 -29.70 3.87 -54.49
N PHE D 73 -30.53 3.45 -53.53
CA PHE D 73 -30.06 3.39 -52.15
C PHE D 73 -29.03 2.29 -51.98
N ILE D 74 -29.20 1.18 -52.68
CA ILE D 74 -28.20 0.12 -52.67
C ILE D 74 -26.85 0.65 -53.12
N ARG D 75 -26.83 1.45 -54.19
CA ARG D 75 -25.58 1.98 -54.72
C ARG D 75 -24.93 2.93 -53.73
N ARG D 76 -25.71 3.84 -53.14
CA ARG D 76 -25.16 4.73 -52.14
C ARG D 76 -24.54 3.95 -50.97
N ILE D 77 -25.11 2.80 -50.63
CA ILE D 77 -24.66 2.01 -49.47
C ILE D 77 -23.43 1.19 -49.82
N GLN D 78 -23.42 0.58 -51.02
CA GLN D 78 -22.25 -0.20 -51.40
C GLN D 78 -21.02 0.68 -51.62
N THR D 79 -21.22 1.94 -52.02
CA THR D 79 -20.07 2.82 -52.23
C THR D 79 -19.44 3.20 -50.91
N LYS D 80 -20.25 3.57 -49.91
CA LYS D 80 -19.72 3.91 -48.61
C LYS D 80 -19.09 2.70 -47.93
N ILE D 81 -19.66 1.51 -48.14
CA ILE D 81 -19.07 0.29 -47.59
C ILE D 81 -17.68 0.07 -48.15
N LYS D 82 -17.50 0.29 -49.46
CA LYS D 82 -16.17 0.14 -50.06
C LYS D 82 -15.25 1.26 -49.61
N ASP D 83 -15.78 2.47 -49.42
CA ASP D 83 -14.98 3.55 -48.85
C ASP D 83 -14.56 3.22 -47.41
N LEU D 84 -15.50 2.75 -46.58
CA LEU D 84 -15.18 2.45 -45.19
C LEU D 84 -14.28 1.22 -45.08
N LEU D 85 -14.50 0.20 -45.90
CA LEU D 85 -13.60 -0.94 -45.87
C LEU D 85 -12.17 -0.52 -46.15
N GLN D 86 -11.98 0.53 -46.95
CA GLN D 86 -10.63 1.02 -47.23
C GLN D 86 -10.05 1.77 -46.04
N GLN D 87 -10.87 2.55 -45.34
CA GLN D 87 -10.37 3.27 -44.17
C GLN D 87 -10.06 2.32 -43.04
N MET D 88 -10.82 1.23 -42.92
CA MET D 88 -10.61 0.25 -41.86
C MET D 88 -9.31 -0.51 -42.07
N GLU D 89 -9.15 -1.13 -43.25
CA GLU D 89 -7.92 -1.83 -43.60
C GLU D 89 -6.68 -0.97 -43.46
N GLU D 90 -6.82 0.36 -43.52
CA GLU D 90 -5.66 1.23 -43.33
C GLU D 90 -5.48 1.65 -41.88
N GLY D 91 -6.57 1.88 -41.16
CA GLY D 91 -6.47 2.15 -39.73
C GLY D 91 -6.04 0.93 -38.94
N LEU D 92 -6.41 -0.26 -39.39
CA LEU D 92 -6.04 -1.49 -38.70
C LEU D 92 -4.58 -1.87 -38.87
N LYS D 93 -3.79 -1.03 -39.54
CA LYS D 93 -2.36 -1.29 -39.62
C LYS D 93 -1.63 -0.83 -38.37
N THR D 94 -2.22 0.10 -37.60
CA THR D 94 -1.65 0.60 -36.36
C THR D 94 -2.55 0.30 -35.16
N ALA D 95 -3.40 -0.71 -35.27
CA ALA D 95 -4.24 -1.12 -34.15
C ALA D 95 -3.43 -1.94 -33.14
N ASP D 96 -3.97 -2.05 -31.94
CA ASP D 96 -3.34 -2.81 -30.88
C ASP D 96 -2.98 -4.22 -31.35
N PRO D 97 -1.69 -4.60 -31.32
CA PRO D 97 -1.31 -5.93 -31.81
C PRO D 97 -1.87 -7.09 -31.00
N HIS D 98 -2.14 -6.90 -29.71
CA HIS D 98 -2.43 -8.04 -28.84
C HIS D 98 -3.92 -8.27 -28.59
N ASP D 99 -4.73 -7.20 -28.55
CA ASP D 99 -6.17 -7.35 -28.40
C ASP D 99 -6.72 -8.18 -29.56
N CYS D 100 -7.19 -9.39 -29.25
CA CYS D 100 -7.66 -10.34 -30.24
C CYS D 100 -9.18 -10.57 -30.16
N SER D 101 -9.88 -9.81 -29.34
CA SER D 101 -11.27 -10.11 -29.03
C SER D 101 -12.20 -9.72 -30.19
N ALA D 102 -13.39 -10.34 -30.19
CA ALA D 102 -14.42 -9.99 -31.15
C ALA D 102 -14.89 -8.55 -30.94
N TYR D 103 -15.13 -8.19 -29.68
CA TYR D 103 -15.13 -6.80 -29.25
C TYR D 103 -13.76 -6.17 -29.53
N THR D 104 -13.75 -4.99 -30.15
CA THR D 104 -12.53 -4.17 -30.29
C THR D 104 -11.27 -4.80 -30.90
N GLY D 105 -11.20 -6.11 -31.11
CA GLY D 105 -9.95 -6.67 -31.64
C GLY D 105 -10.05 -7.39 -32.98
N TRP D 106 -9.06 -8.25 -33.29
CA TRP D 106 -8.95 -8.84 -34.62
C TRP D 106 -10.08 -9.82 -34.92
N THR D 107 -10.51 -10.59 -33.92
CA THR D 107 -11.61 -11.52 -34.15
C THR D 107 -12.85 -10.79 -34.63
N GLY D 108 -13.05 -9.53 -34.20
CA GLY D 108 -14.19 -8.77 -34.67
C GLY D 108 -14.10 -8.41 -36.14
N ILE D 109 -12.89 -8.15 -36.63
CA ILE D 109 -12.67 -7.91 -38.06
C ILE D 109 -12.93 -9.19 -38.88
N ALA D 110 -12.44 -10.33 -38.42
CA ALA D 110 -12.80 -11.59 -39.06
C ALA D 110 -14.31 -11.82 -39.08
N LEU D 111 -15.01 -11.45 -38.00
CA LEU D 111 -16.47 -11.55 -37.98
C LEU D 111 -17.10 -10.69 -39.08
N LEU D 112 -16.60 -9.46 -39.27
CA LEU D 112 -17.10 -8.61 -40.34
C LEU D 112 -16.95 -9.29 -41.70
N TYR D 113 -15.77 -9.86 -41.97
CA TYR D 113 -15.55 -10.45 -43.28
C TYR D 113 -16.35 -11.74 -43.45
N LEU D 114 -16.59 -12.48 -42.36
CA LEU D 114 -17.51 -13.59 -42.40
C LEU D 114 -18.92 -13.13 -42.75
N GLN D 115 -19.34 -11.98 -42.19
CA GLN D 115 -20.65 -11.42 -42.49
C GLN D 115 -20.72 -10.96 -43.94
N LEU D 116 -19.73 -10.18 -44.38
CA LEU D 116 -19.63 -9.78 -45.78
C LEU D 116 -19.73 -10.99 -46.71
N TYR D 117 -19.01 -12.06 -46.37
CA TYR D 117 -19.09 -13.28 -47.16
C TYR D 117 -20.50 -13.88 -47.11
N ARG D 118 -21.15 -13.79 -45.95
CA ARG D 118 -22.47 -14.39 -45.78
C ARG D 118 -23.51 -13.77 -46.73
N VAL D 119 -23.40 -12.47 -47.00
CA VAL D 119 -24.41 -11.77 -47.80
C VAL D 119 -24.02 -11.63 -49.27
N THR D 120 -22.75 -11.84 -49.62
CA THR D 120 -22.34 -11.76 -51.02
C THR D 120 -21.96 -13.11 -51.62
N CYS D 121 -21.67 -14.12 -50.79
CA CYS D 121 -21.14 -15.40 -51.26
C CYS D 121 -19.85 -15.22 -52.05
N ASP D 122 -19.27 -14.02 -51.98
CA ASP D 122 -17.99 -13.76 -52.61
C ASP D 122 -16.88 -14.33 -51.72
N GLN D 123 -16.18 -15.35 -52.23
CA GLN D 123 -15.24 -16.09 -51.41
C GLN D 123 -13.96 -15.30 -51.09
N THR D 124 -13.70 -14.17 -51.75
CA THR D 124 -12.54 -13.38 -51.34
C THR D 124 -12.71 -12.79 -49.95
N TYR D 125 -13.95 -12.66 -49.47
CA TYR D 125 -14.16 -12.21 -48.10
C TYR D 125 -13.85 -13.32 -47.10
N LEU D 126 -14.27 -14.55 -47.39
CA LEU D 126 -13.94 -15.67 -46.52
C LEU D 126 -12.43 -15.83 -46.37
N LEU D 127 -11.67 -15.68 -47.46
CA LEU D 127 -10.23 -15.80 -47.36
C LEU D 127 -9.61 -14.67 -46.55
N ARG D 128 -10.22 -13.50 -46.58
CA ARG D 128 -9.69 -12.37 -45.81
C ARG D 128 -9.94 -12.51 -44.32
N SER D 129 -11.02 -13.21 -43.94
CA SER D 129 -11.33 -13.38 -42.53
C SER D 129 -10.32 -14.29 -41.84
N LEU D 130 -9.94 -15.38 -42.51
CA LEU D 130 -8.90 -16.26 -41.98
C LEU D 130 -7.60 -15.52 -41.74
N ASP D 131 -7.24 -14.60 -42.64
CA ASP D 131 -6.04 -13.80 -42.43
C ASP D 131 -6.12 -12.98 -41.15
N TYR D 132 -7.32 -12.85 -40.57
CA TYR D 132 -7.46 -12.15 -39.30
C TYR D 132 -7.56 -13.08 -38.11
N VAL D 133 -8.14 -14.28 -38.23
CA VAL D 133 -8.17 -15.18 -37.07
C VAL D 133 -6.77 -15.68 -36.71
N LYS D 134 -5.89 -15.90 -37.70
CA LYS D 134 -4.60 -16.52 -37.38
C LYS D 134 -3.75 -15.67 -36.44
N ARG D 135 -3.94 -14.34 -36.45
CA ARG D 135 -3.30 -13.48 -35.45
C ARG D 135 -3.81 -13.74 -34.03
N THR D 136 -4.96 -14.40 -33.89
CA THR D 136 -5.57 -14.55 -32.57
C THR D 136 -5.35 -15.94 -31.98
N LEU D 137 -5.13 -16.96 -32.79
CA LEU D 137 -5.07 -18.33 -32.32
C LEU D 137 -3.72 -18.72 -31.69
N ARG D 138 -2.83 -17.77 -31.38
CA ARG D 138 -1.53 -18.10 -30.81
C ARG D 138 -1.32 -17.60 -29.37
N ASN D 139 -2.12 -16.65 -28.91
CA ASN D 139 -1.99 -16.12 -27.56
C ASN D 139 -3.29 -16.39 -26.81
N LEU D 140 -3.52 -17.66 -26.44
CA LEU D 140 -4.75 -18.09 -25.78
C LEU D 140 -4.41 -18.58 -24.38
N ASN D 141 -4.82 -17.79 -23.38
CA ASN D 141 -4.61 -18.08 -21.96
C ASN D 141 -5.64 -19.01 -21.37
N GLY D 142 -6.92 -18.77 -21.64
CA GLY D 142 -8.00 -19.37 -20.89
C GLY D 142 -8.51 -18.49 -19.76
N ARG D 143 -7.96 -17.30 -19.61
CA ARG D 143 -8.36 -16.39 -18.54
C ARG D 143 -9.70 -15.71 -18.83
N ARG D 144 -10.08 -15.59 -20.09
CA ARG D 144 -11.34 -14.98 -20.49
C ARG D 144 -12.12 -15.96 -21.36
N VAL D 145 -13.44 -16.06 -21.15
CA VAL D 145 -14.22 -17.19 -21.64
C VAL D 145 -15.28 -16.83 -22.68
N THR D 146 -15.59 -15.55 -22.93
CA THR D 146 -16.77 -15.26 -23.72
C THR D 146 -16.48 -15.19 -25.22
N PHE D 147 -17.56 -15.10 -25.99
CA PHE D 147 -17.42 -14.90 -27.43
C PHE D 147 -16.93 -13.50 -27.75
N LEU D 148 -17.43 -12.49 -27.01
CA LEU D 148 -17.11 -11.10 -27.33
C LEU D 148 -15.70 -10.70 -26.87
N CYS D 149 -15.31 -11.09 -25.67
CA CYS D 149 -14.09 -10.60 -25.05
C CYS D 149 -13.08 -11.69 -24.72
N GLY D 150 -13.44 -12.97 -24.90
CA GLY D 150 -12.64 -14.07 -24.42
C GLY D 150 -12.10 -14.95 -25.54
N ASP D 151 -11.38 -16.00 -25.11
CA ASP D 151 -10.78 -16.96 -26.04
C ASP D 151 -11.82 -17.61 -26.92
N ALA D 152 -13.06 -17.74 -26.44
CA ALA D 152 -14.11 -18.37 -27.21
C ALA D 152 -14.45 -17.61 -28.48
N GLY D 153 -14.04 -16.34 -28.59
CA GLY D 153 -14.21 -15.57 -29.80
C GLY D 153 -13.33 -16.06 -30.93
N PRO D 154 -12.01 -15.96 -30.76
CA PRO D 154 -11.10 -16.52 -31.77
C PRO D 154 -11.41 -17.97 -32.11
N LEU D 155 -11.62 -18.82 -31.09
CA LEU D 155 -11.83 -20.23 -31.35
C LEU D 155 -13.15 -20.50 -32.08
N ALA D 156 -14.25 -19.92 -31.61
CA ALA D 156 -15.54 -20.15 -32.27
C ALA D 156 -15.54 -19.60 -33.69
N VAL D 157 -14.99 -18.39 -33.89
CA VAL D 157 -14.91 -17.87 -35.25
C VAL D 157 -13.91 -18.69 -36.05
N GLY D 158 -12.82 -19.13 -35.42
CA GLY D 158 -11.88 -20.02 -36.10
C GLY D 158 -12.54 -21.29 -36.58
N ALA D 159 -13.35 -21.92 -35.71
CA ALA D 159 -14.08 -23.12 -36.11
C ALA D 159 -15.00 -22.87 -37.31
N VAL D 160 -15.61 -21.69 -37.39
CA VAL D 160 -16.55 -21.45 -38.48
C VAL D 160 -15.79 -21.22 -39.78
N ILE D 161 -14.72 -20.43 -39.73
CA ILE D 161 -13.97 -20.16 -40.95
C ILE D 161 -13.38 -21.45 -41.51
N TYR D 162 -12.62 -22.18 -40.68
CA TYR D 162 -12.02 -23.43 -41.13
C TYR D 162 -13.06 -24.40 -41.65
N HIS D 163 -14.25 -24.46 -41.03
CA HIS D 163 -15.27 -25.37 -41.51
C HIS D 163 -15.89 -24.89 -42.82
N LYS D 164 -15.93 -23.58 -43.04
CA LYS D 164 -16.45 -23.08 -44.31
C LYS D 164 -15.45 -23.30 -45.42
N LEU D 165 -14.14 -23.11 -45.13
CA LEU D 165 -13.05 -23.46 -46.04
C LEU D 165 -12.73 -24.95 -46.06
N ARG D 166 -13.50 -25.82 -45.40
CA ARG D 166 -13.34 -27.28 -45.45
C ARG D 166 -11.95 -27.71 -44.98
N SER D 167 -11.69 -27.48 -43.70
CA SER D 167 -10.55 -28.07 -43.02
C SER D 167 -11.08 -28.63 -41.70
N ASP D 168 -11.83 -29.73 -41.79
CA ASP D 168 -12.39 -30.36 -40.61
C ASP D 168 -11.31 -30.75 -39.61
N CYS D 169 -10.05 -30.69 -39.99
CA CYS D 169 -8.96 -30.87 -39.05
C CYS D 169 -8.82 -29.64 -38.15
N GLU D 170 -8.53 -28.49 -38.74
CA GLU D 170 -8.29 -27.29 -37.94
C GLU D 170 -9.57 -26.78 -37.27
N SER D 171 -10.75 -27.09 -37.83
CA SER D 171 -11.96 -26.56 -37.20
C SER D 171 -12.35 -27.38 -35.98
N GLN D 172 -12.17 -28.70 -36.06
CA GLN D 172 -12.38 -29.54 -34.89
C GLN D 172 -11.39 -29.23 -33.79
N GLU D 173 -10.17 -28.82 -34.15
CA GLU D 173 -9.21 -28.43 -33.13
C GLU D 173 -9.65 -27.17 -32.43
N CYS D 174 -10.24 -26.23 -33.18
CA CYS D 174 -10.77 -25.02 -32.56
C CYS D 174 -11.90 -25.34 -31.60
N VAL D 175 -12.80 -26.25 -31.99
CA VAL D 175 -13.89 -26.60 -31.09
C VAL D 175 -13.38 -27.33 -29.85
N THR D 176 -12.47 -28.30 -30.02
CA THR D 176 -11.91 -28.99 -28.85
C THR D 176 -11.32 -27.99 -27.86
N LYS D 177 -10.50 -27.04 -28.35
CA LYS D 177 -9.87 -26.04 -27.48
C LYS D 177 -10.89 -25.11 -26.83
N LEU D 178 -11.95 -24.74 -27.54
CA LEU D 178 -12.98 -23.90 -26.93
C LEU D 178 -13.69 -24.64 -25.80
N LEU D 179 -14.02 -25.91 -26.02
CA LEU D 179 -14.77 -26.69 -25.04
C LEU D 179 -13.96 -26.97 -23.78
N GLN D 180 -12.64 -26.77 -23.81
CA GLN D 180 -11.86 -26.95 -22.59
C GLN D 180 -12.11 -25.82 -21.59
N LEU D 181 -12.67 -24.68 -22.04
CA LEU D 181 -13.13 -23.65 -21.11
C LEU D 181 -14.32 -24.09 -20.26
N GLN D 182 -14.98 -25.18 -20.64
CA GLN D 182 -16.26 -25.59 -20.03
C GLN D 182 -16.20 -25.68 -18.51
N ARG D 183 -15.16 -26.34 -17.98
CA ARG D 183 -15.11 -26.58 -16.53
C ARG D 183 -15.13 -25.26 -15.75
N SER D 184 -14.24 -24.33 -16.11
CA SER D 184 -14.20 -23.03 -15.44
C SER D 184 -15.54 -22.28 -15.51
N VAL D 185 -16.34 -22.52 -16.55
CA VAL D 185 -17.62 -21.81 -16.70
C VAL D 185 -18.71 -22.42 -15.82
N VAL D 186 -18.73 -23.75 -15.69
CA VAL D 186 -19.85 -24.41 -14.99
C VAL D 186 -19.59 -24.57 -13.50
N CYS D 187 -18.41 -24.23 -13.02
CA CYS D 187 -18.10 -24.32 -11.59
C CYS D 187 -18.67 -23.09 -10.87
N GLN D 188 -19.51 -23.34 -9.85
CA GLN D 188 -20.08 -22.21 -9.11
C GLN D 188 -19.05 -21.52 -8.21
N GLU D 189 -17.93 -22.18 -7.92
CA GLU D 189 -16.85 -21.61 -7.09
C GLU D 189 -15.77 -20.93 -7.92
N SER D 190 -16.19 -20.10 -8.87
CA SER D 190 -15.26 -19.32 -9.68
C SER D 190 -15.48 -17.82 -9.57
N ASP D 191 -16.63 -17.38 -9.06
CA ASP D 191 -17.04 -15.97 -9.05
C ASP D 191 -17.02 -15.34 -10.45
N LEU D 192 -16.87 -16.16 -11.50
CA LEU D 192 -17.10 -15.72 -12.86
C LEU D 192 -18.51 -15.14 -12.99
N PRO D 193 -18.66 -14.02 -13.68
CA PRO D 193 -20.00 -13.43 -13.85
C PRO D 193 -20.91 -14.28 -14.72
N ASP D 194 -22.15 -13.82 -14.92
CA ASP D 194 -23.07 -14.49 -15.82
C ASP D 194 -23.37 -13.73 -17.10
N GLU D 195 -23.04 -12.44 -17.17
CA GLU D 195 -23.48 -11.59 -18.27
C GLU D 195 -22.67 -11.87 -19.53
N LEU D 196 -22.88 -11.03 -20.55
CA LEU D 196 -22.53 -11.40 -21.91
C LEU D 196 -21.05 -11.20 -22.21
N LEU D 197 -20.43 -10.14 -21.67
CA LEU D 197 -19.08 -9.81 -22.11
C LEU D 197 -18.00 -10.55 -21.33
N TYR D 198 -18.28 -10.95 -20.09
CA TYR D 198 -17.27 -11.58 -19.24
C TYR D 198 -17.71 -12.87 -18.57
N GLY D 199 -18.97 -13.27 -18.71
CA GLY D 199 -19.49 -14.38 -17.97
C GLY D 199 -20.12 -15.50 -18.77
N ARG D 200 -21.01 -16.23 -18.10
CA ARG D 200 -21.45 -17.52 -18.62
C ARG D 200 -22.29 -17.37 -19.88
N ALA D 201 -23.11 -16.32 -19.97
CA ALA D 201 -23.96 -16.12 -21.14
C ALA D 201 -23.12 -15.87 -22.39
N GLY D 202 -22.00 -15.18 -22.25
CA GLY D 202 -21.11 -14.97 -23.38
C GLY D 202 -20.39 -16.23 -23.81
N TYR D 203 -20.16 -17.15 -22.87
CA TYR D 203 -19.62 -18.44 -23.30
C TYR D 203 -20.72 -19.30 -23.89
N LEU D 204 -21.91 -19.25 -23.31
CA LEU D 204 -23.06 -19.93 -23.91
C LEU D 204 -23.27 -19.51 -25.36
N TYR D 205 -23.08 -18.22 -25.64
CA TYR D 205 -23.31 -17.71 -26.99
C TYR D 205 -22.36 -18.36 -27.98
N ALA D 206 -21.10 -18.57 -27.57
CA ALA D 206 -20.18 -19.28 -28.43
C ALA D 206 -20.69 -20.68 -28.74
N LEU D 207 -21.30 -21.35 -27.76
CA LEU D 207 -21.79 -22.70 -28.01
C LEU D 207 -22.96 -22.68 -28.98
N LEU D 208 -23.84 -21.70 -28.85
CA LEU D 208 -24.96 -21.59 -29.78
C LEU D 208 -24.49 -21.13 -31.15
N TYR D 209 -23.49 -20.24 -31.18
CA TYR D 209 -22.94 -19.76 -32.45
C TYR D 209 -22.35 -20.92 -33.27
N LEU D 210 -21.70 -21.87 -32.59
CA LEU D 210 -21.18 -23.06 -33.26
C LEU D 210 -22.32 -23.91 -33.84
N ASN D 211 -23.33 -24.21 -33.02
CA ASN D 211 -24.43 -25.07 -33.46
C ASN D 211 -25.36 -24.41 -34.48
N THR D 212 -25.25 -23.10 -34.69
CA THR D 212 -26.06 -22.46 -35.71
C THR D 212 -25.26 -22.06 -36.93
N GLU D 213 -24.00 -21.66 -36.75
CA GLU D 213 -23.15 -21.31 -37.88
C GLU D 213 -22.49 -22.52 -38.52
N ILE D 214 -22.54 -23.69 -37.88
CA ILE D 214 -22.00 -24.91 -38.44
C ILE D 214 -23.05 -26.01 -38.51
N GLY D 215 -23.77 -26.25 -37.40
CA GLY D 215 -24.82 -27.24 -37.41
C GLY D 215 -25.08 -27.87 -36.06
N PRO D 216 -26.28 -28.43 -35.88
CA PRO D 216 -26.66 -29.05 -34.61
C PRO D 216 -25.92 -30.33 -34.29
N GLY D 217 -24.59 -30.31 -34.34
CA GLY D 217 -23.80 -31.47 -33.97
C GLY D 217 -22.38 -31.05 -33.68
N THR D 218 -22.15 -29.73 -33.70
CA THR D 218 -20.82 -29.21 -33.43
C THR D 218 -20.50 -29.21 -31.94
N VAL D 219 -21.51 -28.96 -31.10
CA VAL D 219 -21.36 -28.90 -29.65
C VAL D 219 -22.41 -29.81 -29.04
N CYS D 220 -21.98 -30.65 -28.10
CA CYS D 220 -22.91 -31.55 -27.44
C CYS D 220 -23.99 -30.75 -26.72
N GLU D 221 -25.24 -31.24 -26.82
CA GLU D 221 -26.36 -30.56 -26.15
C GLU D 221 -26.25 -30.61 -24.63
N SER D 222 -25.54 -31.61 -24.09
CA SER D 222 -25.40 -31.69 -22.65
C SER D 222 -24.41 -30.66 -22.11
N ALA D 223 -23.38 -30.32 -22.88
CA ALA D 223 -22.50 -29.20 -22.53
C ALA D 223 -23.29 -27.89 -22.43
N ILE D 224 -24.12 -27.62 -23.43
CA ILE D 224 -24.99 -26.45 -23.38
C ILE D 224 -25.93 -26.53 -22.17
N LYS D 225 -26.52 -27.70 -21.92
CA LYS D 225 -27.39 -27.87 -20.76
C LYS D 225 -26.62 -27.63 -19.45
N GLU D 226 -25.34 -27.98 -19.42
CA GLU D 226 -24.51 -27.71 -18.26
C GLU D 226 -24.37 -26.21 -18.01
N VAL D 227 -23.99 -25.45 -19.05
CA VAL D 227 -23.87 -24.00 -18.92
C VAL D 227 -25.21 -23.39 -18.53
N VAL D 228 -26.29 -23.88 -19.13
CA VAL D 228 -27.61 -23.30 -18.85
C VAL D 228 -27.99 -23.50 -17.39
N ASN D 229 -27.79 -24.72 -16.87
CA ASN D 229 -28.09 -24.98 -15.46
C ASN D 229 -27.22 -24.13 -14.53
N ALA D 230 -25.97 -23.86 -14.90
CA ALA D 230 -25.14 -22.99 -14.08
C ALA D 230 -25.66 -21.56 -14.09
N ILE D 231 -26.20 -21.10 -15.22
CA ILE D 231 -26.77 -19.76 -15.25
C ILE D 231 -28.00 -19.69 -14.37
N ILE D 232 -28.91 -20.67 -14.53
CA ILE D 232 -30.16 -20.69 -13.77
C ILE D 232 -29.89 -20.74 -12.28
N GLU D 233 -28.98 -21.63 -11.85
CA GLU D 233 -28.71 -21.79 -10.42
C GLU D 233 -28.02 -20.56 -9.84
N SER D 234 -27.11 -19.94 -10.58
CA SER D 234 -26.57 -18.68 -10.11
C SER D 234 -27.67 -17.64 -9.94
N GLY D 235 -28.68 -17.70 -10.81
CA GLY D 235 -29.82 -16.81 -10.66
C GLY D 235 -30.68 -17.15 -9.46
N LYS D 236 -30.95 -18.45 -9.24
CA LYS D 236 -31.67 -18.86 -8.03
C LYS D 236 -30.92 -18.45 -6.78
N THR D 237 -29.60 -18.61 -6.79
CA THR D 237 -28.82 -18.36 -5.58
C THR D 237 -28.88 -16.88 -5.19
N LEU D 238 -28.48 -15.98 -6.10
CA LEU D 238 -28.51 -14.56 -5.76
C LEU D 238 -29.91 -14.10 -5.45
N SER D 239 -30.90 -14.60 -6.20
CA SER D 239 -32.27 -14.19 -5.95
C SER D 239 -32.75 -14.64 -4.58
N ARG D 240 -32.20 -15.74 -4.06
CA ARG D 240 -32.53 -16.17 -2.70
C ARG D 240 -31.83 -15.29 -1.67
N GLU D 241 -30.55 -14.96 -1.88
CA GLU D 241 -29.80 -14.21 -0.88
C GLU D 241 -30.38 -12.82 -0.67
N GLU D 242 -30.77 -12.13 -1.74
CA GLU D 242 -31.77 -11.09 -1.60
C GLU D 242 -33.11 -11.78 -1.51
N ARG D 243 -34.09 -11.15 -0.89
CA ARG D 243 -35.34 -11.91 -0.73
C ARG D 243 -36.30 -11.57 -1.87
N LYS D 244 -35.90 -12.02 -3.07
CA LYS D 244 -36.60 -11.73 -4.32
C LYS D 244 -36.90 -13.02 -5.08
N THR D 245 -37.10 -14.14 -4.38
CA THR D 245 -37.27 -15.42 -5.05
C THR D 245 -38.50 -15.43 -5.95
N GLU D 246 -39.57 -14.73 -5.58
CA GLU D 246 -40.75 -14.71 -6.43
C GLU D 246 -40.94 -13.42 -7.20
N ARG D 247 -40.46 -12.27 -6.69
CA ARG D 247 -40.50 -11.04 -7.47
C ARG D 247 -39.60 -11.18 -8.70
N CYS D 248 -38.39 -11.71 -8.53
CA CYS D 248 -37.43 -11.84 -9.62
C CYS D 248 -36.66 -13.14 -9.45
N PRO D 249 -37.16 -14.24 -9.99
CA PRO D 249 -36.56 -15.55 -9.68
C PRO D 249 -35.13 -15.72 -10.16
N LEU D 250 -34.66 -14.93 -11.12
CA LEU D 250 -33.32 -15.11 -11.66
C LEU D 250 -32.58 -13.77 -11.61
N LEU D 251 -31.84 -13.54 -10.54
CA LEU D 251 -31.13 -12.28 -10.33
C LEU D 251 -29.65 -12.44 -10.61
N TYR D 252 -29.03 -11.40 -11.19
CA TYR D 252 -27.61 -11.44 -11.50
C TYR D 252 -27.01 -10.07 -11.20
N GLN D 253 -25.68 -10.05 -11.05
CA GLN D 253 -24.98 -8.81 -10.78
C GLN D 253 -23.60 -8.88 -11.42
N TRP D 254 -23.07 -7.71 -11.74
CA TRP D 254 -21.74 -7.61 -12.31
C TRP D 254 -21.12 -6.35 -11.75
N HIS D 255 -19.88 -6.46 -11.29
CA HIS D 255 -19.15 -5.35 -10.65
C HIS D 255 -20.03 -4.67 -9.61
N ARG D 256 -20.58 -5.49 -8.72
CA ARG D 256 -21.36 -5.13 -7.52
C ARG D 256 -22.73 -4.54 -7.86
N LYS D 257 -23.07 -4.34 -9.13
CA LYS D 257 -24.34 -3.72 -9.50
C LYS D 257 -25.24 -4.69 -10.28
N GLN D 258 -26.54 -4.58 -10.04
CA GLN D 258 -27.53 -5.40 -10.75
C GLN D 258 -27.91 -4.67 -12.05
N TYR D 259 -27.07 -4.87 -13.06
CA TYR D 259 -27.30 -4.25 -14.37
C TYR D 259 -28.52 -4.85 -15.07
N VAL D 260 -29.11 -4.04 -15.95
CA VAL D 260 -30.40 -4.38 -16.54
C VAL D 260 -30.23 -4.80 -17.99
N GLY D 261 -29.27 -4.20 -18.69
CA GLY D 261 -29.24 -4.25 -20.15
C GLY D 261 -28.61 -5.49 -20.75
N ALA D 262 -28.32 -5.38 -22.06
CA ALA D 262 -27.88 -6.54 -22.85
C ALA D 262 -26.40 -6.90 -22.64
N ALA D 263 -25.55 -5.91 -22.37
CA ALA D 263 -24.12 -6.18 -22.33
C ALA D 263 -23.72 -6.82 -21.01
N HIS D 264 -24.15 -6.23 -19.90
CA HIS D 264 -23.68 -6.65 -18.59
C HIS D 264 -24.81 -7.08 -17.66
N GLY D 265 -26.04 -7.15 -18.15
CA GLY D 265 -27.14 -7.34 -17.22
C GLY D 265 -28.18 -8.40 -17.52
N MET D 266 -29.32 -8.27 -16.84
CA MET D 266 -30.34 -9.31 -16.87
C MET D 266 -30.95 -9.47 -18.26
N ALA D 267 -31.21 -8.36 -18.97
CA ALA D 267 -31.85 -8.45 -20.28
C ALA D 267 -31.04 -9.34 -21.23
N GLY D 268 -29.74 -9.14 -21.29
CA GLY D 268 -28.90 -9.93 -22.18
C GLY D 268 -28.83 -11.39 -21.76
N ILE D 269 -28.85 -11.64 -20.46
CA ILE D 269 -28.82 -13.01 -19.94
C ILE D 269 -30.11 -13.74 -20.28
N TYR D 270 -31.27 -13.10 -20.00
CA TYR D 270 -32.55 -13.70 -20.34
C TYR D 270 -32.69 -13.93 -21.83
N TYR D 271 -32.15 -13.00 -22.63
CA TYR D 271 -32.16 -13.16 -24.08
C TYR D 271 -31.47 -14.45 -24.51
N MET D 272 -30.27 -14.72 -23.99
CA MET D 272 -29.58 -15.95 -24.35
C MET D 272 -30.33 -17.20 -23.89
N LEU D 273 -30.94 -17.14 -22.71
CA LEU D 273 -31.74 -18.26 -22.21
C LEU D 273 -32.98 -18.52 -23.06
N MET D 274 -33.46 -17.51 -23.79
CA MET D 274 -34.59 -17.64 -24.70
C MET D 274 -34.15 -18.01 -26.12
N GLN D 275 -32.87 -18.27 -26.33
CA GLN D 275 -32.44 -18.70 -27.64
C GLN D 275 -32.98 -20.11 -27.90
N PRO D 276 -33.55 -20.36 -29.08
CA PRO D 276 -33.98 -21.74 -29.38
C PRO D 276 -32.85 -22.74 -29.26
N ALA D 277 -31.64 -22.36 -29.67
CA ALA D 277 -30.52 -23.29 -29.68
C ALA D 277 -30.00 -23.58 -28.27
N ALA D 278 -30.39 -22.78 -27.28
CA ALA D 278 -30.08 -23.12 -25.89
C ALA D 278 -31.03 -24.17 -25.34
N LYS D 279 -32.16 -24.40 -26.01
CA LYS D 279 -33.04 -25.54 -25.76
C LYS D 279 -33.48 -25.63 -24.30
N VAL D 280 -33.67 -24.50 -23.63
CA VAL D 280 -34.27 -24.50 -22.30
C VAL D 280 -35.73 -24.94 -22.40
N ASP D 281 -36.17 -25.76 -21.45
CA ASP D 281 -37.50 -26.35 -21.51
C ASP D 281 -38.56 -25.32 -21.09
N GLN D 282 -39.81 -25.54 -21.56
CA GLN D 282 -40.86 -24.57 -21.32
C GLN D 282 -41.10 -24.29 -19.84
N GLU D 283 -40.80 -25.26 -18.96
CA GLU D 283 -41.10 -25.03 -17.56
C GLU D 283 -40.18 -23.97 -16.97
N THR D 284 -38.87 -24.12 -17.15
CA THR D 284 -37.94 -23.13 -16.63
C THR D 284 -38.20 -21.76 -17.26
N LEU D 285 -38.63 -21.74 -18.54
CA LEU D 285 -38.87 -20.49 -19.25
C LEU D 285 -40.02 -19.70 -18.63
N THR D 286 -41.12 -20.37 -18.32
CA THR D 286 -42.28 -19.65 -17.82
C THR D 286 -42.24 -19.43 -16.31
N GLU D 287 -41.54 -20.29 -15.58
CA GLU D 287 -41.52 -20.14 -14.13
C GLU D 287 -40.35 -19.32 -13.65
N MET D 288 -39.20 -19.41 -14.30
CA MET D 288 -38.00 -18.67 -13.91
C MET D 288 -37.74 -17.45 -14.78
N VAL D 289 -37.64 -17.64 -16.10
CA VAL D 289 -37.25 -16.53 -16.97
C VAL D 289 -38.38 -15.51 -17.10
N LYS D 290 -39.57 -15.95 -17.49
CA LYS D 290 -40.65 -15.01 -17.80
C LYS D 290 -40.94 -14.02 -16.67
N PRO D 291 -41.07 -14.43 -15.39
CA PRO D 291 -41.33 -13.43 -14.35
C PRO D 291 -40.14 -12.50 -14.11
N SER D 292 -38.92 -12.98 -14.30
CA SER D 292 -37.76 -12.11 -14.19
C SER D 292 -37.75 -11.06 -15.30
N ILE D 293 -38.14 -11.46 -16.52
CA ILE D 293 -38.35 -10.51 -17.61
C ILE D 293 -39.41 -9.49 -17.22
N ASP D 294 -40.51 -9.95 -16.61
CA ASP D 294 -41.55 -9.03 -16.17
C ASP D 294 -41.02 -8.08 -15.10
N TYR D 295 -40.19 -8.57 -14.18
CA TYR D 295 -39.61 -7.71 -13.16
C TYR D 295 -38.72 -6.63 -13.78
N VAL D 296 -38.04 -6.92 -14.89
CA VAL D 296 -37.24 -5.90 -15.56
C VAL D 296 -38.15 -4.87 -16.25
N ARG D 297 -39.26 -5.32 -16.83
CA ARG D 297 -40.18 -4.40 -17.50
C ARG D 297 -40.69 -3.33 -16.55
N HIS D 298 -40.91 -3.69 -15.29
CA HIS D 298 -41.49 -2.76 -14.33
C HIS D 298 -40.46 -1.83 -13.72
N LYS D 299 -39.21 -1.89 -14.15
CA LYS D 299 -38.20 -0.92 -13.77
C LYS D 299 -38.01 0.17 -14.83
N LYS D 300 -38.65 0.07 -15.98
CA LYS D 300 -38.45 1.07 -17.01
C LYS D 300 -38.92 2.44 -16.52
N PHE D 301 -38.35 3.49 -17.11
CA PHE D 301 -38.68 4.86 -16.77
C PHE D 301 -40.04 5.26 -17.34
N ARG D 302 -40.53 6.41 -16.87
CA ARG D 302 -41.71 6.99 -17.50
C ARG D 302 -41.40 7.36 -18.95
N SER D 303 -40.20 7.84 -19.22
CA SER D 303 -39.81 8.17 -20.60
C SER D 303 -39.73 6.95 -21.51
N GLY D 304 -39.95 5.74 -21.02
CA GLY D 304 -39.88 4.56 -21.86
C GLY D 304 -38.49 3.97 -22.02
N ASN D 305 -37.45 4.64 -21.53
CA ASN D 305 -36.11 4.08 -21.52
C ASN D 305 -35.92 3.14 -20.32
N TYR D 306 -34.74 2.51 -20.24
CA TYR D 306 -34.47 1.57 -19.16
C TYR D 306 -33.27 2.00 -18.34
N PRO D 307 -33.33 1.86 -17.02
CA PRO D 307 -32.17 2.18 -16.18
C PRO D 307 -31.01 1.24 -16.48
N SER D 308 -29.80 1.79 -16.35
CA SER D 308 -28.62 0.96 -16.54
C SER D 308 -28.49 -0.08 -15.42
N SER D 309 -28.94 0.24 -14.21
CA SER D 309 -28.95 -0.73 -13.13
C SER D 309 -30.17 -0.47 -12.27
N LEU D 310 -30.57 -1.48 -11.50
CA LEU D 310 -31.58 -1.29 -10.49
C LEU D 310 -31.16 -0.21 -9.52
N SER D 311 -29.85 -0.04 -9.34
CA SER D 311 -29.25 0.84 -8.35
C SER D 311 -29.05 2.26 -8.89
N ASN D 312 -29.93 2.72 -9.78
CA ASN D 312 -29.67 3.93 -10.57
C ASN D 312 -31.00 4.50 -11.06
N GLU D 313 -31.16 5.81 -10.94
CA GLU D 313 -32.39 6.46 -11.38
C GLU D 313 -32.21 7.45 -12.51
N THR D 314 -30.98 7.79 -12.88
CA THR D 314 -30.77 8.77 -13.93
C THR D 314 -31.00 8.14 -15.31
N ASP D 315 -31.69 8.88 -16.17
CA ASP D 315 -32.05 8.43 -17.52
C ASP D 315 -31.16 9.15 -18.53
N ARG D 316 -30.02 8.56 -18.84
CA ARG D 316 -29.15 9.18 -19.83
C ARG D 316 -28.65 8.25 -20.94
N LEU D 317 -28.62 6.93 -20.72
CA LEU D 317 -27.94 6.00 -21.63
C LEU D 317 -28.96 5.32 -22.53
N VAL D 318 -28.84 5.55 -23.82
CA VAL D 318 -29.66 4.90 -24.83
C VAL D 318 -28.69 4.15 -25.74
N HIS D 319 -28.18 3.03 -25.25
CA HIS D 319 -27.14 2.25 -25.90
C HIS D 319 -27.59 0.81 -26.02
N TRP D 320 -26.90 0.05 -26.88
CA TRP D 320 -27.08 -1.40 -26.81
C TRP D 320 -26.61 -1.94 -25.46
N CYS D 321 -25.44 -1.48 -24.99
CA CYS D 321 -24.92 -2.00 -23.73
C CYS D 321 -25.80 -1.59 -22.55
N HIS D 322 -26.41 -0.40 -22.60
CA HIS D 322 -27.24 0.08 -21.50
C HIS D 322 -28.43 0.86 -22.06
N GLY D 323 -29.64 0.35 -21.87
CA GLY D 323 -30.82 1.11 -22.22
C GLY D 323 -31.68 0.37 -23.24
N ALA D 324 -32.70 1.08 -23.72
CA ALA D 324 -33.70 0.48 -24.61
C ALA D 324 -33.13 -0.24 -25.82
N PRO D 325 -32.09 0.28 -26.52
CA PRO D 325 -31.59 -0.45 -27.70
C PRO D 325 -31.05 -1.84 -27.42
N GLY D 326 -30.84 -2.20 -26.16
CA GLY D 326 -30.48 -3.57 -25.83
C GLY D 326 -31.65 -4.32 -25.21
N VAL D 327 -32.43 -3.61 -24.37
CA VAL D 327 -33.56 -4.25 -23.70
C VAL D 327 -34.61 -4.66 -24.71
N ILE D 328 -34.84 -3.84 -25.74
CA ILE D 328 -35.80 -4.16 -26.79
C ILE D 328 -35.60 -5.58 -27.32
N HIS D 329 -34.35 -6.06 -27.38
CA HIS D 329 -34.16 -7.44 -27.82
C HIS D 329 -34.72 -8.45 -26.83
N MET D 330 -34.63 -8.19 -25.53
CA MET D 330 -35.27 -9.08 -24.56
C MET D 330 -36.77 -9.17 -24.80
N LEU D 331 -37.43 -8.01 -24.91
CA LEU D 331 -38.86 -7.98 -25.21
C LEU D 331 -39.15 -8.71 -26.51
N MET D 332 -38.43 -8.37 -27.58
CA MET D 332 -38.69 -8.98 -28.88
C MET D 332 -38.59 -10.49 -28.80
N GLN D 333 -37.47 -10.99 -28.26
CA GLN D 333 -37.33 -12.42 -28.04
C GLN D 333 -38.43 -12.96 -27.14
N ALA D 334 -38.86 -12.18 -26.15
CA ALA D 334 -39.91 -12.65 -25.24
C ALA D 334 -41.24 -12.83 -25.97
N TYR D 335 -41.55 -11.92 -26.90
CA TYR D 335 -42.73 -12.10 -27.76
C TYR D 335 -42.62 -13.39 -28.57
N LYS D 336 -41.47 -13.63 -29.20
CA LYS D 336 -41.23 -14.87 -29.93
C LYS D 336 -41.55 -16.12 -29.09
N VAL D 337 -41.09 -16.13 -27.85
CA VAL D 337 -41.15 -17.35 -27.04
C VAL D 337 -42.49 -17.50 -26.33
N PHE D 338 -43.01 -16.44 -25.71
CA PHE D 338 -44.23 -16.56 -24.92
C PHE D 338 -45.48 -16.14 -25.67
N LYS D 339 -45.32 -15.47 -26.83
CA LYS D 339 -46.43 -15.19 -27.75
C LYS D 339 -47.50 -14.31 -27.12
N GLU D 340 -47.11 -13.36 -26.27
CA GLU D 340 -48.04 -12.46 -25.61
C GLU D 340 -47.83 -11.05 -26.11
N GLU D 341 -48.94 -10.41 -26.53
CA GLU D 341 -48.86 -9.16 -27.26
C GLU D 341 -48.15 -8.06 -26.47
N LYS D 342 -48.27 -8.06 -25.13
CA LYS D 342 -47.70 -6.96 -24.35
C LYS D 342 -46.19 -6.82 -24.55
N TYR D 343 -45.50 -7.91 -24.90
CA TYR D 343 -44.06 -7.83 -25.18
C TYR D 343 -43.80 -7.12 -26.51
N LEU D 344 -44.63 -7.40 -27.51
CA LEU D 344 -44.51 -6.68 -28.78
C LEU D 344 -44.89 -5.21 -28.64
N LYS D 345 -45.95 -4.90 -27.91
CA LYS D 345 -46.33 -3.51 -27.73
C LYS D 345 -45.22 -2.73 -27.04
N GLU D 346 -44.60 -3.33 -26.01
CA GLU D 346 -43.51 -2.64 -25.31
C GLU D 346 -42.27 -2.55 -26.18
N ALA D 347 -42.02 -3.56 -27.02
CA ALA D 347 -40.92 -3.48 -27.98
C ALA D 347 -41.15 -2.34 -28.96
N MET D 348 -42.39 -2.18 -29.43
CA MET D 348 -42.74 -1.03 -30.24
C MET D 348 -42.54 0.28 -29.47
N GLU D 349 -42.85 0.28 -28.16
CA GLU D 349 -42.58 1.46 -27.35
C GLU D 349 -41.07 1.75 -27.29
N CYS D 350 -40.26 0.70 -27.13
CA CYS D 350 -38.81 0.92 -27.13
C CYS D 350 -38.36 1.55 -28.43
N SER D 351 -38.88 1.04 -29.55
CA SER D 351 -38.54 1.59 -30.86
C SER D 351 -38.66 3.10 -30.88
N ASP D 352 -39.77 3.62 -30.35
CA ASP D 352 -40.03 5.06 -30.43
C ASP D 352 -39.00 5.83 -29.61
N VAL D 353 -38.65 5.32 -28.42
CA VAL D 353 -37.56 5.90 -27.64
C VAL D 353 -36.28 5.95 -28.45
N ILE D 354 -35.98 4.87 -29.16
CA ILE D 354 -34.74 4.82 -29.93
C ILE D 354 -34.81 5.75 -31.13
N TRP D 355 -35.95 5.75 -31.83
CA TRP D 355 -36.13 6.66 -32.95
C TRP D 355 -35.89 8.10 -32.51
N GLN D 356 -36.38 8.46 -31.34
CA GLN D 356 -36.18 9.83 -30.86
C GLN D 356 -34.76 10.03 -30.34
N ARG D 357 -34.23 9.09 -29.57
CA ARG D 357 -33.02 9.37 -28.79
C ARG D 357 -31.81 8.56 -29.22
N GLY D 358 -31.86 7.87 -30.35
CA GLY D 358 -30.81 6.95 -30.67
C GLY D 358 -29.69 7.41 -31.58
N LEU D 359 -29.74 8.64 -32.12
CA LEU D 359 -28.63 9.13 -32.94
C LEU D 359 -27.62 9.76 -31.98
N LEU D 360 -26.54 9.04 -31.70
CA LEU D 360 -25.71 9.33 -30.55
C LEU D 360 -24.50 10.19 -30.89
N ARG D 361 -24.19 11.11 -29.99
CA ARG D 361 -22.94 11.85 -30.09
C ARG D 361 -21.74 10.95 -29.86
N LYS D 362 -21.90 9.92 -29.01
CA LYS D 362 -20.87 8.90 -28.80
C LYS D 362 -20.26 8.47 -30.12
N GLY D 363 -21.10 8.32 -31.15
CA GLY D 363 -20.63 7.89 -32.45
C GLY D 363 -21.53 6.90 -33.16
N TYR D 364 -20.94 6.14 -34.08
CA TYR D 364 -21.68 5.25 -34.96
C TYR D 364 -21.56 3.78 -34.56
N GLY D 365 -21.06 3.48 -33.37
CA GLY D 365 -20.69 2.12 -33.04
C GLY D 365 -21.87 1.19 -32.81
N ILE D 366 -21.53 -0.09 -32.57
CA ILE D 366 -22.52 -1.12 -32.31
C ILE D 366 -22.90 -1.13 -30.83
N CYS D 367 -21.91 -1.03 -29.95
CA CYS D 367 -22.12 -1.16 -28.51
C CYS D 367 -22.87 0.03 -27.95
N HIS D 368 -22.41 1.25 -28.27
CA HIS D 368 -23.04 2.49 -27.80
C HIS D 368 -22.98 3.47 -28.98
N GLY D 369 -23.88 3.29 -29.94
CA GLY D 369 -23.82 4.10 -31.14
C GLY D 369 -24.98 3.87 -32.07
N THR D 370 -24.99 4.67 -33.14
CA THR D 370 -26.12 4.73 -34.06
C THR D 370 -26.32 3.40 -34.78
N ALA D 371 -25.23 2.75 -35.23
CA ALA D 371 -25.37 1.49 -35.96
C ALA D 371 -25.95 0.38 -35.08
N GLY D 372 -25.50 0.29 -33.82
CA GLY D 372 -26.10 -0.68 -32.92
C GLY D 372 -27.56 -0.36 -32.61
N ASN D 373 -27.87 0.94 -32.45
CA ASN D 373 -29.25 1.33 -32.25
C ASN D 373 -30.07 1.13 -33.52
N GLY D 374 -29.45 1.30 -34.68
CA GLY D 374 -30.15 1.07 -35.93
C GLY D 374 -30.60 -0.36 -36.11
N TYR D 375 -29.81 -1.32 -35.59
CA TYR D 375 -30.17 -2.73 -35.68
C TYR D 375 -31.49 -3.02 -34.98
N SER D 376 -31.84 -2.26 -33.95
CA SER D 376 -33.10 -2.53 -33.25
C SER D 376 -34.29 -2.41 -34.20
N PHE D 377 -34.19 -1.54 -35.22
CA PHE D 377 -35.24 -1.39 -36.20
C PHE D 377 -35.27 -2.56 -37.19
N LEU D 378 -34.10 -3.00 -37.67
CA LEU D 378 -34.06 -4.18 -38.53
C LEU D 378 -34.67 -5.39 -37.84
N SER D 379 -34.33 -5.62 -36.57
CA SER D 379 -34.86 -6.78 -35.86
C SER D 379 -36.37 -6.66 -35.67
N LEU D 380 -36.88 -5.46 -35.40
CA LEU D 380 -38.32 -5.32 -35.23
C LEU D 380 -39.06 -5.46 -36.55
N TYR D 381 -38.43 -5.04 -37.66
CA TYR D 381 -39.04 -5.21 -38.97
C TYR D 381 -39.17 -6.68 -39.34
N ARG D 382 -38.11 -7.47 -39.12
CA ARG D 382 -38.24 -8.91 -39.33
C ARG D 382 -39.35 -9.49 -38.46
N LEU D 383 -39.48 -8.99 -37.24
CA LEU D 383 -40.49 -9.53 -36.33
C LEU D 383 -41.90 -9.17 -36.75
N THR D 384 -42.13 -7.92 -37.15
CA THR D 384 -43.48 -7.43 -37.41
C THR D 384 -43.84 -7.38 -38.89
N GLN D 385 -42.85 -7.28 -39.78
CA GLN D 385 -43.05 -7.00 -41.20
C GLN D 385 -43.72 -5.64 -41.42
N ASP D 386 -43.48 -4.71 -40.50
CA ASP D 386 -43.99 -3.34 -40.62
C ASP D 386 -42.87 -2.45 -41.14
N LYS D 387 -43.06 -1.92 -42.35
CA LYS D 387 -42.06 -1.08 -43.01
C LYS D 387 -41.79 0.24 -42.29
N LYS D 388 -42.58 0.61 -41.27
CA LYS D 388 -42.18 1.74 -40.43
C LYS D 388 -40.80 1.51 -39.82
N TYR D 389 -40.49 0.27 -39.47
CA TYR D 389 -39.20 0.01 -38.83
C TYR D 389 -38.11 -0.18 -39.87
N LEU D 390 -38.45 -0.70 -41.04
CA LEU D 390 -37.48 -0.65 -42.13
C LEU D 390 -37.09 0.80 -42.43
N TYR D 391 -38.08 1.68 -42.55
CA TYR D 391 -37.80 3.10 -42.77
C TYR D 391 -36.82 3.62 -41.73
N ARG D 392 -37.18 3.50 -40.46
CA ARG D 392 -36.29 3.94 -39.38
C ARG D 392 -34.88 3.35 -39.50
N ALA D 393 -34.77 2.10 -39.93
CA ALA D 393 -33.45 1.50 -40.15
C ALA D 393 -32.70 2.21 -41.27
N CYS D 394 -33.34 2.40 -42.43
CA CYS D 394 -32.65 3.09 -43.52
C CYS D 394 -32.25 4.52 -43.14
N LYS D 395 -33.05 5.19 -42.30
CA LYS D 395 -32.68 6.55 -41.90
C LYS D 395 -31.46 6.54 -41.00
N PHE D 396 -31.34 5.53 -40.13
CA PHE D 396 -30.10 5.40 -39.37
C PHE D 396 -28.97 4.99 -40.28
N ALA D 397 -29.25 4.16 -41.29
CA ALA D 397 -28.24 3.87 -42.30
C ALA D 397 -27.81 5.14 -43.02
N GLU D 398 -28.78 5.97 -43.43
CA GLU D 398 -28.49 7.24 -44.09
C GLU D 398 -27.56 8.10 -43.23
N TRP D 399 -27.81 8.14 -41.91
CA TRP D 399 -26.92 8.88 -41.01
C TRP D 399 -25.52 8.27 -41.01
N CYS D 400 -25.41 6.95 -41.06
CA CYS D 400 -24.08 6.34 -41.00
C CYS D 400 -23.29 6.59 -42.27
N LEU D 401 -23.97 6.94 -43.36
CA LEU D 401 -23.29 7.30 -44.60
C LEU D 401 -22.61 8.67 -44.53
N ASP D 402 -22.93 9.50 -43.54
CA ASP D 402 -22.19 10.72 -43.25
C ASP D 402 -21.12 10.51 -42.20
N TYR D 403 -20.75 9.25 -41.94
CA TYR D 403 -19.72 8.84 -41.00
C TYR D 403 -18.60 9.87 -40.87
N GLY D 404 -18.48 10.48 -39.69
CA GLY D 404 -17.41 11.42 -39.42
C GLY D 404 -17.72 12.88 -39.70
N ALA D 405 -18.94 13.18 -40.18
CA ALA D 405 -19.32 14.53 -40.57
C ALA D 405 -20.36 15.13 -39.63
N HIS D 406 -20.34 14.74 -38.36
CA HIS D 406 -21.27 15.31 -37.39
C HIS D 406 -20.60 15.89 -36.17
N GLY D 407 -19.28 15.90 -36.11
CA GLY D 407 -18.62 16.32 -34.88
C GLY D 407 -18.58 15.27 -33.80
N CYS D 408 -18.80 14.00 -34.16
CA CYS D 408 -18.84 12.93 -33.18
C CYS D 408 -17.47 12.76 -32.51
N ARG D 409 -17.51 12.31 -31.25
CA ARG D 409 -16.30 11.86 -30.58
C ARG D 409 -15.71 10.65 -31.31
N ILE D 410 -14.38 10.55 -31.30
CA ILE D 410 -13.67 9.43 -31.91
C ILE D 410 -13.50 8.35 -30.86
N PRO D 411 -13.83 7.08 -31.17
CA PRO D 411 -13.71 6.01 -30.18
C PRO D 411 -12.26 5.53 -30.03
N ASP D 412 -12.02 4.86 -28.89
CA ASP D 412 -10.67 4.37 -28.58
C ASP D 412 -10.16 3.39 -29.62
N ARG D 413 -11.04 2.51 -30.12
CA ARG D 413 -10.68 1.52 -31.13
C ARG D 413 -11.53 1.84 -32.37
N PRO D 414 -11.15 2.87 -33.13
CA PRO D 414 -12.08 3.45 -34.11
C PRO D 414 -12.44 2.53 -35.28
N TYR D 415 -11.68 1.47 -35.51
CA TYR D 415 -11.89 0.60 -36.66
C TYR D 415 -12.54 -0.73 -36.27
N SER D 416 -12.86 -0.92 -35.01
CA SER D 416 -13.22 -2.21 -34.43
C SER D 416 -14.69 -2.57 -34.70
N LEU D 417 -15.07 -3.79 -34.31
CA LEU D 417 -16.42 -4.24 -34.60
C LEU D 417 -17.44 -3.55 -33.68
N PHE D 418 -17.19 -3.56 -32.37
CA PHE D 418 -18.19 -3.03 -31.46
C PHE D 418 -17.95 -1.58 -31.09
N GLU D 419 -16.75 -1.05 -31.30
CA GLU D 419 -16.53 0.35 -30.99
C GLU D 419 -16.47 1.25 -32.23
N GLY D 420 -16.08 0.73 -33.38
CA GLY D 420 -15.89 1.63 -34.50
C GLY D 420 -16.37 1.12 -35.84
N MET D 421 -15.51 1.27 -36.86
CA MET D 421 -15.94 1.27 -38.26
C MET D 421 -16.53 -0.06 -38.68
N ALA D 422 -15.95 -1.18 -38.23
CA ALA D 422 -16.42 -2.47 -38.70
C ALA D 422 -17.88 -2.69 -38.32
N GLY D 423 -18.32 -2.08 -37.21
CA GLY D 423 -19.70 -2.21 -36.81
C GLY D 423 -20.64 -1.43 -37.71
N ALA D 424 -20.20 -0.25 -38.16
CA ALA D 424 -20.99 0.54 -39.11
C ALA D 424 -21.14 -0.19 -40.44
N ILE D 425 -20.02 -0.72 -40.95
CA ILE D 425 -20.01 -1.52 -42.18
C ILE D 425 -20.93 -2.74 -42.04
N HIS D 426 -20.79 -3.47 -40.94
CA HIS D 426 -21.63 -4.63 -40.68
C HIS D 426 -23.10 -4.25 -40.78
N PHE D 427 -23.51 -3.21 -40.06
CA PHE D 427 -24.88 -2.73 -40.11
C PHE D 427 -25.29 -2.36 -41.54
N LEU D 428 -24.48 -1.53 -42.22
CA LEU D 428 -24.81 -1.11 -43.59
C LEU D 428 -24.91 -2.29 -44.55
N SER D 429 -24.09 -3.32 -44.37
CA SER D 429 -24.19 -4.48 -45.25
C SER D 429 -25.48 -5.27 -45.01
N ASP D 430 -26.04 -5.17 -43.80
CA ASP D 430 -27.28 -5.85 -43.48
C ASP D 430 -28.50 -5.05 -43.94
N VAL D 431 -28.40 -3.72 -44.02
CA VAL D 431 -29.52 -2.91 -44.48
C VAL D 431 -29.83 -3.21 -45.94
N LEU D 432 -28.79 -3.49 -46.74
CA LEU D 432 -28.99 -3.99 -48.11
C LEU D 432 -29.95 -5.17 -48.15
N GLY D 433 -29.91 -6.03 -47.14
CA GLY D 433 -30.77 -7.20 -47.09
C GLY D 433 -31.44 -7.32 -45.74
N PRO D 434 -32.53 -6.57 -45.55
CA PRO D 434 -33.15 -6.49 -44.22
C PRO D 434 -33.77 -7.79 -43.73
N GLU D 435 -34.31 -8.60 -44.64
CA GLU D 435 -34.92 -9.86 -44.24
C GLU D 435 -33.89 -10.85 -43.71
N THR D 436 -32.59 -10.56 -43.87
CA THR D 436 -31.53 -11.49 -43.50
C THR D 436 -30.54 -10.86 -42.52
N SER D 437 -30.91 -9.76 -41.87
CA SER D 437 -30.02 -9.02 -40.97
C SER D 437 -29.71 -9.80 -39.70
N ARG D 438 -28.53 -9.54 -39.13
CA ARG D 438 -28.12 -10.18 -37.88
C ARG D 438 -27.25 -9.24 -37.06
N PHE D 439 -27.70 -8.92 -35.85
CA PHE D 439 -26.89 -8.17 -34.92
C PHE D 439 -25.65 -8.99 -34.59
N PRO D 440 -24.44 -8.48 -34.81
CA PRO D 440 -23.25 -9.31 -34.63
C PRO D 440 -23.04 -9.71 -33.18
N ALA D 441 -22.67 -10.98 -32.97
CA ALA D 441 -22.30 -11.49 -31.64
C ALA D 441 -23.44 -11.32 -30.64
N PHE D 442 -24.68 -11.55 -31.09
CA PHE D 442 -25.81 -11.34 -30.21
C PHE D 442 -27.01 -12.10 -30.73
N GLU D 443 -27.42 -11.79 -31.96
CA GLU D 443 -28.40 -12.58 -32.68
C GLU D 443 -27.73 -13.81 -33.28
N LEU D 444 -28.54 -14.81 -33.60
CA LEU D 444 -28.03 -16.06 -34.11
C LEU D 444 -28.73 -16.46 -35.41
ZN ZN E . 11.36 25.47 19.79
ZN ZN F . -20.83 -18.70 25.02
ZN ZN G . 30.17 -6.82 -19.12
ZN ZN H . -21.12 0.17 -24.74
#